data_2XNQ
# 
_entry.id   2XNQ 
# 
_audit_conform.dict_name       mmcif_pdbx.dic 
_audit_conform.dict_version    5.398 
_audit_conform.dict_location   http://mmcif.pdb.org/dictionaries/ascii/mmcif_pdbx.dic 
# 
loop_
_database_2.database_id 
_database_2.database_code 
_database_2.pdbx_database_accession 
_database_2.pdbx_DOI 
PDB   2XNQ         pdb_00002xnq 10.2210/pdb2xnq/pdb 
PDBE  EBI-44974    ?            ?                   
WWPDB D_1290044974 ?            ?                   
# 
loop_
_pdbx_audit_revision_history.ordinal 
_pdbx_audit_revision_history.data_content_type 
_pdbx_audit_revision_history.major_revision 
_pdbx_audit_revision_history.minor_revision 
_pdbx_audit_revision_history.revision_date 
1 'Structure model' 1 0 2010-09-08 
2 'Structure model' 1 1 2011-05-08 
3 'Structure model' 1 2 2011-07-13 
4 'Structure model' 1 3 2023-12-20 
5 'Structure model' 1 4 2024-11-13 
# 
_pdbx_audit_revision_details.ordinal             1 
_pdbx_audit_revision_details.revision_ordinal    1 
_pdbx_audit_revision_details.data_content_type   'Structure model' 
_pdbx_audit_revision_details.provider            repository 
_pdbx_audit_revision_details.type                'Initial release' 
_pdbx_audit_revision_details.description         ? 
_pdbx_audit_revision_details.details             ? 
# 
loop_
_pdbx_audit_revision_group.ordinal 
_pdbx_audit_revision_group.revision_ordinal 
_pdbx_audit_revision_group.data_content_type 
_pdbx_audit_revision_group.group 
1 2 'Structure model' 'Version format compliance' 
2 3 'Structure model' 'Version format compliance' 
3 4 'Structure model' 'Data collection'           
4 4 'Structure model' 'Database references'       
5 4 'Structure model' 'Derived calculations'      
6 4 'Structure model' Other                       
7 4 'Structure model' 'Refinement description'    
8 5 'Structure model' 'Structure summary'         
# 
loop_
_pdbx_audit_revision_category.ordinal 
_pdbx_audit_revision_category.revision_ordinal 
_pdbx_audit_revision_category.data_content_type 
_pdbx_audit_revision_category.category 
1 4 'Structure model' chem_comp_atom                
2 4 'Structure model' chem_comp_bond                
3 4 'Structure model' database_2                    
4 4 'Structure model' pdbx_database_status          
5 4 'Structure model' pdbx_initial_refinement_model 
6 4 'Structure model' struct_conn                   
7 4 'Structure model' struct_site                   
8 5 'Structure model' pdbx_entry_details            
9 5 'Structure model' pdbx_modification_feature     
# 
loop_
_pdbx_audit_revision_item.ordinal 
_pdbx_audit_revision_item.revision_ordinal 
_pdbx_audit_revision_item.data_content_type 
_pdbx_audit_revision_item.item 
1 4 'Structure model' '_database_2.pdbx_DOI'                         
2 4 'Structure model' '_database_2.pdbx_database_accession'          
3 4 'Structure model' '_pdbx_database_status.status_code_sf'         
4 4 'Structure model' '_struct_conn.pdbx_leaving_atom_flag'          
5 4 'Structure model' '_struct_site.pdbx_auth_asym_id'               
6 4 'Structure model' '_struct_site.pdbx_auth_comp_id'               
7 4 'Structure model' '_struct_site.pdbx_auth_seq_id'                
8 5 'Structure model' '_pdbx_entry_details.has_protein_modification' 
# 
_pdbx_database_status.status_code                     REL 
_pdbx_database_status.entry_id                        2XNQ 
_pdbx_database_status.deposit_site                    PDBE 
_pdbx_database_status.process_site                    PDBE 
_pdbx_database_status.SG_entry                        . 
_pdbx_database_status.recvd_initial_deposition_date   2010-08-05 
_pdbx_database_status.pdb_format_compatible           Y 
_pdbx_database_status.status_code_sf                  REL 
_pdbx_database_status.status_code_mr                  ? 
_pdbx_database_status.status_code_cs                  ? 
_pdbx_database_status.methods_development_category    ? 
_pdbx_database_status.status_code_nmr_data            ? 
# 
_pdbx_database_related.db_name        PDB 
_pdbx_database_related.db_id          2XNR 
_pdbx_database_related.content_type   unspecified 
_pdbx_database_related.details        'STRUCTURAL INSIGHTS INTO CIS ELEMENT RECOGNITION OF NON-POLYADENYLATED RNAS BY THE NAB3-RRM' 
# 
loop_
_audit_author.name 
_audit_author.pdbx_ordinal 
'Lunde, B.M.'  1 
'Horner, M.'   2 
'Meinhart, A.' 3 
# 
_citation.id                        primary 
_citation.title                     'Structural Insights Into Cis Element Recognition of Non-Polyadenylated Rnas by the Nab3-Rrm.' 
_citation.journal_abbrev            'Nucleic Acids Res.' 
_citation.journal_volume            39 
_citation.page_first                337 
_citation.page_last                 ? 
_citation.year                      2011 
_citation.journal_id_ASTM           NARHAD 
_citation.country                   UK 
_citation.journal_id_ISSN           0305-1048 
_citation.journal_id_CSD            0389 
_citation.book_publisher            ? 
_citation.pdbx_database_id_PubMed   20805243 
_citation.pdbx_database_id_DOI      10.1093/NAR/GKQ751 
# 
loop_
_citation_author.citation_id 
_citation_author.name 
_citation_author.ordinal 
_citation_author.identifier_ORCID 
primary 'Lunde, B.M.'  1 ? 
primary 'Horner, M.'   2 ? 
primary 'Meinhart, A.' 3 ? 
# 
loop_
_entity.id 
_entity.type 
_entity.src_method 
_entity.pdbx_description 
_entity.formula_weight 
_entity.pdbx_number_of_molecules 
_entity.pdbx_ec 
_entity.pdbx_mutation 
_entity.pdbx_fragment 
_entity.details 
1 polymer     man 'NUCLEAR POLYADENYLATED RNA-BINDING PROTEIN 3' 11154.556 1  ? ? 'RNA RECOGNITION MOTIF, RESIDUES 329-404' ? 
2 non-polymer syn 'ACETATE ION'                                  59.044    1  ? ? ?                                         ? 
3 water       nat water                                          18.015    76 ? ? ?                                         ? 
# 
_entity_poly.entity_id                      1 
_entity_poly.type                           'polypeptide(L)' 
_entity_poly.nstd_linkage                   no 
_entity_poly.nstd_monomer                   yes 
_entity_poly.pdbx_seq_one_letter_code       
;MGSSHHHHHHSSGLVPRGSHMKSRLFIGNLPLKNVSKEDLFRIFSPYGHIMQINIKNAFGFIQFDNPQSVRDAIE(CAF)
ESQEMNFGKKLILEVSSSNAR
;
_entity_poly.pdbx_seq_one_letter_code_can   
;MGSSHHHHHHSSGLVPRGSHMKSRLFIGNLPLKNVSKEDLFRIFSPYGHIMQINIKNAFGFIQFDNPQSVRDAIECESQE
MNFGKKLILEVSSSNAR
;
_entity_poly.pdbx_strand_id                 A 
_entity_poly.pdbx_target_identifier         ? 
# 
loop_
_pdbx_entity_nonpoly.entity_id 
_pdbx_entity_nonpoly.name 
_pdbx_entity_nonpoly.comp_id 
2 'ACETATE ION' ACT 
3 water         HOH 
# 
loop_
_entity_poly_seq.entity_id 
_entity_poly_seq.num 
_entity_poly_seq.mon_id 
_entity_poly_seq.hetero 
1 1  MET n 
1 2  GLY n 
1 3  SER n 
1 4  SER n 
1 5  HIS n 
1 6  HIS n 
1 7  HIS n 
1 8  HIS n 
1 9  HIS n 
1 10 HIS n 
1 11 SER n 
1 12 SER n 
1 13 GLY n 
1 14 LEU n 
1 15 VAL n 
1 16 PRO n 
1 17 ARG n 
1 18 GLY n 
1 19 SER n 
1 20 HIS n 
1 21 MET n 
1 22 LYS n 
1 23 SER n 
1 24 ARG n 
1 25 LEU n 
1 26 PHE n 
1 27 ILE n 
1 28 GLY n 
1 29 ASN n 
1 30 LEU n 
1 31 PRO n 
1 32 LEU n 
1 33 LYS n 
1 34 ASN n 
1 35 VAL n 
1 36 SER n 
1 37 LYS n 
1 38 GLU n 
1 39 ASP n 
1 40 LEU n 
1 41 PHE n 
1 42 ARG n 
1 43 ILE n 
1 44 PHE n 
1 45 SER n 
1 46 PRO n 
1 47 TYR n 
1 48 GLY n 
1 49 HIS n 
1 50 ILE n 
1 51 MET n 
1 52 GLN n 
1 53 ILE n 
1 54 ASN n 
1 55 ILE n 
1 56 LYS n 
1 57 ASN n 
1 58 ALA n 
1 59 PHE n 
1 60 GLY n 
1 61 PHE n 
1 62 ILE n 
1 63 GLN n 
1 64 PHE n 
1 65 ASP n 
1 66 ASN n 
1 67 PRO n 
1 68 GLN n 
1 69 SER n 
1 70 VAL n 
1 71 ARG n 
1 72 ASP n 
1 73 ALA n 
1 74 ILE n 
1 75 GLU n 
1 76 CAF n 
1 77 GLU n 
1 78 SER n 
1 79 GLN n 
1 80 GLU n 
1 81 MET n 
1 82 ASN n 
1 83 PHE n 
1 84 GLY n 
1 85 LYS n 
1 86 LYS n 
1 87 LEU n 
1 88 ILE n 
1 89 LEU n 
1 90 GLU n 
1 91 VAL n 
1 92 SER n 
1 93 SER n 
1 94 SER n 
1 95 ASN n 
1 96 ALA n 
1 97 ARG n 
# 
_entity_src_gen.entity_id                          1 
_entity_src_gen.pdbx_src_id                        1 
_entity_src_gen.pdbx_alt_source_flag               sample 
_entity_src_gen.pdbx_seq_type                      ? 
_entity_src_gen.pdbx_beg_seq_num                   ? 
_entity_src_gen.pdbx_end_seq_num                   ? 
_entity_src_gen.gene_src_common_name               
;BAKER'S YEAST
;
_entity_src_gen.gene_src_genus                     ? 
_entity_src_gen.pdbx_gene_src_gene                 ? 
_entity_src_gen.gene_src_species                   ? 
_entity_src_gen.gene_src_strain                    ? 
_entity_src_gen.gene_src_tissue                    ? 
_entity_src_gen.gene_src_tissue_fraction           ? 
_entity_src_gen.gene_src_details                   ? 
_entity_src_gen.pdbx_gene_src_fragment             ? 
_entity_src_gen.pdbx_gene_src_scientific_name      'SACCHAROMYCES CEREVISIAE' 
_entity_src_gen.pdbx_gene_src_ncbi_taxonomy_id     4932 
_entity_src_gen.pdbx_gene_src_variant              ? 
_entity_src_gen.pdbx_gene_src_cell_line            ? 
_entity_src_gen.pdbx_gene_src_atcc                 ? 
_entity_src_gen.pdbx_gene_src_organ                ? 
_entity_src_gen.pdbx_gene_src_organelle            ? 
_entity_src_gen.pdbx_gene_src_cell                 ? 
_entity_src_gen.pdbx_gene_src_cellular_location    ? 
_entity_src_gen.host_org_common_name               ? 
_entity_src_gen.pdbx_host_org_scientific_name      'ESCHERICHIA COLI' 
_entity_src_gen.pdbx_host_org_ncbi_taxonomy_id     469008 
_entity_src_gen.host_org_genus                     ? 
_entity_src_gen.pdbx_host_org_gene                 ? 
_entity_src_gen.pdbx_host_org_organ                ? 
_entity_src_gen.host_org_species                   ? 
_entity_src_gen.pdbx_host_org_tissue               ? 
_entity_src_gen.pdbx_host_org_tissue_fraction      ? 
_entity_src_gen.pdbx_host_org_strain               'BL21(DE3) RIL' 
_entity_src_gen.pdbx_host_org_variant              ? 
_entity_src_gen.pdbx_host_org_cell_line            ? 
_entity_src_gen.pdbx_host_org_atcc                 ? 
_entity_src_gen.pdbx_host_org_culture_collection   ? 
_entity_src_gen.pdbx_host_org_cell                 ? 
_entity_src_gen.pdbx_host_org_organelle            ? 
_entity_src_gen.pdbx_host_org_cellular_location    ? 
_entity_src_gen.pdbx_host_org_vector_type          PLASMID 
_entity_src_gen.pdbx_host_org_vector               ? 
_entity_src_gen.host_org_details                   ? 
_entity_src_gen.expression_system_id               ? 
_entity_src_gen.plasmid_name                       PET28B 
_entity_src_gen.plasmid_details                    ? 
_entity_src_gen.pdbx_description                   ? 
# 
loop_
_chem_comp.id 
_chem_comp.type 
_chem_comp.mon_nstd_flag 
_chem_comp.name 
_chem_comp.pdbx_synonyms 
_chem_comp.formula 
_chem_comp.formula_weight 
ACT non-polymer         . 'ACETATE ION'               ?                         'C2 H3 O2 -1'      59.044  
ALA 'L-peptide linking' y ALANINE                     ?                         'C3 H7 N O2'       89.093  
ARG 'L-peptide linking' y ARGININE                    ?                         'C6 H15 N4 O2 1'   175.209 
ASN 'L-peptide linking' y ASPARAGINE                  ?                         'C4 H8 N2 O3'      132.118 
ASP 'L-peptide linking' y 'ASPARTIC ACID'             ?                         'C4 H7 N O4'       133.103 
CAF 'L-peptide linking' n S-DIMETHYLARSINOYL-CYSTEINE 'CYSTEIN-S-YL CACODYLATE' 'C5 H12 As N O3 S' 241.140 
GLN 'L-peptide linking' y GLUTAMINE                   ?                         'C5 H10 N2 O3'     146.144 
GLU 'L-peptide linking' y 'GLUTAMIC ACID'             ?                         'C5 H9 N O4'       147.129 
GLY 'peptide linking'   y GLYCINE                     ?                         'C2 H5 N O2'       75.067  
HIS 'L-peptide linking' y HISTIDINE                   ?                         'C6 H10 N3 O2 1'   156.162 
HOH non-polymer         . WATER                       ?                         'H2 O'             18.015  
ILE 'L-peptide linking' y ISOLEUCINE                  ?                         'C6 H13 N O2'      131.173 
LEU 'L-peptide linking' y LEUCINE                     ?                         'C6 H13 N O2'      131.173 
LYS 'L-peptide linking' y LYSINE                      ?                         'C6 H15 N2 O2 1'   147.195 
MET 'L-peptide linking' y METHIONINE                  ?                         'C5 H11 N O2 S'    149.211 
PHE 'L-peptide linking' y PHENYLALANINE               ?                         'C9 H11 N O2'      165.189 
PRO 'L-peptide linking' y PROLINE                     ?                         'C5 H9 N O2'       115.130 
SER 'L-peptide linking' y SERINE                      ?                         'C3 H7 N O3'       105.093 
TYR 'L-peptide linking' y TYROSINE                    ?                         'C9 H11 N O3'      181.189 
VAL 'L-peptide linking' y VALINE                      ?                         'C5 H11 N O2'      117.146 
# 
loop_
_pdbx_poly_seq_scheme.asym_id 
_pdbx_poly_seq_scheme.entity_id 
_pdbx_poly_seq_scheme.seq_id 
_pdbx_poly_seq_scheme.mon_id 
_pdbx_poly_seq_scheme.ndb_seq_num 
_pdbx_poly_seq_scheme.pdb_seq_num 
_pdbx_poly_seq_scheme.auth_seq_num 
_pdbx_poly_seq_scheme.pdb_mon_id 
_pdbx_poly_seq_scheme.auth_mon_id 
_pdbx_poly_seq_scheme.pdb_strand_id 
_pdbx_poly_seq_scheme.pdb_ins_code 
_pdbx_poly_seq_scheme.hetero 
A 1 1  MET 1  308 ?   ?   ?   A . n 
A 1 2  GLY 2  309 ?   ?   ?   A . n 
A 1 3  SER 3  310 ?   ?   ?   A . n 
A 1 4  SER 4  311 ?   ?   ?   A . n 
A 1 5  HIS 5  312 ?   ?   ?   A . n 
A 1 6  HIS 6  313 ?   ?   ?   A . n 
A 1 7  HIS 7  314 ?   ?   ?   A . n 
A 1 8  HIS 8  315 ?   ?   ?   A . n 
A 1 9  HIS 9  316 ?   ?   ?   A . n 
A 1 10 HIS 10 317 ?   ?   ?   A . n 
A 1 11 SER 11 318 ?   ?   ?   A . n 
A 1 12 SER 12 319 ?   ?   ?   A . n 
A 1 13 GLY 13 320 ?   ?   ?   A . n 
A 1 14 LEU 14 321 ?   ?   ?   A . n 
A 1 15 VAL 15 322 ?   ?   ?   A . n 
A 1 16 PRO 16 323 ?   ?   ?   A . n 
A 1 17 ARG 17 324 ?   ?   ?   A . n 
A 1 18 GLY 18 325 ?   ?   ?   A . n 
A 1 19 SER 19 326 326 SER SER A . n 
A 1 20 HIS 20 327 327 HIS HIS A . n 
A 1 21 MET 21 328 328 MET MET A . n 
A 1 22 LYS 22 329 329 LYS LYS A . n 
A 1 23 SER 23 330 330 SER SER A . n 
A 1 24 ARG 24 331 331 ARG ARG A . n 
A 1 25 LEU 25 332 332 LEU LEU A . n 
A 1 26 PHE 26 333 333 PHE PHE A . n 
A 1 27 ILE 27 334 334 ILE ILE A . n 
A 1 28 GLY 28 335 335 GLY GLY A . n 
A 1 29 ASN 29 336 336 ASN ASN A . n 
A 1 30 LEU 30 337 337 LEU LEU A . n 
A 1 31 PRO 31 338 338 PRO PRO A . n 
A 1 32 LEU 32 339 339 LEU LEU A . n 
A 1 33 LYS 33 340 340 LYS LYS A . n 
A 1 34 ASN 34 341 341 ASN ASN A . n 
A 1 35 VAL 35 342 342 VAL VAL A . n 
A 1 36 SER 36 343 343 SER SER A . n 
A 1 37 LYS 37 344 344 LYS LYS A . n 
A 1 38 GLU 38 345 345 GLU GLU A . n 
A 1 39 ASP 39 346 346 ASP ASP A . n 
A 1 40 LEU 40 347 347 LEU LEU A . n 
A 1 41 PHE 41 348 348 PHE PHE A . n 
A 1 42 ARG 42 349 349 ARG ARG A . n 
A 1 43 ILE 43 350 350 ILE ILE A . n 
A 1 44 PHE 44 351 351 PHE PHE A . n 
A 1 45 SER 45 352 352 SER SER A . n 
A 1 46 PRO 46 353 353 PRO PRO A . n 
A 1 47 TYR 47 354 354 TYR TYR A . n 
A 1 48 GLY 48 355 355 GLY GLY A . n 
A 1 49 HIS 49 356 356 HIS HIS A . n 
A 1 50 ILE 50 357 357 ILE ILE A . n 
A 1 51 MET 51 358 358 MET MET A . n 
A 1 52 GLN 52 359 359 GLN GLN A . n 
A 1 53 ILE 53 360 360 ILE ILE A . n 
A 1 54 ASN 54 361 361 ASN ASN A . n 
A 1 55 ILE 55 362 362 ILE ILE A . n 
A 1 56 LYS 56 363 363 LYS LYS A . n 
A 1 57 ASN 57 364 364 ASN ASN A . n 
A 1 58 ALA 58 365 365 ALA ALA A . n 
A 1 59 PHE 59 366 366 PHE PHE A . n 
A 1 60 GLY 60 367 367 GLY GLY A . n 
A 1 61 PHE 61 368 368 PHE PHE A . n 
A 1 62 ILE 62 369 369 ILE ILE A . n 
A 1 63 GLN 63 370 370 GLN GLN A . n 
A 1 64 PHE 64 371 371 PHE PHE A . n 
A 1 65 ASP 65 372 372 ASP ASP A . n 
A 1 66 ASN 66 373 373 ASN ASN A . n 
A 1 67 PRO 67 374 374 PRO PRO A . n 
A 1 68 GLN 68 375 375 GLN GLN A . n 
A 1 69 SER 69 376 376 SER SER A . n 
A 1 70 VAL 70 377 377 VAL VAL A . n 
A 1 71 ARG 71 378 378 ARG ARG A . n 
A 1 72 ASP 72 379 379 ASP ASP A . n 
A 1 73 ALA 73 380 380 ALA ALA A . n 
A 1 74 ILE 74 381 381 ILE ILE A . n 
A 1 75 GLU 75 382 382 GLU GLU A . n 
A 1 76 CAF 76 383 383 CAF CAF A . n 
A 1 77 GLU 77 384 384 GLU GLU A . n 
A 1 78 SER 78 385 385 SER SER A . n 
A 1 79 GLN 79 386 386 GLN GLN A . n 
A 1 80 GLU 80 387 387 GLU GLU A . n 
A 1 81 MET 81 388 388 MET MET A . n 
A 1 82 ASN 82 389 389 ASN ASN A . n 
A 1 83 PHE 83 390 390 PHE PHE A . n 
A 1 84 GLY 84 391 391 GLY GLY A . n 
A 1 85 LYS 85 392 392 LYS LYS A . n 
A 1 86 LYS 86 393 393 LYS LYS A . n 
A 1 87 LEU 87 394 394 LEU LEU A . n 
A 1 88 ILE 88 395 395 ILE ILE A . n 
A 1 89 LEU 89 396 396 LEU LEU A . n 
A 1 90 GLU 90 397 397 GLU GLU A . n 
A 1 91 VAL 91 398 398 VAL VAL A . n 
A 1 92 SER 92 399 399 SER SER A . n 
A 1 93 SER 93 400 400 SER SER A . n 
A 1 94 SER 94 401 401 SER SER A . n 
A 1 95 ASN 95 402 402 ASN ASN A . n 
A 1 96 ALA 96 403 403 ALA ALA A . n 
A 1 97 ARG 97 404 404 ARG ARG A . n 
# 
loop_
_pdbx_nonpoly_scheme.asym_id 
_pdbx_nonpoly_scheme.entity_id 
_pdbx_nonpoly_scheme.mon_id 
_pdbx_nonpoly_scheme.ndb_seq_num 
_pdbx_nonpoly_scheme.pdb_seq_num 
_pdbx_nonpoly_scheme.auth_seq_num 
_pdbx_nonpoly_scheme.pdb_mon_id 
_pdbx_nonpoly_scheme.auth_mon_id 
_pdbx_nonpoly_scheme.pdb_strand_id 
_pdbx_nonpoly_scheme.pdb_ins_code 
B 2 ACT 1  1405 1405 ACT ACT A . 
C 3 HOH 1  2001 2001 HOH HOH A . 
C 3 HOH 2  2002 2002 HOH HOH A . 
C 3 HOH 3  2003 2003 HOH HOH A . 
C 3 HOH 4  2004 2004 HOH HOH A . 
C 3 HOH 5  2005 2005 HOH HOH A . 
C 3 HOH 6  2006 2006 HOH HOH A . 
C 3 HOH 7  2007 2007 HOH HOH A . 
C 3 HOH 8  2008 2008 HOH HOH A . 
C 3 HOH 9  2009 2009 HOH HOH A . 
C 3 HOH 10 2010 2010 HOH HOH A . 
C 3 HOH 11 2011 2011 HOH HOH A . 
C 3 HOH 12 2012 2012 HOH HOH A . 
C 3 HOH 13 2013 2013 HOH HOH A . 
C 3 HOH 14 2014 2014 HOH HOH A . 
C 3 HOH 15 2015 2015 HOH HOH A . 
C 3 HOH 16 2016 2016 HOH HOH A . 
C 3 HOH 17 2017 2017 HOH HOH A . 
C 3 HOH 18 2018 2018 HOH HOH A . 
C 3 HOH 19 2019 2019 HOH HOH A . 
C 3 HOH 20 2020 2020 HOH HOH A . 
C 3 HOH 21 2021 2021 HOH HOH A . 
C 3 HOH 22 2022 2022 HOH HOH A . 
C 3 HOH 23 2023 2023 HOH HOH A . 
C 3 HOH 24 2024 2024 HOH HOH A . 
C 3 HOH 25 2025 2025 HOH HOH A . 
C 3 HOH 26 2026 2026 HOH HOH A . 
C 3 HOH 27 2027 2027 HOH HOH A . 
C 3 HOH 28 2028 2028 HOH HOH A . 
C 3 HOH 29 2029 2029 HOH HOH A . 
C 3 HOH 30 2030 2030 HOH HOH A . 
C 3 HOH 31 2031 2031 HOH HOH A . 
C 3 HOH 32 2032 2032 HOH HOH A . 
C 3 HOH 33 2033 2033 HOH HOH A . 
C 3 HOH 34 2034 2034 HOH HOH A . 
C 3 HOH 35 2035 2035 HOH HOH A . 
C 3 HOH 36 2036 2036 HOH HOH A . 
C 3 HOH 37 2037 2037 HOH HOH A . 
C 3 HOH 38 2038 2038 HOH HOH A . 
C 3 HOH 39 2039 2039 HOH HOH A . 
C 3 HOH 40 2040 2040 HOH HOH A . 
C 3 HOH 41 2041 2041 HOH HOH A . 
C 3 HOH 42 2042 2042 HOH HOH A . 
C 3 HOH 43 2043 2043 HOH HOH A . 
C 3 HOH 44 2044 2044 HOH HOH A . 
C 3 HOH 45 2045 2045 HOH HOH A . 
C 3 HOH 46 2046 2046 HOH HOH A . 
C 3 HOH 47 2047 2047 HOH HOH A . 
C 3 HOH 48 2048 2048 HOH HOH A . 
C 3 HOH 49 2049 2049 HOH HOH A . 
C 3 HOH 50 2050 2050 HOH HOH A . 
C 3 HOH 51 2051 2051 HOH HOH A . 
C 3 HOH 52 2052 2052 HOH HOH A . 
C 3 HOH 53 2053 2053 HOH HOH A . 
C 3 HOH 54 2054 2054 HOH HOH A . 
C 3 HOH 55 2055 2055 HOH HOH A . 
C 3 HOH 56 2056 2056 HOH HOH A . 
C 3 HOH 57 2057 2057 HOH HOH A . 
C 3 HOH 58 2058 2058 HOH HOH A . 
C 3 HOH 59 2059 2059 HOH HOH A . 
C 3 HOH 60 2060 2060 HOH HOH A . 
C 3 HOH 61 2061 2061 HOH HOH A . 
C 3 HOH 62 2062 2062 HOH HOH A . 
C 3 HOH 63 2063 2063 HOH HOH A . 
C 3 HOH 64 2064 2064 HOH HOH A . 
C 3 HOH 65 2065 2065 HOH HOH A . 
C 3 HOH 66 2066 2066 HOH HOH A . 
C 3 HOH 67 2067 2067 HOH HOH A . 
C 3 HOH 68 2068 2068 HOH HOH A . 
C 3 HOH 69 2069 2069 HOH HOH A . 
C 3 HOH 70 2070 2070 HOH HOH A . 
C 3 HOH 71 2071 2071 HOH HOH A . 
C 3 HOH 72 2072 2072 HOH HOH A . 
C 3 HOH 73 2073 2073 HOH HOH A . 
C 3 HOH 74 2074 2074 HOH HOH A . 
C 3 HOH 75 2075 2075 HOH HOH A . 
C 3 HOH 76 2076 2076 HOH HOH A . 
# 
loop_
_pdbx_unobs_or_zero_occ_atoms.id 
_pdbx_unobs_or_zero_occ_atoms.PDB_model_num 
_pdbx_unobs_or_zero_occ_atoms.polymer_flag 
_pdbx_unobs_or_zero_occ_atoms.occupancy_flag 
_pdbx_unobs_or_zero_occ_atoms.auth_asym_id 
_pdbx_unobs_or_zero_occ_atoms.auth_comp_id 
_pdbx_unobs_or_zero_occ_atoms.auth_seq_id 
_pdbx_unobs_or_zero_occ_atoms.PDB_ins_code 
_pdbx_unobs_or_zero_occ_atoms.auth_atom_id 
_pdbx_unobs_or_zero_occ_atoms.label_alt_id 
_pdbx_unobs_or_zero_occ_atoms.label_asym_id 
_pdbx_unobs_or_zero_occ_atoms.label_comp_id 
_pdbx_unobs_or_zero_occ_atoms.label_seq_id 
_pdbx_unobs_or_zero_occ_atoms.label_atom_id 
1  1 Y 1 A ARG 404 ? CA  ? A ARG 97 CA  
2  1 Y 1 A ARG 404 ? C   ? A ARG 97 C   
3  1 Y 1 A ARG 404 ? O   ? A ARG 97 O   
4  1 Y 1 A ARG 404 ? CB  ? A ARG 97 CB  
5  1 Y 1 A ARG 404 ? CG  ? A ARG 97 CG  
6  1 Y 1 A ARG 404 ? CD  ? A ARG 97 CD  
7  1 Y 1 A ARG 404 ? NE  ? A ARG 97 NE  
8  1 Y 1 A ARG 404 ? CZ  ? A ARG 97 CZ  
9  1 Y 1 A ARG 404 ? NH1 ? A ARG 97 NH1 
10 1 Y 1 A ARG 404 ? NH2 ? A ARG 97 NH2 
# 
loop_
_software.name 
_software.classification 
_software.version 
_software.citation_id 
_software.pdbx_ordinal 
REFMAC refinement       5.5.0102 ? 1 
XDS    'data reduction' .        ? 2 
XDS    'data scaling'   .        ? 3 
PHASER phasing          .        ? 4 
# 
_cell.entry_id           2XNQ 
_cell.length_a           26.950 
_cell.length_b           42.070 
_cell.length_c           55.670 
_cell.angle_alpha        90.00 
_cell.angle_beta         90.00 
_cell.angle_gamma        90.00 
_cell.Z_PDB              4 
_cell.pdbx_unique_axis   ? 
# 
_symmetry.entry_id                         2XNQ 
_symmetry.space_group_name_H-M             'P 21 21 21' 
_symmetry.pdbx_full_space_group_name_H-M   ? 
_symmetry.cell_setting                     ? 
_symmetry.Int_Tables_number                19 
# 
_exptl.entry_id          2XNQ 
_exptl.method            'X-RAY DIFFRACTION' 
_exptl.crystals_number   1 
# 
_exptl_crystal.id                    1 
_exptl_crystal.density_meas          ? 
_exptl_crystal.density_Matthews      1.75 
_exptl_crystal.density_percent_sol   29.9 
_exptl_crystal.description           NONE 
# 
_exptl_crystal_grow.crystal_id      1 
_exptl_crystal_grow.method          ? 
_exptl_crystal_grow.temp            ? 
_exptl_crystal_grow.temp_details    ? 
_exptl_crystal_grow.pH              6.5 
_exptl_crystal_grow.pdbx_pH_range   ? 
_exptl_crystal_grow.pdbx_details    '100MM SODIUM CACODYLATE BUFFER PH 6.5, 200MM SODIUM ACETATE, PEG 8000 AT 20-30 % (W/V).' 
# 
_diffrn.id                     1 
_diffrn.ambient_temp           100 
_diffrn.ambient_temp_details   ? 
_diffrn.crystal_id             1 
# 
_diffrn_detector.diffrn_id              1 
_diffrn_detector.detector               PIXEL 
_diffrn_detector.type                   'DECTRIS PILATUS 6M' 
_diffrn_detector.pdbx_collection_date   2010-02-18 
_diffrn_detector.details                ? 
# 
_diffrn_radiation.diffrn_id                        1 
_diffrn_radiation.wavelength_id                    1 
_diffrn_radiation.pdbx_monochromatic_or_laue_m_l   M 
_diffrn_radiation.monochromator                    'SI 111' 
_diffrn_radiation.pdbx_diffrn_protocol             'SINGLE WAVELENGTH' 
_diffrn_radiation.pdbx_scattering_type             x-ray 
# 
_diffrn_radiation_wavelength.id           1 
_diffrn_radiation_wavelength.wavelength   1.1271 
_diffrn_radiation_wavelength.wt           1.0 
# 
_diffrn_source.diffrn_id                   1 
_diffrn_source.source                      SYNCHROTRON 
_diffrn_source.type                        'SLS BEAMLINE X10SA' 
_diffrn_source.pdbx_synchrotron_site       SLS 
_diffrn_source.pdbx_synchrotron_beamline   X10SA 
_diffrn_source.pdbx_wavelength             1.1271 
_diffrn_source.pdbx_wavelength_list        ? 
# 
_reflns.pdbx_diffrn_id               1 
_reflns.pdbx_ordinal                 1 
_reflns.entry_id                     2XNQ 
_reflns.observed_criterion_sigma_I   0.0 
_reflns.observed_criterion_sigma_F   ? 
_reflns.d_resolution_low             50.00 
_reflns.d_resolution_high            1.30 
_reflns.number_obs                   15337 
_reflns.number_all                   ? 
_reflns.percent_possible_obs         98.3 
_reflns.pdbx_Rmerge_I_obs            0.06 
_reflns.pdbx_Rsym_value              ? 
_reflns.pdbx_netI_over_sigmaI        19.80 
_reflns.B_iso_Wilson_estimate        ? 
_reflns.pdbx_redundancy              6.0 
# 
_reflns_shell.pdbx_diffrn_id         1 
_reflns_shell.pdbx_ordinal           1 
_reflns_shell.d_res_high             1.30 
_reflns_shell.d_res_low              1.40 
_reflns_shell.percent_possible_all   95.0 
_reflns_shell.Rmerge_I_obs           0.21 
_reflns_shell.pdbx_Rsym_value        ? 
_reflns_shell.meanI_over_sigI_obs    7.54 
_reflns_shell.pdbx_redundancy        5.5 
# 
_refine.pdbx_refine_id                           'X-RAY DIFFRACTION' 
_refine.entry_id                                 2XNQ 
_refine.pdbx_diffrn_id                           1 
_refine.pdbx_TLS_residual_ADP_flag               ? 
_refine.ls_number_reflns_obs                     15337 
_refine.ls_number_reflns_all                     ? 
_refine.pdbx_ls_sigma_I                          ? 
_refine.pdbx_ls_sigma_F                          . 
_refine.pdbx_data_cutoff_high_absF               ? 
_refine.pdbx_data_cutoff_low_absF                ? 
_refine.pdbx_data_cutoff_high_rms_absF           ? 
_refine.ls_d_res_low                             33.56 
_refine.ls_d_res_high                            1.30 
_refine.ls_percent_reflns_obs                    100.00 
_refine.ls_R_factor_obs                          0.17567 
_refine.ls_R_factor_all                          ? 
_refine.ls_R_factor_R_work                       0.17466 
_refine.ls_R_factor_R_free                       0.19448 
_refine.ls_R_factor_R_free_error                 ? 
_refine.ls_R_factor_R_free_error_details         ? 
_refine.ls_percent_reflns_R_free                 5.0 
_refine.ls_number_reflns_R_free                  808 
_refine.ls_number_parameters                     ? 
_refine.ls_number_restraints                     ? 
_refine.occupancy_min                            ? 
_refine.occupancy_max                            ? 
_refine.correlation_coeff_Fo_to_Fc               0.962 
_refine.correlation_coeff_Fo_to_Fc_free          0.958 
_refine.B_iso_mean                               12.788 
_refine.aniso_B[1][1]                            0.22 
_refine.aniso_B[2][2]                            -0.24 
_refine.aniso_B[3][3]                            0.02 
_refine.aniso_B[1][2]                            0.00 
_refine.aniso_B[1][3]                            0.00 
_refine.aniso_B[2][3]                            0.00 
_refine.solvent_model_details                    MASK 
_refine.solvent_model_param_ksol                 ? 
_refine.solvent_model_param_bsol                 ? 
_refine.pdbx_solvent_vdw_probe_radii             1.40 
_refine.pdbx_solvent_ion_probe_radii             0.80 
_refine.pdbx_solvent_shrinkage_radii             0.80 
_refine.pdbx_ls_cross_valid_method               THROUGHOUT 
_refine.details                                  
;HYDROGENS HAVE BEEN ADDED IN THE RIDING POSITIONS. THE FOLLOWING AMINO ACIDS HAVE MULTIPLE CONFORMATIONS. ILE 350, MET 358, ASN 361, MET 388.
;
_refine.pdbx_starting_model                      'PDB ENTRY 1WF2' 
_refine.pdbx_method_to_determine_struct          'MOLECULAR REPLACEMENT' 
_refine.pdbx_isotropic_thermal_model             ? 
_refine.pdbx_stereochemistry_target_values       'MAXIMUM LIKELIHOOD' 
_refine.pdbx_stereochem_target_val_spec_case     ? 
_refine.pdbx_R_Free_selection_details            RANDOM 
_refine.pdbx_overall_ESU_R                       0.056 
_refine.pdbx_overall_ESU_R_Free                  0.056 
_refine.overall_SU_ML                            0.030 
_refine.pdbx_overall_phase_error                 ? 
_refine.overall_SU_B                             1.471 
_refine.overall_SU_R_Cruickshank_DPI             ? 
_refine.pdbx_overall_SU_R_free_Cruickshank_DPI   ? 
_refine.pdbx_overall_SU_R_Blow_DPI               ? 
_refine.pdbx_overall_SU_R_free_Blow_DPI          ? 
# 
_refine_hist.pdbx_refine_id                   'X-RAY DIFFRACTION' 
_refine_hist.cycle_id                         LAST 
_refine_hist.pdbx_number_atoms_protein        631 
_refine_hist.pdbx_number_atoms_nucleic_acid   0 
_refine_hist.pdbx_number_atoms_ligand         4 
_refine_hist.number_atoms_solvent             76 
_refine_hist.number_atoms_total               711 
_refine_hist.d_res_high                       1.30 
_refine_hist.d_res_low                        33.56 
# 
loop_
_refine_ls_restr.type 
_refine_ls_restr.dev_ideal 
_refine_ls_restr.dev_ideal_target 
_refine_ls_restr.weight 
_refine_ls_restr.number 
_refine_ls_restr.pdbx_refine_id 
_refine_ls_restr.pdbx_restraint_function 
r_bond_refined_d             0.010  0.022  ? 669 'X-RAY DIFFRACTION' ? 
r_bond_other_d               ?      ?      ? ?   'X-RAY DIFFRACTION' ? 
r_angle_refined_deg          1.335  1.963  ? 900 'X-RAY DIFFRACTION' ? 
r_angle_other_deg            ?      ?      ? ?   'X-RAY DIFFRACTION' ? 
r_dihedral_angle_1_deg       6.046  5.000  ? 85  'X-RAY DIFFRACTION' ? 
r_dihedral_angle_2_deg       39.703 25.152 ? 33  'X-RAY DIFFRACTION' ? 
r_dihedral_angle_3_deg       10.911 15.000 ? 130 'X-RAY DIFFRACTION' ? 
r_dihedral_angle_4_deg       13.807 15.000 ? 3   'X-RAY DIFFRACTION' ? 
r_chiral_restr               0.102  0.200  ? 97  'X-RAY DIFFRACTION' ? 
r_gen_planes_refined         0.008  0.021  ? 508 'X-RAY DIFFRACTION' ? 
r_gen_planes_other           ?      ?      ? ?   'X-RAY DIFFRACTION' ? 
r_nbd_refined                ?      ?      ? ?   'X-RAY DIFFRACTION' ? 
r_nbd_other                  ?      ?      ? ?   'X-RAY DIFFRACTION' ? 
r_nbtor_refined              ?      ?      ? ?   'X-RAY DIFFRACTION' ? 
r_nbtor_other                ?      ?      ? ?   'X-RAY DIFFRACTION' ? 
r_xyhbond_nbd_refined        ?      ?      ? ?   'X-RAY DIFFRACTION' ? 
r_xyhbond_nbd_other          ?      ?      ? ?   'X-RAY DIFFRACTION' ? 
r_metal_ion_refined          ?      ?      ? ?   'X-RAY DIFFRACTION' ? 
r_metal_ion_other            ?      ?      ? ?   'X-RAY DIFFRACTION' ? 
r_symmetry_vdw_refined       ?      ?      ? ?   'X-RAY DIFFRACTION' ? 
r_symmetry_vdw_other         ?      ?      ? ?   'X-RAY DIFFRACTION' ? 
r_symmetry_hbond_refined     ?      ?      ? ?   'X-RAY DIFFRACTION' ? 
r_symmetry_hbond_other       ?      ?      ? ?   'X-RAY DIFFRACTION' ? 
r_symmetry_metal_ion_refined ?      ?      ? ?   'X-RAY DIFFRACTION' ? 
r_symmetry_metal_ion_other   ?      ?      ? ?   'X-RAY DIFFRACTION' ? 
r_mcbond_it                  0.854  1.500  ? 404 'X-RAY DIFFRACTION' ? 
r_mcbond_other               ?      ?      ? ?   'X-RAY DIFFRACTION' ? 
r_mcangle_it                 1.534  2.000  ? 655 'X-RAY DIFFRACTION' ? 
r_mcangle_other              ?      ?      ? ?   'X-RAY DIFFRACTION' ? 
r_scbond_it                  2.166  3.000  ? 265 'X-RAY DIFFRACTION' ? 
r_scbond_other               ?      ?      ? ?   'X-RAY DIFFRACTION' ? 
r_scangle_it                 3.421  4.500  ? 241 'X-RAY DIFFRACTION' ? 
r_scangle_other              ?      ?      ? ?   'X-RAY DIFFRACTION' ? 
r_long_range_B_refined       ?      ?      ? ?   'X-RAY DIFFRACTION' ? 
r_long_range_B_other         ?      ?      ? ?   'X-RAY DIFFRACTION' ? 
r_rigid_bond_restr           ?      ?      ? ?   'X-RAY DIFFRACTION' ? 
r_sphericity_free            ?      ?      ? ?   'X-RAY DIFFRACTION' ? 
r_sphericity_bonded          ?      ?      ? ?   'X-RAY DIFFRACTION' ? 
# 
_refine_ls_shell.pdbx_refine_id                   'X-RAY DIFFRACTION' 
_refine_ls_shell.pdbx_total_number_of_bins_used   20 
_refine_ls_shell.d_res_high                       1.300 
_refine_ls_shell.d_res_low                        1.334 
_refine_ls_shell.number_reflns_R_work             1114 
_refine_ls_shell.R_factor_R_work                  0.195 
_refine_ls_shell.percent_reflns_obs               100.00 
_refine_ls_shell.R_factor_R_free                  0.246 
_refine_ls_shell.R_factor_R_free_error            ? 
_refine_ls_shell.percent_reflns_R_free            ? 
_refine_ls_shell.number_reflns_R_free             59 
_refine_ls_shell.number_reflns_all                ? 
_refine_ls_shell.R_factor_all                     ? 
# 
_struct.entry_id                  2XNQ 
_struct.title                     'Structural insights into cis element recognition of non- polyadenylated RNAs by the Nab3-RRM' 
_struct.pdbx_model_details        ? 
_struct.pdbx_CASP_flag            ? 
_struct.pdbx_model_type_details   ? 
# 
_struct_keywords.entry_id        2XNQ 
_struct_keywords.pdbx_keywords   'RNA BINDING PROTEIN' 
_struct_keywords.text            'RNA BINDING PROTEIN, TRANSCRIPTION TERMINATION, RNA PROCESSING, RNA RECOGNITION, RRM' 
# 
loop_
_struct_asym.id 
_struct_asym.pdbx_blank_PDB_chainid_flag 
_struct_asym.pdbx_modified 
_struct_asym.entity_id 
_struct_asym.details 
A N N 1 ? 
B N N 2 ? 
C N N 3 ? 
# 
_struct_ref.id                         1 
_struct_ref.db_name                    UNP 
_struct_ref.db_code                    NAB3_YEAST 
_struct_ref.entity_id                  1 
_struct_ref.pdbx_seq_one_letter_code   ? 
_struct_ref.pdbx_align_begin           ? 
_struct_ref.pdbx_db_accession          P38996 
_struct_ref.pdbx_db_isoform            ? 
# 
_struct_ref_seq.align_id                      1 
_struct_ref_seq.ref_id                        1 
_struct_ref_seq.pdbx_PDB_id_code              2XNQ 
_struct_ref_seq.pdbx_strand_id                A 
_struct_ref_seq.seq_align_beg                 22 
_struct_ref_seq.pdbx_seq_align_beg_ins_code   ? 
_struct_ref_seq.seq_align_end                 97 
_struct_ref_seq.pdbx_seq_align_end_ins_code   ? 
_struct_ref_seq.pdbx_db_accession             P38996 
_struct_ref_seq.db_align_beg                  329 
_struct_ref_seq.pdbx_db_align_beg_ins_code    ? 
_struct_ref_seq.db_align_end                  404 
_struct_ref_seq.pdbx_db_align_end_ins_code    ? 
_struct_ref_seq.pdbx_auth_seq_align_beg       329 
_struct_ref_seq.pdbx_auth_seq_align_end       404 
# 
loop_
_struct_ref_seq_dif.align_id 
_struct_ref_seq_dif.pdbx_pdb_id_code 
_struct_ref_seq_dif.mon_id 
_struct_ref_seq_dif.pdbx_pdb_strand_id 
_struct_ref_seq_dif.seq_num 
_struct_ref_seq_dif.pdbx_pdb_ins_code 
_struct_ref_seq_dif.pdbx_seq_db_name 
_struct_ref_seq_dif.pdbx_seq_db_accession_code 
_struct_ref_seq_dif.db_mon_id 
_struct_ref_seq_dif.pdbx_seq_db_seq_num 
_struct_ref_seq_dif.details 
_struct_ref_seq_dif.pdbx_auth_seq_num 
_struct_ref_seq_dif.pdbx_ordinal 
1 2XNQ MET A 1  ? UNP P38996 ? ? 'expression tag' 308 1  
1 2XNQ GLY A 2  ? UNP P38996 ? ? 'expression tag' 309 2  
1 2XNQ SER A 3  ? UNP P38996 ? ? 'expression tag' 310 3  
1 2XNQ SER A 4  ? UNP P38996 ? ? 'expression tag' 311 4  
1 2XNQ HIS A 5  ? UNP P38996 ? ? 'expression tag' 312 5  
1 2XNQ HIS A 6  ? UNP P38996 ? ? 'expression tag' 313 6  
1 2XNQ HIS A 7  ? UNP P38996 ? ? 'expression tag' 314 7  
1 2XNQ HIS A 8  ? UNP P38996 ? ? 'expression tag' 315 8  
1 2XNQ HIS A 9  ? UNP P38996 ? ? 'expression tag' 316 9  
1 2XNQ HIS A 10 ? UNP P38996 ? ? 'expression tag' 317 10 
1 2XNQ SER A 11 ? UNP P38996 ? ? 'expression tag' 318 11 
1 2XNQ SER A 12 ? UNP P38996 ? ? 'expression tag' 319 12 
1 2XNQ GLY A 13 ? UNP P38996 ? ? 'expression tag' 320 13 
1 2XNQ LEU A 14 ? UNP P38996 ? ? 'expression tag' 321 14 
1 2XNQ VAL A 15 ? UNP P38996 ? ? 'expression tag' 322 15 
1 2XNQ PRO A 16 ? UNP P38996 ? ? 'expression tag' 323 16 
1 2XNQ ARG A 17 ? UNP P38996 ? ? 'expression tag' 324 17 
1 2XNQ GLY A 18 ? UNP P38996 ? ? 'expression tag' 325 18 
1 2XNQ SER A 19 ? UNP P38996 ? ? 'expression tag' 326 19 
1 2XNQ HIS A 20 ? UNP P38996 ? ? 'expression tag' 327 20 
1 2XNQ MET A 21 ? UNP P38996 ? ? 'expression tag' 328 21 
# 
_pdbx_struct_assembly.id                   1 
_pdbx_struct_assembly.details              author_and_software_defined_assembly 
_pdbx_struct_assembly.method_details       PISA 
_pdbx_struct_assembly.oligomeric_details   monomeric 
_pdbx_struct_assembly.oligomeric_count     1 
# 
_pdbx_struct_assembly_gen.assembly_id       1 
_pdbx_struct_assembly_gen.oper_expression   1 
_pdbx_struct_assembly_gen.asym_id_list      A,B,C 
# 
_pdbx_struct_oper_list.id                   1 
_pdbx_struct_oper_list.type                 'identity operation' 
_pdbx_struct_oper_list.name                 1_555 
_pdbx_struct_oper_list.symmetry_operation   x,y,z 
_pdbx_struct_oper_list.matrix[1][1]         1.0000000000 
_pdbx_struct_oper_list.matrix[1][2]         0.0000000000 
_pdbx_struct_oper_list.matrix[1][3]         0.0000000000 
_pdbx_struct_oper_list.vector[1]            0.0000000000 
_pdbx_struct_oper_list.matrix[2][1]         0.0000000000 
_pdbx_struct_oper_list.matrix[2][2]         1.0000000000 
_pdbx_struct_oper_list.matrix[2][3]         0.0000000000 
_pdbx_struct_oper_list.vector[2]            0.0000000000 
_pdbx_struct_oper_list.matrix[3][1]         0.0000000000 
_pdbx_struct_oper_list.matrix[3][2]         0.0000000000 
_pdbx_struct_oper_list.matrix[3][3]         1.0000000000 
_pdbx_struct_oper_list.vector[3]            0.0000000000 
# 
_struct_biol.id   1 
# 
loop_
_struct_conf.conf_type_id 
_struct_conf.id 
_struct_conf.pdbx_PDB_helix_id 
_struct_conf.beg_label_comp_id 
_struct_conf.beg_label_asym_id 
_struct_conf.beg_label_seq_id 
_struct_conf.pdbx_beg_PDB_ins_code 
_struct_conf.end_label_comp_id 
_struct_conf.end_label_asym_id 
_struct_conf.end_label_seq_id 
_struct_conf.pdbx_end_PDB_ins_code 
_struct_conf.beg_auth_comp_id 
_struct_conf.beg_auth_asym_id 
_struct_conf.beg_auth_seq_id 
_struct_conf.end_auth_comp_id 
_struct_conf.end_auth_asym_id 
_struct_conf.end_auth_seq_id 
_struct_conf.pdbx_PDB_helix_class 
_struct_conf.details 
_struct_conf.pdbx_PDB_helix_length 
HELX_P HELX_P1 1 SER A 36 ? SER A 45 ? SER A 343 SER A 352 1 ? 10 
HELX_P HELX_P2 2 PRO A 46 ? GLY A 48 ? PRO A 353 GLY A 355 5 ? 3  
HELX_P HELX_P3 3 ASN A 66 ? SER A 78 ? ASN A 373 SER A 385 1 ? 13 
# 
_struct_conf_type.id          HELX_P 
_struct_conf_type.criteria    ? 
_struct_conf_type.reference   ? 
# 
loop_
_struct_conn.id 
_struct_conn.conn_type_id 
_struct_conn.pdbx_leaving_atom_flag 
_struct_conn.pdbx_PDB_id 
_struct_conn.ptnr1_label_asym_id 
_struct_conn.ptnr1_label_comp_id 
_struct_conn.ptnr1_label_seq_id 
_struct_conn.ptnr1_label_atom_id 
_struct_conn.pdbx_ptnr1_label_alt_id 
_struct_conn.pdbx_ptnr1_PDB_ins_code 
_struct_conn.pdbx_ptnr1_standard_comp_id 
_struct_conn.ptnr1_symmetry 
_struct_conn.ptnr2_label_asym_id 
_struct_conn.ptnr2_label_comp_id 
_struct_conn.ptnr2_label_seq_id 
_struct_conn.ptnr2_label_atom_id 
_struct_conn.pdbx_ptnr2_label_alt_id 
_struct_conn.pdbx_ptnr2_PDB_ins_code 
_struct_conn.ptnr1_auth_asym_id 
_struct_conn.ptnr1_auth_comp_id 
_struct_conn.ptnr1_auth_seq_id 
_struct_conn.ptnr2_auth_asym_id 
_struct_conn.ptnr2_auth_comp_id 
_struct_conn.ptnr2_auth_seq_id 
_struct_conn.ptnr2_symmetry 
_struct_conn.pdbx_ptnr3_label_atom_id 
_struct_conn.pdbx_ptnr3_label_seq_id 
_struct_conn.pdbx_ptnr3_label_comp_id 
_struct_conn.pdbx_ptnr3_label_asym_id 
_struct_conn.pdbx_ptnr3_label_alt_id 
_struct_conn.pdbx_ptnr3_PDB_ins_code 
_struct_conn.details 
_struct_conn.pdbx_dist_value 
_struct_conn.pdbx_value_order 
_struct_conn.pdbx_role 
covale1 covale both ? A GLU 75 C ? ? ? 1_555 A CAF 76 N ? ? A GLU 382 A CAF 383 1_555 ? ? ? ? ? ? ? 1.323 ? ? 
covale2 covale both ? A CAF 76 C ? ? ? 1_555 A GLU 77 N ? ? A CAF 383 A GLU 384 1_555 ? ? ? ? ? ? ? 1.334 ? ? 
# 
_struct_conn_type.id          covale 
_struct_conn_type.criteria    ? 
_struct_conn_type.reference   ? 
# 
_pdbx_modification_feature.ordinal                            1 
_pdbx_modification_feature.label_comp_id                      CAF 
_pdbx_modification_feature.label_asym_id                      A 
_pdbx_modification_feature.label_seq_id                       76 
_pdbx_modification_feature.label_alt_id                       ? 
_pdbx_modification_feature.modified_residue_label_comp_id     . 
_pdbx_modification_feature.modified_residue_label_asym_id     . 
_pdbx_modification_feature.modified_residue_label_seq_id      . 
_pdbx_modification_feature.modified_residue_label_alt_id      . 
_pdbx_modification_feature.auth_comp_id                       CAF 
_pdbx_modification_feature.auth_asym_id                       A 
_pdbx_modification_feature.auth_seq_id                        383 
_pdbx_modification_feature.PDB_ins_code                       ? 
_pdbx_modification_feature.symmetry                           1_555 
_pdbx_modification_feature.modified_residue_auth_comp_id      . 
_pdbx_modification_feature.modified_residue_auth_asym_id      . 
_pdbx_modification_feature.modified_residue_auth_seq_id       . 
_pdbx_modification_feature.modified_residue_PDB_ins_code      . 
_pdbx_modification_feature.modified_residue_symmetry          . 
_pdbx_modification_feature.comp_id_linking_atom               . 
_pdbx_modification_feature.modified_residue_id_linking_atom   . 
_pdbx_modification_feature.modified_residue_id                CYS 
_pdbx_modification_feature.ref_pcm_id                         1 
_pdbx_modification_feature.ref_comp_id                        CAF 
_pdbx_modification_feature.type                               None 
_pdbx_modification_feature.category                           'Non-standard residue' 
# 
loop_
_struct_sheet.id 
_struct_sheet.type 
_struct_sheet.number_strands 
_struct_sheet.details 
AA ? 4 ? 
AB ? 2 ? 
# 
loop_
_struct_sheet_order.sheet_id 
_struct_sheet_order.range_id_1 
_struct_sheet_order.range_id_2 
_struct_sheet_order.offset 
_struct_sheet_order.sense 
AA 1 2 ? anti-parallel 
AA 2 3 ? anti-parallel 
AA 3 4 ? anti-parallel 
AB 1 2 ? anti-parallel 
# 
loop_
_struct_sheet_range.sheet_id 
_struct_sheet_range.id 
_struct_sheet_range.beg_label_comp_id 
_struct_sheet_range.beg_label_asym_id 
_struct_sheet_range.beg_label_seq_id 
_struct_sheet_range.pdbx_beg_PDB_ins_code 
_struct_sheet_range.end_label_comp_id 
_struct_sheet_range.end_label_asym_id 
_struct_sheet_range.end_label_seq_id 
_struct_sheet_range.pdbx_end_PDB_ins_code 
_struct_sheet_range.beg_auth_comp_id 
_struct_sheet_range.beg_auth_asym_id 
_struct_sheet_range.beg_auth_seq_id 
_struct_sheet_range.end_auth_comp_id 
_struct_sheet_range.end_auth_asym_id 
_struct_sheet_range.end_auth_seq_id 
AA 1 ILE A 50 ? ILE A 55 ? ILE A 357 ILE A 362 
AA 2 PHE A 59 ? PHE A 64 ? PHE A 366 PHE A 371 
AA 3 ARG A 24 ? GLY A 28 ? ARG A 331 GLY A 335 
AA 4 ILE A 88 ? VAL A 91 ? ILE A 395 VAL A 398 
AB 1 MET A 81 ? ASN A 82 ? MET A 388 ASN A 389 
AB 2 LYS A 85 ? LYS A 86 ? LYS A 392 LYS A 393 
# 
loop_
_pdbx_struct_sheet_hbond.sheet_id 
_pdbx_struct_sheet_hbond.range_id_1 
_pdbx_struct_sheet_hbond.range_id_2 
_pdbx_struct_sheet_hbond.range_1_label_atom_id 
_pdbx_struct_sheet_hbond.range_1_label_comp_id 
_pdbx_struct_sheet_hbond.range_1_label_asym_id 
_pdbx_struct_sheet_hbond.range_1_label_seq_id 
_pdbx_struct_sheet_hbond.range_1_PDB_ins_code 
_pdbx_struct_sheet_hbond.range_1_auth_atom_id 
_pdbx_struct_sheet_hbond.range_1_auth_comp_id 
_pdbx_struct_sheet_hbond.range_1_auth_asym_id 
_pdbx_struct_sheet_hbond.range_1_auth_seq_id 
_pdbx_struct_sheet_hbond.range_2_label_atom_id 
_pdbx_struct_sheet_hbond.range_2_label_comp_id 
_pdbx_struct_sheet_hbond.range_2_label_asym_id 
_pdbx_struct_sheet_hbond.range_2_label_seq_id 
_pdbx_struct_sheet_hbond.range_2_PDB_ins_code 
_pdbx_struct_sheet_hbond.range_2_auth_atom_id 
_pdbx_struct_sheet_hbond.range_2_auth_comp_id 
_pdbx_struct_sheet_hbond.range_2_auth_asym_id 
_pdbx_struct_sheet_hbond.range_2_auth_seq_id 
AA 1 2 N ASN A 54 ? N ASN A 361 O PHE A 61 ? O PHE A 368 
AA 2 3 N ILE A 62 ? N ILE A 369 O LEU A 25 ? O LEU A 332 
AA 3 4 N GLY A 28 ? N GLY A 335 O ILE A 88 ? O ILE A 395 
AB 1 2 N ASN A 82 ? N ASN A 389 O LYS A 85 ? O LYS A 392 
# 
_struct_site.id                   AC1 
_struct_site.pdbx_evidence_code   Software 
_struct_site.pdbx_auth_asym_id    A 
_struct_site.pdbx_auth_comp_id    ACT 
_struct_site.pdbx_auth_seq_id     1405 
_struct_site.pdbx_auth_ins_code   ? 
_struct_site.pdbx_num_residues    5 
_struct_site.details              'BINDING SITE FOR RESIDUE ACT A 1405' 
# 
loop_
_struct_site_gen.id 
_struct_site_gen.site_id 
_struct_site_gen.pdbx_num_res 
_struct_site_gen.label_comp_id 
_struct_site_gen.label_asym_id 
_struct_site_gen.label_seq_id 
_struct_site_gen.pdbx_auth_ins_code 
_struct_site_gen.auth_comp_id 
_struct_site_gen.auth_asym_id 
_struct_site_gen.auth_seq_id 
_struct_site_gen.label_atom_id 
_struct_site_gen.label_alt_id 
_struct_site_gen.symmetry 
_struct_site_gen.details 
1 AC1 5 SER A 19 ? SER A 326  . ? 2_554 ? 
2 AC1 5 PRO A 67 ? PRO A 374  . ? 2_554 ? 
3 AC1 5 ASN A 82 ? ASN A 389  . ? 1_555 ? 
4 AC1 5 PHE A 83 ? PHE A 390  . ? 1_555 ? 
5 AC1 5 HOH C .  ? HOH A 2076 . ? 1_555 ? 
# 
_pdbx_entry_details.entry_id                   2XNQ 
_pdbx_entry_details.compound_details           ? 
_pdbx_entry_details.source_details             ? 
_pdbx_entry_details.nonpolymer_details         ? 
_pdbx_entry_details.sequence_details           
;SEQUENCE CONTAINS N-TERMINAL HIS-TAG AND THROMBIN CLEAVAGE
SITE
;
_pdbx_entry_details.has_ligand_of_interest     ? 
_pdbx_entry_details.has_protein_modification   Y 
# 
_pdbx_validate_torsion.id              1 
_pdbx_validate_torsion.PDB_model_num   1 
_pdbx_validate_torsion.auth_comp_id    HIS 
_pdbx_validate_torsion.auth_asym_id    A 
_pdbx_validate_torsion.auth_seq_id     327 
_pdbx_validate_torsion.PDB_ins_code    ? 
_pdbx_validate_torsion.label_alt_id    ? 
_pdbx_validate_torsion.phi             -139.29 
_pdbx_validate_torsion.psi             -44.62 
# 
_pdbx_struct_mod_residue.id               1 
_pdbx_struct_mod_residue.label_asym_id    A 
_pdbx_struct_mod_residue.label_comp_id    CAF 
_pdbx_struct_mod_residue.label_seq_id     76 
_pdbx_struct_mod_residue.auth_asym_id     A 
_pdbx_struct_mod_residue.auth_comp_id     CAF 
_pdbx_struct_mod_residue.auth_seq_id      383 
_pdbx_struct_mod_residue.PDB_ins_code     ? 
_pdbx_struct_mod_residue.parent_comp_id   CYS 
_pdbx_struct_mod_residue.details          S-DIMETHYLARSINOYL-CYSTEINE 
# 
_pdbx_refine_tls.pdbx_refine_id   'X-RAY DIFFRACTION' 
_pdbx_refine_tls.id               1 
_pdbx_refine_tls.details          ? 
_pdbx_refine_tls.method           refined 
_pdbx_refine_tls.origin_x         -0.0244 
_pdbx_refine_tls.origin_y         0.0962 
_pdbx_refine_tls.origin_z         -0.0133 
_pdbx_refine_tls.T[1][1]          0.0204 
_pdbx_refine_tls.T[2][2]          0.0192 
_pdbx_refine_tls.T[3][3]          0.0226 
_pdbx_refine_tls.T[1][2]          -0.0047 
_pdbx_refine_tls.T[1][3]          0.0062 
_pdbx_refine_tls.T[2][3]          -0.0073 
_pdbx_refine_tls.L[1][1]          1.3502 
_pdbx_refine_tls.L[2][2]          1.1800 
_pdbx_refine_tls.L[3][3]          1.1042 
_pdbx_refine_tls.L[1][2]          0.0001 
_pdbx_refine_tls.L[1][3]          -0.0847 
_pdbx_refine_tls.L[2][3]          0.1835 
_pdbx_refine_tls.S[1][1]          0.0153 
_pdbx_refine_tls.S[1][2]          -0.0091 
_pdbx_refine_tls.S[1][3]          0.0235 
_pdbx_refine_tls.S[2][1]          0.0348 
_pdbx_refine_tls.S[2][2]          -0.0089 
_pdbx_refine_tls.S[2][3]          0.0629 
_pdbx_refine_tls.S[3][1]          0.0385 
_pdbx_refine_tls.S[3][2]          -0.0396 
_pdbx_refine_tls.S[3][3]          -0.0063 
# 
_pdbx_refine_tls_group.pdbx_refine_id      'X-RAY DIFFRACTION' 
_pdbx_refine_tls_group.id                  1 
_pdbx_refine_tls_group.refine_tls_id       1 
_pdbx_refine_tls_group.beg_auth_asym_id    A 
_pdbx_refine_tls_group.beg_auth_seq_id     326 
_pdbx_refine_tls_group.beg_label_asym_id   ? 
_pdbx_refine_tls_group.beg_label_seq_id    ? 
_pdbx_refine_tls_group.end_auth_asym_id    A 
_pdbx_refine_tls_group.end_auth_seq_id     403 
_pdbx_refine_tls_group.end_label_asym_id   ? 
_pdbx_refine_tls_group.end_label_seq_id    ? 
_pdbx_refine_tls_group.selection           ? 
_pdbx_refine_tls_group.selection_details   ? 
# 
loop_
_pdbx_unobs_or_zero_occ_residues.id 
_pdbx_unobs_or_zero_occ_residues.PDB_model_num 
_pdbx_unobs_or_zero_occ_residues.polymer_flag 
_pdbx_unobs_or_zero_occ_residues.occupancy_flag 
_pdbx_unobs_or_zero_occ_residues.auth_asym_id 
_pdbx_unobs_or_zero_occ_residues.auth_comp_id 
_pdbx_unobs_or_zero_occ_residues.auth_seq_id 
_pdbx_unobs_or_zero_occ_residues.PDB_ins_code 
_pdbx_unobs_or_zero_occ_residues.label_asym_id 
_pdbx_unobs_or_zero_occ_residues.label_comp_id 
_pdbx_unobs_or_zero_occ_residues.label_seq_id 
1  1 Y 1 A MET 308 ? A MET 1  
2  1 Y 1 A GLY 309 ? A GLY 2  
3  1 Y 1 A SER 310 ? A SER 3  
4  1 Y 1 A SER 311 ? A SER 4  
5  1 Y 1 A HIS 312 ? A HIS 5  
6  1 Y 1 A HIS 313 ? A HIS 6  
7  1 Y 1 A HIS 314 ? A HIS 7  
8  1 Y 1 A HIS 315 ? A HIS 8  
9  1 Y 1 A HIS 316 ? A HIS 9  
10 1 Y 1 A HIS 317 ? A HIS 10 
11 1 Y 1 A SER 318 ? A SER 11 
12 1 Y 1 A SER 319 ? A SER 12 
13 1 Y 1 A GLY 320 ? A GLY 13 
14 1 Y 1 A LEU 321 ? A LEU 14 
15 1 Y 1 A VAL 322 ? A VAL 15 
16 1 Y 1 A PRO 323 ? A PRO 16 
17 1 Y 1 A ARG 324 ? A ARG 17 
18 1 Y 1 A GLY 325 ? A GLY 18 
# 
loop_
_chem_comp_atom.comp_id 
_chem_comp_atom.atom_id 
_chem_comp_atom.type_symbol 
_chem_comp_atom.pdbx_aromatic_flag 
_chem_comp_atom.pdbx_stereo_config 
_chem_comp_atom.pdbx_ordinal 
ACT C    C  N N 1   
ACT O    O  N N 2   
ACT OXT  O  N N 3   
ACT CH3  C  N N 4   
ACT H1   H  N N 5   
ACT H2   H  N N 6   
ACT H3   H  N N 7   
ALA N    N  N N 8   
ALA CA   C  N S 9   
ALA C    C  N N 10  
ALA O    O  N N 11  
ALA CB   C  N N 12  
ALA OXT  O  N N 13  
ALA H    H  N N 14  
ALA H2   H  N N 15  
ALA HA   H  N N 16  
ALA HB1  H  N N 17  
ALA HB2  H  N N 18  
ALA HB3  H  N N 19  
ALA HXT  H  N N 20  
ARG N    N  N N 21  
ARG CA   C  N S 22  
ARG C    C  N N 23  
ARG O    O  N N 24  
ARG CB   C  N N 25  
ARG CG   C  N N 26  
ARG CD   C  N N 27  
ARG NE   N  N N 28  
ARG CZ   C  N N 29  
ARG NH1  N  N N 30  
ARG NH2  N  N N 31  
ARG OXT  O  N N 32  
ARG H    H  N N 33  
ARG H2   H  N N 34  
ARG HA   H  N N 35  
ARG HB2  H  N N 36  
ARG HB3  H  N N 37  
ARG HG2  H  N N 38  
ARG HG3  H  N N 39  
ARG HD2  H  N N 40  
ARG HD3  H  N N 41  
ARG HE   H  N N 42  
ARG HH11 H  N N 43  
ARG HH12 H  N N 44  
ARG HH21 H  N N 45  
ARG HH22 H  N N 46  
ARG HXT  H  N N 47  
ASN N    N  N N 48  
ASN CA   C  N S 49  
ASN C    C  N N 50  
ASN O    O  N N 51  
ASN CB   C  N N 52  
ASN CG   C  N N 53  
ASN OD1  O  N N 54  
ASN ND2  N  N N 55  
ASN OXT  O  N N 56  
ASN H    H  N N 57  
ASN H2   H  N N 58  
ASN HA   H  N N 59  
ASN HB2  H  N N 60  
ASN HB3  H  N N 61  
ASN HD21 H  N N 62  
ASN HD22 H  N N 63  
ASN HXT  H  N N 64  
ASP N    N  N N 65  
ASP CA   C  N S 66  
ASP C    C  N N 67  
ASP O    O  N N 68  
ASP CB   C  N N 69  
ASP CG   C  N N 70  
ASP OD1  O  N N 71  
ASP OD2  O  N N 72  
ASP OXT  O  N N 73  
ASP H    H  N N 74  
ASP H2   H  N N 75  
ASP HA   H  N N 76  
ASP HB2  H  N N 77  
ASP HB3  H  N N 78  
ASP HD2  H  N N 79  
ASP HXT  H  N N 80  
CAF N    N  N N 81  
CAF CA   C  N R 82  
CAF CB   C  N N 83  
CAF C    C  N N 84  
CAF O    O  N N 85  
CAF OXT  O  N N 86  
CAF SG   S  N N 87  
CAF AS   AS N N 88  
CAF CE1  C  N N 89  
CAF CE2  C  N N 90  
CAF O1   O  N N 91  
CAF H    H  N N 92  
CAF H2   H  N N 93  
CAF HA   H  N N 94  
CAF HB2  H  N N 95  
CAF HB3  H  N N 96  
CAF HXT  H  N N 97  
CAF HE11 H  N N 98  
CAF HE12 H  N N 99  
CAF HE13 H  N N 100 
CAF HE21 H  N N 101 
CAF HE22 H  N N 102 
CAF HE23 H  N N 103 
GLN N    N  N N 104 
GLN CA   C  N S 105 
GLN C    C  N N 106 
GLN O    O  N N 107 
GLN CB   C  N N 108 
GLN CG   C  N N 109 
GLN CD   C  N N 110 
GLN OE1  O  N N 111 
GLN NE2  N  N N 112 
GLN OXT  O  N N 113 
GLN H    H  N N 114 
GLN H2   H  N N 115 
GLN HA   H  N N 116 
GLN HB2  H  N N 117 
GLN HB3  H  N N 118 
GLN HG2  H  N N 119 
GLN HG3  H  N N 120 
GLN HE21 H  N N 121 
GLN HE22 H  N N 122 
GLN HXT  H  N N 123 
GLU N    N  N N 124 
GLU CA   C  N S 125 
GLU C    C  N N 126 
GLU O    O  N N 127 
GLU CB   C  N N 128 
GLU CG   C  N N 129 
GLU CD   C  N N 130 
GLU OE1  O  N N 131 
GLU OE2  O  N N 132 
GLU OXT  O  N N 133 
GLU H    H  N N 134 
GLU H2   H  N N 135 
GLU HA   H  N N 136 
GLU HB2  H  N N 137 
GLU HB3  H  N N 138 
GLU HG2  H  N N 139 
GLU HG3  H  N N 140 
GLU HE2  H  N N 141 
GLU HXT  H  N N 142 
GLY N    N  N N 143 
GLY CA   C  N N 144 
GLY C    C  N N 145 
GLY O    O  N N 146 
GLY OXT  O  N N 147 
GLY H    H  N N 148 
GLY H2   H  N N 149 
GLY HA2  H  N N 150 
GLY HA3  H  N N 151 
GLY HXT  H  N N 152 
HIS N    N  N N 153 
HIS CA   C  N S 154 
HIS C    C  N N 155 
HIS O    O  N N 156 
HIS CB   C  N N 157 
HIS CG   C  Y N 158 
HIS ND1  N  Y N 159 
HIS CD2  C  Y N 160 
HIS CE1  C  Y N 161 
HIS NE2  N  Y N 162 
HIS OXT  O  N N 163 
HIS H    H  N N 164 
HIS H2   H  N N 165 
HIS HA   H  N N 166 
HIS HB2  H  N N 167 
HIS HB3  H  N N 168 
HIS HD1  H  N N 169 
HIS HD2  H  N N 170 
HIS HE1  H  N N 171 
HIS HE2  H  N N 172 
HIS HXT  H  N N 173 
HOH O    O  N N 174 
HOH H1   H  N N 175 
HOH H2   H  N N 176 
ILE N    N  N N 177 
ILE CA   C  N S 178 
ILE C    C  N N 179 
ILE O    O  N N 180 
ILE CB   C  N S 181 
ILE CG1  C  N N 182 
ILE CG2  C  N N 183 
ILE CD1  C  N N 184 
ILE OXT  O  N N 185 
ILE H    H  N N 186 
ILE H2   H  N N 187 
ILE HA   H  N N 188 
ILE HB   H  N N 189 
ILE HG12 H  N N 190 
ILE HG13 H  N N 191 
ILE HG21 H  N N 192 
ILE HG22 H  N N 193 
ILE HG23 H  N N 194 
ILE HD11 H  N N 195 
ILE HD12 H  N N 196 
ILE HD13 H  N N 197 
ILE HXT  H  N N 198 
LEU N    N  N N 199 
LEU CA   C  N S 200 
LEU C    C  N N 201 
LEU O    O  N N 202 
LEU CB   C  N N 203 
LEU CG   C  N N 204 
LEU CD1  C  N N 205 
LEU CD2  C  N N 206 
LEU OXT  O  N N 207 
LEU H    H  N N 208 
LEU H2   H  N N 209 
LEU HA   H  N N 210 
LEU HB2  H  N N 211 
LEU HB3  H  N N 212 
LEU HG   H  N N 213 
LEU HD11 H  N N 214 
LEU HD12 H  N N 215 
LEU HD13 H  N N 216 
LEU HD21 H  N N 217 
LEU HD22 H  N N 218 
LEU HD23 H  N N 219 
LEU HXT  H  N N 220 
LYS N    N  N N 221 
LYS CA   C  N S 222 
LYS C    C  N N 223 
LYS O    O  N N 224 
LYS CB   C  N N 225 
LYS CG   C  N N 226 
LYS CD   C  N N 227 
LYS CE   C  N N 228 
LYS NZ   N  N N 229 
LYS OXT  O  N N 230 
LYS H    H  N N 231 
LYS H2   H  N N 232 
LYS HA   H  N N 233 
LYS HB2  H  N N 234 
LYS HB3  H  N N 235 
LYS HG2  H  N N 236 
LYS HG3  H  N N 237 
LYS HD2  H  N N 238 
LYS HD3  H  N N 239 
LYS HE2  H  N N 240 
LYS HE3  H  N N 241 
LYS HZ1  H  N N 242 
LYS HZ2  H  N N 243 
LYS HZ3  H  N N 244 
LYS HXT  H  N N 245 
MET N    N  N N 246 
MET CA   C  N S 247 
MET C    C  N N 248 
MET O    O  N N 249 
MET CB   C  N N 250 
MET CG   C  N N 251 
MET SD   S  N N 252 
MET CE   C  N N 253 
MET OXT  O  N N 254 
MET H    H  N N 255 
MET H2   H  N N 256 
MET HA   H  N N 257 
MET HB2  H  N N 258 
MET HB3  H  N N 259 
MET HG2  H  N N 260 
MET HG3  H  N N 261 
MET HE1  H  N N 262 
MET HE2  H  N N 263 
MET HE3  H  N N 264 
MET HXT  H  N N 265 
PHE N    N  N N 266 
PHE CA   C  N S 267 
PHE C    C  N N 268 
PHE O    O  N N 269 
PHE CB   C  N N 270 
PHE CG   C  Y N 271 
PHE CD1  C  Y N 272 
PHE CD2  C  Y N 273 
PHE CE1  C  Y N 274 
PHE CE2  C  Y N 275 
PHE CZ   C  Y N 276 
PHE OXT  O  N N 277 
PHE H    H  N N 278 
PHE H2   H  N N 279 
PHE HA   H  N N 280 
PHE HB2  H  N N 281 
PHE HB3  H  N N 282 
PHE HD1  H  N N 283 
PHE HD2  H  N N 284 
PHE HE1  H  N N 285 
PHE HE2  H  N N 286 
PHE HZ   H  N N 287 
PHE HXT  H  N N 288 
PRO N    N  N N 289 
PRO CA   C  N S 290 
PRO C    C  N N 291 
PRO O    O  N N 292 
PRO CB   C  N N 293 
PRO CG   C  N N 294 
PRO CD   C  N N 295 
PRO OXT  O  N N 296 
PRO H    H  N N 297 
PRO HA   H  N N 298 
PRO HB2  H  N N 299 
PRO HB3  H  N N 300 
PRO HG2  H  N N 301 
PRO HG3  H  N N 302 
PRO HD2  H  N N 303 
PRO HD3  H  N N 304 
PRO HXT  H  N N 305 
SER N    N  N N 306 
SER CA   C  N S 307 
SER C    C  N N 308 
SER O    O  N N 309 
SER CB   C  N N 310 
SER OG   O  N N 311 
SER OXT  O  N N 312 
SER H    H  N N 313 
SER H2   H  N N 314 
SER HA   H  N N 315 
SER HB2  H  N N 316 
SER HB3  H  N N 317 
SER HG   H  N N 318 
SER HXT  H  N N 319 
TYR N    N  N N 320 
TYR CA   C  N S 321 
TYR C    C  N N 322 
TYR O    O  N N 323 
TYR CB   C  N N 324 
TYR CG   C  Y N 325 
TYR CD1  C  Y N 326 
TYR CD2  C  Y N 327 
TYR CE1  C  Y N 328 
TYR CE2  C  Y N 329 
TYR CZ   C  Y N 330 
TYR OH   O  N N 331 
TYR OXT  O  N N 332 
TYR H    H  N N 333 
TYR H2   H  N N 334 
TYR HA   H  N N 335 
TYR HB2  H  N N 336 
TYR HB3  H  N N 337 
TYR HD1  H  N N 338 
TYR HD2  H  N N 339 
TYR HE1  H  N N 340 
TYR HE2  H  N N 341 
TYR HH   H  N N 342 
TYR HXT  H  N N 343 
VAL N    N  N N 344 
VAL CA   C  N S 345 
VAL C    C  N N 346 
VAL O    O  N N 347 
VAL CB   C  N N 348 
VAL CG1  C  N N 349 
VAL CG2  C  N N 350 
VAL OXT  O  N N 351 
VAL H    H  N N 352 
VAL H2   H  N N 353 
VAL HA   H  N N 354 
VAL HB   H  N N 355 
VAL HG11 H  N N 356 
VAL HG12 H  N N 357 
VAL HG13 H  N N 358 
VAL HG21 H  N N 359 
VAL HG22 H  N N 360 
VAL HG23 H  N N 361 
VAL HXT  H  N N 362 
# 
loop_
_chem_comp_bond.comp_id 
_chem_comp_bond.atom_id_1 
_chem_comp_bond.atom_id_2 
_chem_comp_bond.value_order 
_chem_comp_bond.pdbx_aromatic_flag 
_chem_comp_bond.pdbx_stereo_config 
_chem_comp_bond.pdbx_ordinal 
ACT C   O    doub N N 1   
ACT C   OXT  sing N N 2   
ACT C   CH3  sing N N 3   
ACT CH3 H1   sing N N 4   
ACT CH3 H2   sing N N 5   
ACT CH3 H3   sing N N 6   
ALA N   CA   sing N N 7   
ALA N   H    sing N N 8   
ALA N   H2   sing N N 9   
ALA CA  C    sing N N 10  
ALA CA  CB   sing N N 11  
ALA CA  HA   sing N N 12  
ALA C   O    doub N N 13  
ALA C   OXT  sing N N 14  
ALA CB  HB1  sing N N 15  
ALA CB  HB2  sing N N 16  
ALA CB  HB3  sing N N 17  
ALA OXT HXT  sing N N 18  
ARG N   CA   sing N N 19  
ARG N   H    sing N N 20  
ARG N   H2   sing N N 21  
ARG CA  C    sing N N 22  
ARG CA  CB   sing N N 23  
ARG CA  HA   sing N N 24  
ARG C   O    doub N N 25  
ARG C   OXT  sing N N 26  
ARG CB  CG   sing N N 27  
ARG CB  HB2  sing N N 28  
ARG CB  HB3  sing N N 29  
ARG CG  CD   sing N N 30  
ARG CG  HG2  sing N N 31  
ARG CG  HG3  sing N N 32  
ARG CD  NE   sing N N 33  
ARG CD  HD2  sing N N 34  
ARG CD  HD3  sing N N 35  
ARG NE  CZ   sing N N 36  
ARG NE  HE   sing N N 37  
ARG CZ  NH1  sing N N 38  
ARG CZ  NH2  doub N N 39  
ARG NH1 HH11 sing N N 40  
ARG NH1 HH12 sing N N 41  
ARG NH2 HH21 sing N N 42  
ARG NH2 HH22 sing N N 43  
ARG OXT HXT  sing N N 44  
ASN N   CA   sing N N 45  
ASN N   H    sing N N 46  
ASN N   H2   sing N N 47  
ASN CA  C    sing N N 48  
ASN CA  CB   sing N N 49  
ASN CA  HA   sing N N 50  
ASN C   O    doub N N 51  
ASN C   OXT  sing N N 52  
ASN CB  CG   sing N N 53  
ASN CB  HB2  sing N N 54  
ASN CB  HB3  sing N N 55  
ASN CG  OD1  doub N N 56  
ASN CG  ND2  sing N N 57  
ASN ND2 HD21 sing N N 58  
ASN ND2 HD22 sing N N 59  
ASN OXT HXT  sing N N 60  
ASP N   CA   sing N N 61  
ASP N   H    sing N N 62  
ASP N   H2   sing N N 63  
ASP CA  C    sing N N 64  
ASP CA  CB   sing N N 65  
ASP CA  HA   sing N N 66  
ASP C   O    doub N N 67  
ASP C   OXT  sing N N 68  
ASP CB  CG   sing N N 69  
ASP CB  HB2  sing N N 70  
ASP CB  HB3  sing N N 71  
ASP CG  OD1  doub N N 72  
ASP CG  OD2  sing N N 73  
ASP OD2 HD2  sing N N 74  
ASP OXT HXT  sing N N 75  
CAF N   CA   sing N N 76  
CAF N   H    sing N N 77  
CAF N   H2   sing N N 78  
CAF CA  CB   sing N N 79  
CAF CA  C    sing N N 80  
CAF CA  HA   sing N N 81  
CAF CB  SG   sing N N 82  
CAF CB  HB2  sing N N 83  
CAF CB  HB3  sing N N 84  
CAF C   O    doub N N 85  
CAF C   OXT  sing N N 86  
CAF OXT HXT  sing N N 87  
CAF SG  AS   sing N N 88  
CAF AS  CE1  sing N N 89  
CAF AS  CE2  sing N N 90  
CAF AS  O1   doub N N 91  
CAF CE1 HE11 sing N N 92  
CAF CE1 HE12 sing N N 93  
CAF CE1 HE13 sing N N 94  
CAF CE2 HE21 sing N N 95  
CAF CE2 HE22 sing N N 96  
CAF CE2 HE23 sing N N 97  
GLN N   CA   sing N N 98  
GLN N   H    sing N N 99  
GLN N   H2   sing N N 100 
GLN CA  C    sing N N 101 
GLN CA  CB   sing N N 102 
GLN CA  HA   sing N N 103 
GLN C   O    doub N N 104 
GLN C   OXT  sing N N 105 
GLN CB  CG   sing N N 106 
GLN CB  HB2  sing N N 107 
GLN CB  HB3  sing N N 108 
GLN CG  CD   sing N N 109 
GLN CG  HG2  sing N N 110 
GLN CG  HG3  sing N N 111 
GLN CD  OE1  doub N N 112 
GLN CD  NE2  sing N N 113 
GLN NE2 HE21 sing N N 114 
GLN NE2 HE22 sing N N 115 
GLN OXT HXT  sing N N 116 
GLU N   CA   sing N N 117 
GLU N   H    sing N N 118 
GLU N   H2   sing N N 119 
GLU CA  C    sing N N 120 
GLU CA  CB   sing N N 121 
GLU CA  HA   sing N N 122 
GLU C   O    doub N N 123 
GLU C   OXT  sing N N 124 
GLU CB  CG   sing N N 125 
GLU CB  HB2  sing N N 126 
GLU CB  HB3  sing N N 127 
GLU CG  CD   sing N N 128 
GLU CG  HG2  sing N N 129 
GLU CG  HG3  sing N N 130 
GLU CD  OE1  doub N N 131 
GLU CD  OE2  sing N N 132 
GLU OE2 HE2  sing N N 133 
GLU OXT HXT  sing N N 134 
GLY N   CA   sing N N 135 
GLY N   H    sing N N 136 
GLY N   H2   sing N N 137 
GLY CA  C    sing N N 138 
GLY CA  HA2  sing N N 139 
GLY CA  HA3  sing N N 140 
GLY C   O    doub N N 141 
GLY C   OXT  sing N N 142 
GLY OXT HXT  sing N N 143 
HIS N   CA   sing N N 144 
HIS N   H    sing N N 145 
HIS N   H2   sing N N 146 
HIS CA  C    sing N N 147 
HIS CA  CB   sing N N 148 
HIS CA  HA   sing N N 149 
HIS C   O    doub N N 150 
HIS C   OXT  sing N N 151 
HIS CB  CG   sing N N 152 
HIS CB  HB2  sing N N 153 
HIS CB  HB3  sing N N 154 
HIS CG  ND1  sing Y N 155 
HIS CG  CD2  doub Y N 156 
HIS ND1 CE1  doub Y N 157 
HIS ND1 HD1  sing N N 158 
HIS CD2 NE2  sing Y N 159 
HIS CD2 HD2  sing N N 160 
HIS CE1 NE2  sing Y N 161 
HIS CE1 HE1  sing N N 162 
HIS NE2 HE2  sing N N 163 
HIS OXT HXT  sing N N 164 
HOH O   H1   sing N N 165 
HOH O   H2   sing N N 166 
ILE N   CA   sing N N 167 
ILE N   H    sing N N 168 
ILE N   H2   sing N N 169 
ILE CA  C    sing N N 170 
ILE CA  CB   sing N N 171 
ILE CA  HA   sing N N 172 
ILE C   O    doub N N 173 
ILE C   OXT  sing N N 174 
ILE CB  CG1  sing N N 175 
ILE CB  CG2  sing N N 176 
ILE CB  HB   sing N N 177 
ILE CG1 CD1  sing N N 178 
ILE CG1 HG12 sing N N 179 
ILE CG1 HG13 sing N N 180 
ILE CG2 HG21 sing N N 181 
ILE CG2 HG22 sing N N 182 
ILE CG2 HG23 sing N N 183 
ILE CD1 HD11 sing N N 184 
ILE CD1 HD12 sing N N 185 
ILE CD1 HD13 sing N N 186 
ILE OXT HXT  sing N N 187 
LEU N   CA   sing N N 188 
LEU N   H    sing N N 189 
LEU N   H2   sing N N 190 
LEU CA  C    sing N N 191 
LEU CA  CB   sing N N 192 
LEU CA  HA   sing N N 193 
LEU C   O    doub N N 194 
LEU C   OXT  sing N N 195 
LEU CB  CG   sing N N 196 
LEU CB  HB2  sing N N 197 
LEU CB  HB3  sing N N 198 
LEU CG  CD1  sing N N 199 
LEU CG  CD2  sing N N 200 
LEU CG  HG   sing N N 201 
LEU CD1 HD11 sing N N 202 
LEU CD1 HD12 sing N N 203 
LEU CD1 HD13 sing N N 204 
LEU CD2 HD21 sing N N 205 
LEU CD2 HD22 sing N N 206 
LEU CD2 HD23 sing N N 207 
LEU OXT HXT  sing N N 208 
LYS N   CA   sing N N 209 
LYS N   H    sing N N 210 
LYS N   H2   sing N N 211 
LYS CA  C    sing N N 212 
LYS CA  CB   sing N N 213 
LYS CA  HA   sing N N 214 
LYS C   O    doub N N 215 
LYS C   OXT  sing N N 216 
LYS CB  CG   sing N N 217 
LYS CB  HB2  sing N N 218 
LYS CB  HB3  sing N N 219 
LYS CG  CD   sing N N 220 
LYS CG  HG2  sing N N 221 
LYS CG  HG3  sing N N 222 
LYS CD  CE   sing N N 223 
LYS CD  HD2  sing N N 224 
LYS CD  HD3  sing N N 225 
LYS CE  NZ   sing N N 226 
LYS CE  HE2  sing N N 227 
LYS CE  HE3  sing N N 228 
LYS NZ  HZ1  sing N N 229 
LYS NZ  HZ2  sing N N 230 
LYS NZ  HZ3  sing N N 231 
LYS OXT HXT  sing N N 232 
MET N   CA   sing N N 233 
MET N   H    sing N N 234 
MET N   H2   sing N N 235 
MET CA  C    sing N N 236 
MET CA  CB   sing N N 237 
MET CA  HA   sing N N 238 
MET C   O    doub N N 239 
MET C   OXT  sing N N 240 
MET CB  CG   sing N N 241 
MET CB  HB2  sing N N 242 
MET CB  HB3  sing N N 243 
MET CG  SD   sing N N 244 
MET CG  HG2  sing N N 245 
MET CG  HG3  sing N N 246 
MET SD  CE   sing N N 247 
MET CE  HE1  sing N N 248 
MET CE  HE2  sing N N 249 
MET CE  HE3  sing N N 250 
MET OXT HXT  sing N N 251 
PHE N   CA   sing N N 252 
PHE N   H    sing N N 253 
PHE N   H2   sing N N 254 
PHE CA  C    sing N N 255 
PHE CA  CB   sing N N 256 
PHE CA  HA   sing N N 257 
PHE C   O    doub N N 258 
PHE C   OXT  sing N N 259 
PHE CB  CG   sing N N 260 
PHE CB  HB2  sing N N 261 
PHE CB  HB3  sing N N 262 
PHE CG  CD1  doub Y N 263 
PHE CG  CD2  sing Y N 264 
PHE CD1 CE1  sing Y N 265 
PHE CD1 HD1  sing N N 266 
PHE CD2 CE2  doub Y N 267 
PHE CD2 HD2  sing N N 268 
PHE CE1 CZ   doub Y N 269 
PHE CE1 HE1  sing N N 270 
PHE CE2 CZ   sing Y N 271 
PHE CE2 HE2  sing N N 272 
PHE CZ  HZ   sing N N 273 
PHE OXT HXT  sing N N 274 
PRO N   CA   sing N N 275 
PRO N   CD   sing N N 276 
PRO N   H    sing N N 277 
PRO CA  C    sing N N 278 
PRO CA  CB   sing N N 279 
PRO CA  HA   sing N N 280 
PRO C   O    doub N N 281 
PRO C   OXT  sing N N 282 
PRO CB  CG   sing N N 283 
PRO CB  HB2  sing N N 284 
PRO CB  HB3  sing N N 285 
PRO CG  CD   sing N N 286 
PRO CG  HG2  sing N N 287 
PRO CG  HG3  sing N N 288 
PRO CD  HD2  sing N N 289 
PRO CD  HD3  sing N N 290 
PRO OXT HXT  sing N N 291 
SER N   CA   sing N N 292 
SER N   H    sing N N 293 
SER N   H2   sing N N 294 
SER CA  C    sing N N 295 
SER CA  CB   sing N N 296 
SER CA  HA   sing N N 297 
SER C   O    doub N N 298 
SER C   OXT  sing N N 299 
SER CB  OG   sing N N 300 
SER CB  HB2  sing N N 301 
SER CB  HB3  sing N N 302 
SER OG  HG   sing N N 303 
SER OXT HXT  sing N N 304 
TYR N   CA   sing N N 305 
TYR N   H    sing N N 306 
TYR N   H2   sing N N 307 
TYR CA  C    sing N N 308 
TYR CA  CB   sing N N 309 
TYR CA  HA   sing N N 310 
TYR C   O    doub N N 311 
TYR C   OXT  sing N N 312 
TYR CB  CG   sing N N 313 
TYR CB  HB2  sing N N 314 
TYR CB  HB3  sing N N 315 
TYR CG  CD1  doub Y N 316 
TYR CG  CD2  sing Y N 317 
TYR CD1 CE1  sing Y N 318 
TYR CD1 HD1  sing N N 319 
TYR CD2 CE2  doub Y N 320 
TYR CD2 HD2  sing N N 321 
TYR CE1 CZ   doub Y N 322 
TYR CE1 HE1  sing N N 323 
TYR CE2 CZ   sing Y N 324 
TYR CE2 HE2  sing N N 325 
TYR CZ  OH   sing N N 326 
TYR OH  HH   sing N N 327 
TYR OXT HXT  sing N N 328 
VAL N   CA   sing N N 329 
VAL N   H    sing N N 330 
VAL N   H2   sing N N 331 
VAL CA  C    sing N N 332 
VAL CA  CB   sing N N 333 
VAL CA  HA   sing N N 334 
VAL C   O    doub N N 335 
VAL C   OXT  sing N N 336 
VAL CB  CG1  sing N N 337 
VAL CB  CG2  sing N N 338 
VAL CB  HB   sing N N 339 
VAL CG1 HG11 sing N N 340 
VAL CG1 HG12 sing N N 341 
VAL CG1 HG13 sing N N 342 
VAL CG2 HG21 sing N N 343 
VAL CG2 HG22 sing N N 344 
VAL CG2 HG23 sing N N 345 
VAL OXT HXT  sing N N 346 
# 
_pdbx_initial_refinement_model.id               1 
_pdbx_initial_refinement_model.entity_id_list   ? 
_pdbx_initial_refinement_model.type             'experimental model' 
_pdbx_initial_refinement_model.source_name      PDB 
_pdbx_initial_refinement_model.accession_code   1WF2 
_pdbx_initial_refinement_model.details          'PDB ENTRY 1WF2' 
# 
_atom_sites.entry_id                    2XNQ 
_atom_sites.fract_transf_matrix[1][1]   0.03673777 
_atom_sites.fract_transf_matrix[1][2]   0.00384053 
_atom_sites.fract_transf_matrix[1][3]   0.00352727 
_atom_sites.fract_transf_matrix[2][1]   0.00334039 
_atom_sites.fract_transf_matrix[2][2]   -0.01739378 
_atom_sites.fract_transf_matrix[2][3]   -0.01585279 
_atom_sites.fract_transf_matrix[3][1]   0.00000956 
_atom_sites.fract_transf_matrix[3][2]   0.01210104 
_atom_sites.fract_transf_matrix[3][3]   -0.01327532 
_atom_sites.fract_transf_vector[1]      0.096603 
_atom_sites.fract_transf_vector[2]      0.065201 
_atom_sites.fract_transf_vector[3]      0.285663 
# 
loop_
_atom_type.symbol 
AS 
C  
N  
O  
S  
# 
loop_
_atom_site.group_PDB 
_atom_site.id 
_atom_site.type_symbol 
_atom_site.label_atom_id 
_atom_site.label_alt_id 
_atom_site.label_comp_id 
_atom_site.label_asym_id 
_atom_site.label_entity_id 
_atom_site.label_seq_id 
_atom_site.pdbx_PDB_ins_code 
_atom_site.Cartn_x 
_atom_site.Cartn_y 
_atom_site.Cartn_z 
_atom_site.occupancy 
_atom_site.B_iso_or_equiv 
_atom_site.pdbx_formal_charge 
_atom_site.auth_seq_id 
_atom_site.auth_comp_id 
_atom_site.auth_asym_id 
_atom_site.auth_atom_id 
_atom_site.pdbx_PDB_model_num 
ATOM   1   N  N   . SER A 1 19 ? -1.490  13.549  -12.886 1.00 34.59 ? 326  SER A N   1 
ATOM   2   C  CA  . SER A 1 19 ? -1.298  13.943  -11.459 1.00 33.72 ? 326  SER A CA  1 
ATOM   3   C  C   . SER A 1 19 ? -2.218  13.151  -10.549 1.00 32.53 ? 326  SER A C   1 
ATOM   4   O  O   . SER A 1 19 ? -2.348  13.461  -9.356  1.00 33.23 ? 326  SER A O   1 
ATOM   5   C  CB  . SER A 1 19 ? -1.554  15.435  -11.282 1.00 34.47 ? 326  SER A CB  1 
ATOM   6   O  OG  . SER A 1 19 ? -2.941  15.727  -11.358 1.00 36.06 ? 326  SER A OG  1 
ATOM   7   N  N   . HIS A 1 20 ? -2.856  12.132  -11.120 1.00 31.36 ? 327  HIS A N   1 
ATOM   8   C  CA  . HIS A 1 20 ? -3.813  11.308  -10.393 1.00 28.91 ? 327  HIS A CA  1 
ATOM   9   C  C   . HIS A 1 20 ? -3.594  9.850   -10.802 1.00 26.32 ? 327  HIS A C   1 
ATOM   10  O  O   . HIS A 1 20 ? -3.468  8.986   -9.942  1.00 25.17 ? 327  HIS A O   1 
ATOM   11  C  CB  . HIS A 1 20 ? -5.244  11.840  -10.545 1.00 30.79 ? 327  HIS A CB  1 
ATOM   12  C  CG  . HIS A 1 20 ? -6.193  11.285  -9.527  1.00 32.84 ? 327  HIS A CG  1 
ATOM   13  N  ND1 . HIS A 1 20 ? -6.375  9.925   -9.341  1.00 35.52 ? 327  HIS A ND1 1 
ATOM   14  C  CD2 . HIS A 1 20 ? -7.001  11.902  -8.628  1.00 36.22 ? 327  HIS A CD2 1 
ATOM   15  C  CE1 . HIS A 1 20 ? -7.248  9.730   -8.367  1.00 36.17 ? 327  HIS A CE1 1 
ATOM   16  N  NE2 . HIS A 1 20 ? -7.651  10.913  -7.923  1.00 36.74 ? 327  HIS A NE2 1 
ATOM   17  N  N   . MET A 1 21 ? -3.433  9.598   -12.098 1.00 23.97 ? 328  MET A N   1 
ATOM   18  C  CA  . MET A 1 21 ? -3.420  8.230   -12.643 1.00 21.79 ? 328  MET A CA  1 
ATOM   19  C  C   . MET A 1 21 ? -2.261  7.498   -11.978 1.00 18.51 ? 328  MET A C   1 
ATOM   20  O  O   . MET A 1 21 ? -1.239  8.097   -11.671 1.00 17.14 ? 328  MET A O   1 
ATOM   21  C  CB  . MET A 1 21 ? -3.233  8.229   -14.171 1.00 23.42 ? 328  MET A CB  1 
ATOM   22  C  CG  . MET A 1 21 ? -4.458  8.658   -14.983 1.00 27.45 ? 328  MET A CG  1 
ATOM   23  S  SD  . MET A 1 21 ? -5.986  7.774   -14.594 1.00 34.11 ? 328  MET A SD  1 
ATOM   24  C  CE  . MET A 1 21 ? -6.832  8.974   -13.559 1.00 34.08 ? 328  MET A CE  1 
ATOM   25  N  N   . LYS A 1 22 ? -2.444  6.204   -11.739 1.00 15.28 ? 329  LYS A N   1 
ATOM   26  C  CA  . LYS A 1 22 ? -1.368  5.336   -11.281 1.00 13.39 ? 329  LYS A CA  1 
ATOM   27  C  C   . LYS A 1 22 ? -0.805  5.750   -9.906  1.00 10.77 ? 329  LYS A C   1 
ATOM   28  O  O   . LYS A 1 22 ? 0.339   5.460   -9.588  1.00 10.57 ? 329  LYS A O   1 
ATOM   29  C  CB  . LYS A 1 22 ? -0.239  5.234   -12.333 1.00 14.29 ? 329  LYS A CB  1 
ATOM   30  C  CG  . LYS A 1 22 ? -0.642  4.614   -13.683 1.00 17.70 ? 329  LYS A CG  1 
ATOM   31  C  CD  . LYS A 1 22 ? 0.587   4.147   -14.474 1.00 21.58 ? 329  LYS A CD  1 
ATOM   32  C  CE  . LYS A 1 22 ? 0.208   3.490   -15.803 1.00 25.11 ? 329  LYS A CE  1 
ATOM   33  N  NZ  . LYS A 1 22 ? 1.426   3.014   -16.520 1.00 27.11 ? 329  LYS A NZ  1 
ATOM   34  N  N   . SER A 1 23 ? -1.642  6.395   -9.099  1.00 9.45  ? 330  SER A N   1 
ATOM   35  C  CA  . SER A 1 23 ? -1.250  6.877   -7.776  1.00 8.00  ? 330  SER A CA  1 
ATOM   36  C  C   . SER A 1 23 ? -1.756  6.018   -6.616  1.00 7.11  ? 330  SER A C   1 
ATOM   37  O  O   . SER A 1 23 ? -1.547  6.363   -5.457  1.00 6.68  ? 330  SER A O   1 
ATOM   38  C  CB  . SER A 1 23 ? -1.656  8.328   -7.593  1.00 9.29  ? 330  SER A CB  1 
ATOM   39  O  OG  . SER A 1 23 ? -1.014  9.119   -8.576  1.00 10.88 ? 330  SER A OG  1 
ATOM   40  N  N   . ARG A 1 24 ? -2.390  4.902   -6.938  1.00 6.19  ? 331  ARG A N   1 
ATOM   41  C  CA  . ARG A 1 24 ? -2.872  3.975   -5.921  1.00 5.95  ? 331  ARG A CA  1 
ATOM   42  C  C   . ARG A 1 24 ? -2.040  2.694   -5.916  1.00 6.27  ? 331  ARG A C   1 
ATOM   43  O  O   . ARG A 1 24 ? -1.774  2.113   -6.983  1.00 6.71  ? 331  ARG A O   1 
ATOM   44  C  CB  . ARG A 1 24 ? -4.347  3.651   -6.178  1.00 6.77  ? 331  ARG A CB  1 
ATOM   45  C  CG  . ARG A 1 24 ? -4.944  2.698   -5.133  1.00 6.77  ? 331  ARG A CG  1 
ATOM   46  C  CD  . ARG A 1 24 ? -6.382  2.381   -5.413  1.00 8.73  ? 331  ARG A CD  1 
ATOM   47  N  NE  . ARG A 1 24 ? -7.204  3.567   -5.211  1.00 8.51  ? 331  ARG A NE  1 
ATOM   48  C  CZ  . ARG A 1 24 ? -8.525  3.552   -5.132  1.00 10.23 ? 331  ARG A CZ  1 
ATOM   49  N  NH1 . ARG A 1 24 ? -9.179  2.397   -5.275  1.00 10.34 ? 331  ARG A NH1 1 
ATOM   50  N  NH2 . ARG A 1 24 ? -9.177  4.693   -4.943  1.00 13.00 ? 331  ARG A NH2 1 
ATOM   51  N  N   . LEU A 1 25 ? -1.660  2.257   -4.723  1.00 5.64  ? 332  LEU A N   1 
ATOM   52  C  CA  . LEU A 1 25 ? -0.916  1.032   -4.513  1.00 5.18  ? 332  LEU A CA  1 
ATOM   53  C  C   . LEU A 1 25 ? -1.872  -0.089  -4.108  1.00 5.67  ? 332  LEU A C   1 
ATOM   54  O  O   . LEU A 1 25 ? -2.576  0.029   -3.086  1.00 6.09  ? 332  LEU A O   1 
ATOM   55  C  CB  . LEU A 1 25 ? 0.091   1.257   -3.390  1.00 5.07  ? 332  LEU A CB  1 
ATOM   56  C  CG  . LEU A 1 25 ? 0.939   0.059   -2.939  1.00 5.57  ? 332  LEU A CG  1 
ATOM   57  C  CD1 . LEU A 1 25 ? 1.969   -0.309  -4.013  1.00 7.18  ? 332  LEU A CD1 1 
ATOM   58  C  CD2 . LEU A 1 25 ? 1.615   0.376   -1.633  1.00 7.71  ? 332  LEU A CD2 1 
ATOM   59  N  N   . PHE A 1 26 ? -1.882  -1.165  -4.888  1.00 5.31  ? 333  PHE A N   1 
ATOM   60  C  CA  . PHE A 1 26 ? -2.561  -2.402  -4.528  1.00 5.93  ? 333  PHE A CA  1 
ATOM   61  C  C   . PHE A 1 26 ? -1.672  -3.210  -3.600  1.00 5.05  ? 333  PHE A C   1 
ATOM   62  O  O   . PHE A 1 26 ? -0.454  -3.358  -3.849  1.00 5.71  ? 333  PHE A O   1 
ATOM   63  C  CB  . PHE A 1 26 ? -2.852  -3.229  -5.786  1.00 6.18  ? 333  PHE A CB  1 
ATOM   64  C  CG  . PHE A 1 26 ? -3.322  -4.627  -5.498  1.00 7.04  ? 333  PHE A CG  1 
ATOM   65  C  CD1 . PHE A 1 26 ? -4.647  -4.881  -5.226  1.00 7.60  ? 333  PHE A CD1 1 
ATOM   66  C  CD2 . PHE A 1 26 ? -2.420  -5.678  -5.459  1.00 7.60  ? 333  PHE A CD2 1 
ATOM   67  C  CE1 . PHE A 1 26 ? -5.083  -6.176  -4.930  1.00 8.86  ? 333  PHE A CE1 1 
ATOM   68  C  CE2 . PHE A 1 26 ? -2.829  -6.977  -5.139  1.00 8.75  ? 333  PHE A CE2 1 
ATOM   69  C  CZ  . PHE A 1 26 ? -4.167  -7.223  -4.890  1.00 7.97  ? 333  PHE A CZ  1 
ATOM   70  N  N   . ILE A 1 27 ? -2.264  -3.762  -2.551  1.00 5.40  ? 334  ILE A N   1 
ATOM   71  C  CA  . ILE A 1 27 ? -1.561  -4.620  -1.596  1.00 6.30  ? 334  ILE A CA  1 
ATOM   72  C  C   . ILE A 1 27 ? -2.297  -5.944  -1.427  1.00 6.79  ? 334  ILE A C   1 
ATOM   73  O  O   . ILE A 1 27 ? -3.466  -5.959  -1.026  1.00 8.05  ? 334  ILE A O   1 
ATOM   74  C  CB  . ILE A 1 27 ? -1.451  -3.966  -0.216  1.00 5.97  ? 334  ILE A CB  1 
ATOM   75  C  CG1 . ILE A 1 27 ? -0.796  -2.580  -0.303  1.00 6.62  ? 334  ILE A CG1 1 
ATOM   76  C  CG2 . ILE A 1 27 ? -0.669  -4.896  0.723   1.00 7.78  ? 334  ILE A CG2 1 
ATOM   77  C  CD1 . ILE A 1 27 ? -0.747  -1.816  1.038   1.00 8.57  ? 334  ILE A CD1 1 
ATOM   78  N  N   . GLY A 1 28 ? -1.620  -7.054  -1.745  1.00 6.40  ? 335  GLY A N   1 
ATOM   79  C  CA  . GLY A 1 28 ? -2.148  -8.385  -1.460  1.00 7.43  ? 335  GLY A CA  1 
ATOM   80  C  C   . GLY A 1 28 ? -1.238  -9.153  -0.514  1.00 6.53  ? 335  GLY A C   1 
ATOM   81  O  O   . GLY A 1 28 ? -0.198  -8.657  -0.096  1.00 7.12  ? 335  GLY A O   1 
ATOM   82  N  N   . ASN A 1 29 ? -1.612  -10.392 -0.205  1.00 7.66  ? 336  ASN A N   1 
ATOM   83  C  CA  . ASN A 1 29 ? -0.917  -11.209 0.809   1.00 8.70  ? 336  ASN A CA  1 
ATOM   84  C  C   . ASN A 1 29 ? -0.834  -10.513 2.176   1.00 9.59  ? 336  ASN A C   1 
ATOM   85  O  O   . ASN A 1 29 ? 0.177   -10.598 2.857   1.00 9.63  ? 336  ASN A O   1 
ATOM   86  C  CB  . ASN A 1 29 ? 0.479   -11.669 0.347   1.00 8.10  ? 336  ASN A CB  1 
ATOM   87  C  CG  . ASN A 1 29 ? 1.059   -12.749 1.242   1.00 8.68  ? 336  ASN A CG  1 
ATOM   88  O  OD1 . ASN A 1 29 ? 0.335   -13.599 1.741   1.00 10.67 ? 336  ASN A OD1 1 
ATOM   89  N  ND2 . ASN A 1 29 ? 2.370   -12.707 1.442   1.00 9.58  ? 336  ASN A ND2 1 
ATOM   90  N  N   . LEU A 1 30 ? -1.886  -9.796  2.551   1.00 11.99 ? 337  LEU A N   1 
ATOM   91  C  CA  . LEU A 1 30 ? -1.980  -9.302  3.928   1.00 12.99 ? 337  LEU A CA  1 
ATOM   92  C  C   . LEU A 1 30 ? -2.333  -10.463 4.870   1.00 14.62 ? 337  LEU A C   1 
ATOM   93  O  O   . LEU A 1 30 ? -2.830  -11.501 4.437   1.00 14.54 ? 337  LEU A O   1 
ATOM   94  C  CB  . LEU A 1 30 ? -2.993  -8.157  4.040   1.00 14.40 ? 337  LEU A CB  1 
ATOM   95  C  CG  . LEU A 1 30 ? -2.522  -6.802  3.490   1.00 14.27 ? 337  LEU A CG  1 
ATOM   96  C  CD1 . LEU A 1 30 ? -3.726  -5.918  3.252   1.00 18.31 ? 337  LEU A CD1 1 
ATOM   97  C  CD2 . LEU A 1 30 ? -1.527  -6.100  4.400   1.00 15.61 ? 337  LEU A CD2 1 
ATOM   98  N  N   . PRO A 1 31 ? -2.057  -10.294 6.180   1.00 15.97 ? 338  PRO A N   1 
ATOM   99  C  CA  . PRO A 1 31 ? -2.508  -11.250 7.178   1.00 18.63 ? 338  PRO A CA  1 
ATOM   100 C  C   . PRO A 1 31 ? -4.011  -11.408 7.149   1.00 20.32 ? 338  PRO A C   1 
ATOM   101 O  O   . PRO A 1 31 ? -4.723  -10.476 6.795   1.00 20.91 ? 338  PRO A O   1 
ATOM   102 C  CB  . PRO A 1 31 ? -2.174  -10.549 8.492   1.00 19.12 ? 338  PRO A CB  1 
ATOM   103 C  CG  . PRO A 1 31 ? -1.090  -9.691  8.202   1.00 16.20 ? 338  PRO A CG  1 
ATOM   104 C  CD  . PRO A 1 31 ? -1.289  -9.202  6.798   1.00 14.99 ? 338  PRO A CD  1 
ATOM   105 N  N   . LEU A 1 32 ? -4.489  -12.581 7.533   1.00 23.32 ? 339  LEU A N   1 
ATOM   106 C  CA  . LEU A 1 32 ? -5.923  -12.798 7.682   1.00 25.45 ? 339  LEU A CA  1 
ATOM   107 C  C   . LEU A 1 32 ? -6.485  -12.039 8.894   1.00 26.28 ? 339  LEU A C   1 
ATOM   108 O  O   . LEU A 1 32 ? -7.629  -11.574 8.864   1.00 27.53 ? 339  LEU A O   1 
ATOM   109 C  CB  . LEU A 1 32 ? -6.231  -14.293 7.739   1.00 26.99 ? 339  LEU A CB  1 
ATOM   110 C  CG  . LEU A 1 32 ? -5.755  -15.044 6.485   1.00 27.81 ? 339  LEU A CG  1 
ATOM   111 C  CD1 . LEU A 1 32 ? -5.999  -16.535 6.633   1.00 30.05 ? 339  LEU A CD1 1 
ATOM   112 C  CD2 . LEU A 1 32 ? -6.418  -14.506 5.214   1.00 28.20 ? 339  LEU A CD2 1 
ATOM   113 N  N   . LYS A 1 33 ? -5.665  -11.906 9.937   1.00 26.83 ? 340  LYS A N   1 
ATOM   114 C  CA  . LYS A 1 33 ? -5.990  -11.098 11.118  1.00 26.94 ? 340  LYS A CA  1 
ATOM   115 C  C   . LYS A 1 33 ? -6.002  -9.605  10.764  1.00 25.65 ? 340  LYS A C   1 
ATOM   116 O  O   . LYS A 1 33 ? -5.275  -9.175  9.864   1.00 24.19 ? 340  LYS A O   1 
ATOM   117 C  CB  . LYS A 1 33 ? -4.970  -11.364 12.239  1.00 27.84 ? 340  LYS A CB  1 
ATOM   118 C  CG  . LYS A 1 33 ? -3.540  -10.887 11.931  1.00 28.11 ? 340  LYS A CG  1 
ATOM   119 C  CD  . LYS A 1 33 ? -2.515  -11.491 12.882  1.00 32.22 ? 340  LYS A CD  1 
ATOM   120 C  CE  . LYS A 1 33 ? -2.025  -12.843 12.387  1.00 33.56 ? 340  LYS A CE  1 
ATOM   121 N  NZ  . LYS A 1 33 ? -0.961  -13.438 13.255  1.00 35.72 ? 340  LYS A NZ  1 
ATOM   122 N  N   . ASN A 1 34 ? -6.810  -8.824  11.481  1.00 25.88 ? 341  ASN A N   1 
ATOM   123 C  CA  . ASN A 1 34 ? -6.914  -7.381  11.237  1.00 25.15 ? 341  ASN A CA  1 
ATOM   124 C  C   . ASN A 1 34 ? -5.561  -6.663  11.296  1.00 23.27 ? 341  ASN A C   1 
ATOM   125 O  O   . ASN A 1 34 ? -4.775  -6.874  12.218  1.00 24.95 ? 341  ASN A O   1 
ATOM   126 C  CB  . ASN A 1 34 ? -7.911  -6.719  12.201  1.00 26.57 ? 341  ASN A CB  1 
ATOM   127 C  CG  . ASN A 1 34 ? -9.351  -7.135  11.936  1.00 29.54 ? 341  ASN A CG  1 
ATOM   128 O  OD1 . ASN A 1 34 ? -9.856  -8.058  12.564  1.00 33.86 ? 341  ASN A OD1 1 
ATOM   129 N  ND2 . ASN A 1 34 ? -10.017 -6.453  11.004  1.00 31.64 ? 341  ASN A ND2 1 
ATOM   130 N  N   . VAL A 1 35 ? -5.320  -5.836  10.289  1.00 20.29 ? 342  VAL A N   1 
ATOM   131 C  CA  . VAL A 1 35 ? -4.074  -5.105  10.071  1.00 17.59 ? 342  VAL A CA  1 
ATOM   132 C  C   . VAL A 1 35 ? -4.337  -3.657  10.511  1.00 15.11 ? 342  VAL A C   1 
ATOM   133 O  O   . VAL A 1 35 ? -5.363  -3.096  10.150  1.00 15.39 ? 342  VAL A O   1 
ATOM   134 C  CB  . VAL A 1 35 ? -3.761  -5.195  8.557   1.00 17.36 ? 342  VAL A CB  1 
ATOM   135 C  CG1 . VAL A 1 35 ? -2.750  -4.184  8.102   1.00 17.14 ? 342  VAL A CG1 1 
ATOM   136 C  CG2 . VAL A 1 35 ? -3.337  -6.619  8.195   1.00 18.86 ? 342  VAL A CG2 1 
ATOM   137 N  N   . SER A 1 36 ? -3.461  -3.068  11.317  1.00 11.93 ? 343  SER A N   1 
ATOM   138 C  CA  . SER A 1 36 ? -3.646  -1.678  11.739  1.00 10.41 ? 343  SER A CA  1 
ATOM   139 C  C   . SER A 1 36 ? -3.353  -0.696  10.621  1.00 8.68  ? 343  SER A C   1 
ATOM   140 O  O   . SER A 1 36 ? -2.310  -0.759  9.985   1.00 8.18  ? 343  SER A O   1 
ATOM   141 C  CB  . SER A 1 36 ? -2.716  -1.373  12.903  1.00 10.58 ? 343  SER A CB  1 
ATOM   142 O  OG  . SER A 1 36 ? -2.614  0.039   13.102  1.00 10.86 ? 343  SER A OG  1 
ATOM   143 N  N   . LYS A 1 37 ? -4.250  0.268   10.422  1.00 8.14  ? 344  LYS A N   1 
ATOM   144 C  CA  . LYS A 1 37 ? -3.997  1.304   9.423   1.00 7.56  ? 344  LYS A CA  1 
ATOM   145 C  C   . LYS A 1 37 ? -2.820  2.180   9.825   1.00 7.01  ? 344  LYS A C   1 
ATOM   146 O  O   . LYS A 1 37 ? -2.158  2.751   8.969   1.00 7.57  ? 344  LYS A O   1 
ATOM   147 C  CB  . LYS A 1 37 ? -5.217  2.190   9.202   1.00 8.00  ? 344  LYS A CB  1 
ATOM   148 C  CG  . LYS A 1 37 ? -6.375  1.475   8.517   1.00 10.19 ? 344  LYS A CG  1 
ATOM   149 C  CD  . LYS A 1 37 ? -7.515  2.422   8.207   1.00 13.56 ? 344  LYS A CD  1 
ATOM   150 C  CE  . LYS A 1 37 ? -8.626  1.676   7.498   1.00 17.79 ? 344  LYS A CE  1 
ATOM   151 N  NZ  . LYS A 1 37 ? -9.754  2.563   7.122   1.00 21.10 ? 344  LYS A NZ  1 
ATOM   152 N  N   . GLU A 1 38 ? -2.560  2.284   11.123  1.00 6.91  ? 345  GLU A N   1 
ATOM   153 C  CA  . GLU A 1 38 ? -1.384  3.041   11.594  1.00 7.78  ? 345  GLU A CA  1 
ATOM   154 C  C   . GLU A 1 38 ? -0.078  2.320   11.234  1.00 8.34  ? 345  GLU A C   1 
ATOM   155 O  O   . GLU A 1 38 ? 0.890   2.963   10.836  1.00 8.36  ? 345  GLU A O   1 
ATOM   156 C  CB  . GLU A 1 38 ? -1.459  3.297   13.093  1.00 8.36  ? 345  GLU A CB  1 
ATOM   157 C  CG  . GLU A 1 38 ? -0.294  4.135   13.602  1.00 9.29  ? 345  GLU A CG  1 
ATOM   158 C  CD  . GLU A 1 38 ? -0.334  4.273   15.101  1.00 9.41  ? 345  GLU A CD  1 
ATOM   159 O  OE1 . GLU A 1 38 ? -0.361  3.253   15.815  1.00 10.24 ? 345  GLU A OE1 1 
ATOM   160 O  OE2 . GLU A 1 38 ? -0.355  5.398   15.626  1.00 9.99  ? 345  GLU A OE2 1 
ATOM   161 N  N   . ASP A 1 39 ? -0.059  0.987   11.354  1.00 8.49  ? 346  ASP A N   1 
ATOM   162 C  CA  . ASP A 1 39 ? 1.110   0.218   10.931  1.00 9.35  ? 346  ASP A CA  1 
ATOM   163 C  C   . ASP A 1 39 ? 1.312   0.390   9.424   1.00 8.74  ? 346  ASP A C   1 
ATOM   164 O  O   . ASP A 1 39 ? 2.431   0.582   8.957   1.00 9.24  ? 346  ASP A O   1 
ATOM   165 C  CB  . ASP A 1 39 ? 0.956   -1.264  11.293  1.00 10.61 ? 346  ASP A CB  1 
ATOM   166 C  CG  . ASP A 1 39 ? 1.072   -1.536  12.791  1.00 12.84 ? 346  ASP A CG  1 
ATOM   167 O  OD1 . ASP A 1 39 ? 0.806   -2.681  13.204  1.00 14.36 ? 346  ASP A OD1 1 
ATOM   168 O  OD2 . ASP A 1 39 ? 1.424   -0.624  13.560  1.00 16.31 ? 346  ASP A OD2 1 
ATOM   169 N  N   . LEU A 1 40 ? 0.239   0.312   8.644   1.00 8.33  ? 347  LEU A N   1 
ATOM   170 C  CA  . LEU A 1 40 ? 0.379   0.527   7.193   1.00 7.99  ? 347  LEU A CA  1 
ATOM   171 C  C   . LEU A 1 40 ? 0.900   1.936   6.892   1.00 7.72  ? 347  LEU A C   1 
ATOM   172 O  O   . LEU A 1 40 ? 1.758   2.132   6.015   1.00 7.76  ? 347  LEU A O   1 
ATOM   173 C  CB  . LEU A 1 40 ? -0.960  0.338   6.497   1.00 8.87  ? 347  LEU A CB  1 
ATOM   174 C  CG  . LEU A 1 40 ? -1.351  -1.114  6.224   1.00 8.87  ? 347  LEU A CG  1 
ATOM   175 C  CD1 . LEU A 1 40 ? -2.842  -1.228  5.881   1.00 12.99 ? 347  LEU A CD1 1 
ATOM   176 C  CD2 . LEU A 1 40 ? -0.521  -1.734  5.117   1.00 11.40 ? 347  LEU A CD2 1 
ATOM   177 N  N   . PHE A 1 41 ? 0.375   2.921   7.615   1.00 7.41  ? 348  PHE A N   1 
ATOM   178 C  CA  . PHE A 1 41 ? 0.830   4.289   7.459   1.00 7.41  ? 348  PHE A CA  1 
ATOM   179 C  C   . PHE A 1 41 ? 2.319   4.408   7.775   1.00 8.14  ? 348  PHE A C   1 
ATOM   180 O  O   . PHE A 1 41 ? 3.064   5.047   7.033   1.00 7.91  ? 348  PHE A O   1 
ATOM   181 C  CB  . PHE A 1 41 ? 0.032   5.216   8.372   1.00 8.17  ? 348  PHE A CB  1 
ATOM   182 C  CG  . PHE A 1 41 ? 0.365   6.661   8.191   1.00 9.21  ? 348  PHE A CG  1 
ATOM   183 C  CD1 . PHE A 1 41 ? -0.364  7.429   7.294   1.00 12.45 ? 348  PHE A CD1 1 
ATOM   184 C  CD2 . PHE A 1 41 ? 1.386   7.262   8.927   1.00 10.80 ? 348  PHE A CD2 1 
ATOM   185 C  CE1 . PHE A 1 41 ? -0.073  8.786   7.105   1.00 14.90 ? 348  PHE A CE1 1 
ATOM   186 C  CE2 . PHE A 1 41 ? 1.678   8.626   8.734   1.00 12.98 ? 348  PHE A CE2 1 
ATOM   187 C  CZ  . PHE A 1 41 ? 0.931   9.363   7.819   1.00 13.13 ? 348  PHE A CZ  1 
ATOM   188 N  N   . ARG A 1 42 ? 2.765   3.789   8.863   1.00 8.92  ? 349  ARG A N   1 
ATOM   189 C  CA  . ARG A 1 42 ? 4.182   3.859   9.239   1.00 9.53  ? 349  ARG A CA  1 
ATOM   190 C  C   . ARG A 1 42 ? 5.078   3.287   8.140   1.00 9.26  ? 349  ARG A C   1 
ATOM   191 O  O   . ARG A 1 42 ? 6.132   3.878   7.838   1.00 10.18 ? 349  ARG A O   1 
ATOM   192 C  CB  . ARG A 1 42 ? 4.422   3.100   10.543  1.00 11.05 ? 349  ARG A CB  1 
ATOM   193 C  CG  . ARG A 1 42 ? 3.895   3.743   11.783  1.00 15.28 ? 349  ARG A CG  1 
ATOM   194 C  CD  . ARG A 1 42 ? 4.252   2.865   12.963  1.00 20.42 ? 349  ARG A CD  1 
ATOM   195 N  NE  . ARG A 1 42 ? 3.855   3.463   14.228  1.00 23.59 ? 349  ARG A NE  1 
ATOM   196 C  CZ  . ARG A 1 42 ? 2.865   3.016   14.991  1.00 23.91 ? 349  ARG A CZ  1 
ATOM   197 N  NH1 . ARG A 1 42 ? 2.157   1.946   14.631  1.00 24.53 ? 349  ARG A NH1 1 
ATOM   198 N  NH2 . ARG A 1 42 ? 2.589   3.640   16.125  1.00 23.63 ? 349  ARG A NH2 1 
ATOM   199 N  N   . ILE A 1 43 ? 4.677   2.178   7.536   1.00 8.17  ? 350  ILE A N   1 
ATOM   200 C  CA  A ILE A 1 43 ? 5.444   1.532   6.457   0.50 8.05  ? 350  ILE A CA  1 
ATOM   201 C  CA  B ILE A 1 43 ? 5.521   1.576   6.520   0.50 8.18  ? 350  ILE A CA  1 
ATOM   202 C  C   . ILE A 1 43 ? 5.520   2.389   5.218   1.00 7.21  ? 350  ILE A C   1 
ATOM   203 O  O   . ILE A 1 43 ? 6.581   2.554   4.596   1.00 8.00  ? 350  ILE A O   1 
ATOM   204 C  CB  A ILE A 1 43 ? 4.834   0.154   6.027   0.50 8.34  ? 350  ILE A CB  1 
ATOM   205 C  CB  B ILE A 1 43 ? 5.162   0.095   6.283   0.50 8.04  ? 350  ILE A CB  1 
ATOM   206 C  CG1 A ILE A 1 43 ? 4.870   -0.858  7.195   0.20 8.35  ? 350  ILE A CG1 1 
ATOM   207 C  CG1 B ILE A 1 43 ? 5.347   -0.741  7.574   0.80 9.92  ? 350  ILE A CG1 1 
ATOM   208 C  CG2 A ILE A 1 43 ? 5.597   -0.422  4.832   0.50 7.21  ? 350  ILE A CG2 1 
ATOM   209 C  CG2 B ILE A 1 43 ? 5.972   -0.506  5.132   0.50 7.38  ? 350  ILE A CG2 1 
ATOM   210 C  CD1 A ILE A 1 43 ? 3.900   -2.104  7.103   0.80 14.37 ? 350  ILE A CD1 1 
ATOM   211 C  CD1 B ILE A 1 43 ? 6.752   -0.862  8.035   0.20 7.98  ? 350  ILE A CD1 1 
ATOM   212 N  N   . PHE A 1 44 ? 4.367   2.921   4.817   1.00 6.57  ? 351  PHE A N   1 
ATOM   213 C  CA  . PHE A 1 44 ? 4.213   3.508   3.482   1.00 7.21  ? 351  PHE A CA  1 
ATOM   214 C  C   . PHE A 1 44 ? 4.266   5.006   3.379   1.00 7.22  ? 351  PHE A C   1 
ATOM   215 O  O   . PHE A 1 44 ? 4.560   5.532   2.319   1.00 7.21  ? 351  PHE A O   1 
ATOM   216 C  CB  . PHE A 1 44 ? 2.983   2.923   2.791   1.00 6.69  ? 351  PHE A CB  1 
ATOM   217 C  CG  . PHE A 1 44 ? 3.153   1.467   2.430   1.00 7.20  ? 351  PHE A CG  1 
ATOM   218 C  CD1 . PHE A 1 44 ? 2.571   0.452   3.178   1.00 7.40  ? 351  PHE A CD1 1 
ATOM   219 C  CD2 . PHE A 1 44 ? 3.970   1.114   1.358   1.00 6.38  ? 351  PHE A CD2 1 
ATOM   220 C  CE1 . PHE A 1 44 ? 2.775   -0.869  2.836   1.00 7.52  ? 351  PHE A CE1 1 
ATOM   221 C  CE2 . PHE A 1 44 ? 4.169   -0.231  1.009   1.00 6.97  ? 351  PHE A CE2 1 
ATOM   222 C  CZ  . PHE A 1 44 ? 3.581   -1.203  1.751   1.00 7.56  ? 351  PHE A CZ  1 
ATOM   223 N  N   . SER A 1 45 ? 4.017   5.708   4.479   1.00 7.48  ? 352  SER A N   1 
ATOM   224 C  CA  . SER A 1 45 ? 4.080   7.173   4.447   1.00 8.98  ? 352  SER A CA  1 
ATOM   225 C  C   . SER A 1 45 ? 5.458   7.749   4.072   1.00 8.45  ? 352  SER A C   1 
ATOM   226 O  O   . SER A 1 45 ? 5.505   8.827   3.506   1.00 8.62  ? 352  SER A O   1 
ATOM   227 C  CB  . SER A 1 45 ? 3.564   7.794   5.744   1.00 11.00 ? 352  SER A CB  1 
ATOM   228 O  OG  . SER A 1 45 ? 4.392   7.428   6.816   1.00 12.52 ? 352  SER A OG  1 
ATOM   229 N  N   . PRO A 1 46 ? 6.573   7.022   4.298   1.00 8.24  ? 353  PRO A N   1 
ATOM   230 C  CA  . PRO A 1 46 ? 7.836   7.603   3.824   1.00 9.23  ? 353  PRO A CA  1 
ATOM   231 C  C   . PRO A 1 46 ? 7.912   7.794   2.307   1.00 9.13  ? 353  PRO A C   1 
ATOM   232 O  O   . PRO A 1 46 ? 8.736   8.573   1.849   1.00 10.67 ? 353  PRO A O   1 
ATOM   233 C  CB  . PRO A 1 46 ? 8.885   6.596   4.293   1.00 9.87  ? 353  PRO A CB  1 
ATOM   234 C  CG  . PRO A 1 46 ? 8.284   6.013   5.541   1.00 9.57  ? 353  PRO A CG  1 
ATOM   235 C  CD  . PRO A 1 46 ? 6.831   5.849   5.164   1.00 8.63  ? 353  PRO A CD  1 
ATOM   236 N  N   . TYR A 1 47 ? 7.065   7.092   1.544   1.00 8.13  ? 354  TYR A N   1 
ATOM   237 C  CA  . TYR A 1 47 ? 7.078   7.187   0.067   1.00 7.57  ? 354  TYR A CA  1 
ATOM   238 C  C   . TYR A 1 47 ? 6.295   8.355   -0.462  1.00 7.69  ? 354  TYR A C   1 
ATOM   239 O  O   . TYR A 1 47 ? 6.469   8.731   -1.612  1.00 8.33  ? 354  TYR A O   1 
ATOM   240 C  CB  . TYR A 1 47 ? 6.604   5.858   -0.547  1.00 7.74  ? 354  TYR A CB  1 
ATOM   241 C  CG  . TYR A 1 47 ? 7.499   4.755   -0.050  1.00 6.66  ? 354  TYR A CG  1 
ATOM   242 C  CD1 . TYR A 1 47 ? 8.821   4.680   -0.486  1.00 8.14  ? 354  TYR A CD1 1 
ATOM   243 C  CD2 . TYR A 1 47 ? 7.070   3.828   0.895   1.00 7.05  ? 354  TYR A CD2 1 
ATOM   244 C  CE1 . TYR A 1 47 ? 9.686   3.701   -0.014  1.00 8.18  ? 354  TYR A CE1 1 
ATOM   245 C  CE2 . TYR A 1 47 ? 7.936   2.871   1.404   1.00 7.12  ? 354  TYR A CE2 1 
ATOM   246 C  CZ  . TYR A 1 47 ? 9.238   2.821   0.953   1.00 8.13  ? 354  TYR A CZ  1 
ATOM   247 O  OH  . TYR A 1 47 ? 10.110  1.866   1.421   1.00 9.95  ? 354  TYR A OH  1 
ATOM   248 N  N   . GLY A 1 48 ? 5.404   8.914   0.356   1.00 7.91  ? 355  GLY A N   1 
ATOM   249 C  CA  . GLY A 1 48 ? 4.592   10.025  -0.099  1.00 9.23  ? 355  GLY A CA  1 
ATOM   250 C  C   . GLY A 1 48 ? 3.366   10.235  0.745   1.00 8.27  ? 355  GLY A C   1 
ATOM   251 O  O   . GLY A 1 48 ? 3.089   9.460   1.673   1.00 8.57  ? 355  GLY A O   1 
ATOM   252 N  N   . HIS A 1 49 ? 2.624   11.285  0.412   1.00 8.99  ? 356  HIS A N   1 
ATOM   253 C  CA  . HIS A 1 49 ? 1.422   11.632  1.154   1.00 10.14 ? 356  HIS A CA  1 
ATOM   254 C  C   . HIS A 1 49 ? 0.318   10.633  0.883   1.00 8.00  ? 356  HIS A C   1 
ATOM   255 O  O   . HIS A 1 49 ? -0.021  10.334  -0.266  1.00 8.78  ? 356  HIS A O   1 
ATOM   256 C  CB  . HIS A 1 49 ? 0.938   13.028  0.778   1.00 12.00 ? 356  HIS A CB  1 
ATOM   257 C  CG  . HIS A 1 49 ? -0.300  13.445  1.508   1.00 18.03 ? 356  HIS A CG  1 
ATOM   258 N  ND1 . HIS A 1 49 ? -1.539  13.471  0.909   1.00 24.15 ? 356  HIS A ND1 1 
ATOM   259 C  CD2 . HIS A 1 49 ? -0.490  13.843  2.789   1.00 22.18 ? 356  HIS A CD2 1 
ATOM   260 C  CE1 . HIS A 1 49 ? -2.441  13.866  1.790   1.00 24.17 ? 356  HIS A CE1 1 
ATOM   261 N  NE2 . HIS A 1 49 ? -1.831  14.099  2.936   1.00 23.81 ? 356  HIS A NE2 1 
ATOM   262 N  N   . ILE A 1 50 ? -0.241  10.109  1.971   1.00 8.08  ? 357  ILE A N   1 
ATOM   263 C  CA  . ILE A 1 50 ? -1.298  9.097   1.889   1.00 6.81  ? 357  ILE A CA  1 
ATOM   264 C  C   . ILE A 1 50 ? -2.681  9.731   2.089   1.00 7.45  ? 357  ILE A C   1 
ATOM   265 O  O   . ILE A 1 50 ? -2.935  10.404  3.094   1.00 9.05  ? 357  ILE A O   1 
ATOM   266 C  CB  . ILE A 1 50 ? -1.068  7.991   2.931   1.00 6.72  ? 357  ILE A CB  1 
ATOM   267 C  CG1 . ILE A 1 50 ? 0.213   7.216   2.593   1.00 6.71  ? 357  ILE A CG1 1 
ATOM   268 C  CG2 . ILE A 1 50 ? -2.287  7.071   3.052   1.00 7.16  ? 357  ILE A CG2 1 
ATOM   269 C  CD1 . ILE A 1 50 ? 0.602   6.150   3.611   1.00 8.20  ? 357  ILE A CD1 1 
ATOM   270 N  N   . MET A 1 51 ? -3.568  9.499   1.123   1.00 7.63  ? 358  MET A N   1 
ATOM   271 C  CA  A MET A 1 51 ? -4.893  10.051  1.267   0.50 8.80  ? 358  MET A CA  1 
ATOM   272 C  CA  B MET A 1 51 ? -4.935  10.019  1.062   0.50 7.89  ? 358  MET A CA  1 
ATOM   273 C  C   . MET A 1 51 ? -5.960  9.062   1.673   1.00 8.03  ? 358  MET A C   1 
ATOM   274 O  O   . MET A 1 51 ? -6.981  9.481   2.225   1.00 8.77  ? 358  MET A O   1 
ATOM   275 C  CB  A MET A 1 51 ? -5.278  10.839  0.037   0.50 10.46 ? 358  MET A CB  1 
ATOM   276 C  CB  B MET A 1 51 ? -5.315  10.263  -0.414  0.50 8.02  ? 358  MET A CB  1 
ATOM   277 C  CG  A MET A 1 51 ? -4.210  11.848  -0.305  0.50 14.09 ? 358  MET A CG  1 
ATOM   278 C  CG  B MET A 1 51 ? -4.455  11.311  -1.126  0.50 10.16 ? 358  MET A CG  1 
ATOM   279 S  SD  A MET A 1 51 ? -4.663  12.857  -1.712  0.30 17.65 ? 358  MET A SD  1 
ATOM   280 S  SD  B MET A 1 51 ? -4.781  11.608  -2.893  0.70 16.32 ? 358  MET A SD  1 
ATOM   281 C  CE  A MET A 1 51 ? -5.139  14.384  -0.916  0.30 19.12 ? 358  MET A CE  1 
ATOM   282 C  CE  B MET A 1 51 ? -6.478  12.201  -2.919  0.70 20.64 ? 358  MET A CE  1 
ATOM   283 N  N   . GLN A 1 52 ? -5.707  7.771   1.478   1.00 7.39  ? 359  GLN A N   1 
ATOM   284 C  CA  . GLN A 1 52 ? -6.650  6.733   1.885   1.00 7.76  ? 359  GLN A CA  1 
ATOM   285 C  C   . GLN A 1 52 ? -5.918  5.454   2.167   1.00 6.70  ? 359  GLN A C   1 
ATOM   286 O  O   . GLN A 1 52 ? -4.950  5.140   1.476   1.00 6.93  ? 359  GLN A O   1 
ATOM   287 C  CB  . GLN A 1 52 ? -7.663  6.422   0.761   1.00 9.00  ? 359  GLN A CB  1 
ATOM   288 C  CG  . GLN A 1 52 ? -8.836  5.552   1.185   1.00 14.31 ? 359  GLN A CG  1 
ATOM   289 C  CD  . GLN A 1 52 ? -9.890  5.394   0.106   1.00 18.65 ? 359  GLN A CD  1 
ATOM   290 O  OE1 . GLN A 1 52 ? -9.789  5.969   -0.983  1.00 20.32 ? 359  GLN A OE1 1 
ATOM   291 N  NE2 . GLN A 1 52 ? -10.926 4.619   0.416   1.00 19.95 ? 359  GLN A NE2 1 
ATOM   292 N  N   . ILE A 1 53 ? -6.380  4.726   3.183   1.00 6.56  ? 360  ILE A N   1 
ATOM   293 C  CA  . ILE A 1 53 ? -5.932  3.367   3.445   1.00 7.31  ? 360  ILE A CA  1 
ATOM   294 C  C   . ILE A 1 53 ? -7.198  2.547   3.609   1.00 8.13  ? 360  ILE A C   1 
ATOM   295 O  O   . ILE A 1 53 ? -8.008  2.800   4.501   1.00 9.53  ? 360  ILE A O   1 
ATOM   296 C  CB  . ILE A 1 53 ? -5.060  3.262   4.710   1.00 6.87  ? 360  ILE A CB  1 
ATOM   297 C  CG1 . ILE A 1 53 ? -3.785  4.087   4.581   1.00 7.44  ? 360  ILE A CG1 1 
ATOM   298 C  CG2 . ILE A 1 53 ? -4.741  1.780   5.031   1.00 8.95  ? 360  ILE A CG2 1 
ATOM   299 C  CD1 . ILE A 1 53 ? -2.971  4.191   5.865   1.00 8.75  ? 360  ILE A CD1 1 
ATOM   300 N  N   . ASN A 1 54 ? -7.363  1.571   2.731   1.00 8.30  ? 361  ASN A N   1 
ATOM   301 C  CA  A ASN A 1 54 ? -8.569  0.758   2.687   0.50 9.81  ? 361  ASN A CA  1 
ATOM   302 C  CA  B ASN A 1 54 ? -8.568  0.751   2.723   0.50 9.97  ? 361  ASN A CA  1 
ATOM   303 C  C   . ASN A 1 54 ? -8.173  -0.715  2.784   1.00 9.68  ? 361  ASN A C   1 
ATOM   304 O  O   . ASN A 1 54 ? -7.391  -1.186  1.975   1.00 10.49 ? 361  ASN A O   1 
ATOM   305 C  CB  A ASN A 1 54 ? -9.291  1.059   1.364   0.50 10.76 ? 361  ASN A CB  1 
ATOM   306 C  CB  B ASN A 1 54 ? -9.391  1.051   1.461   0.50 11.13 ? 361  ASN A CB  1 
ATOM   307 C  CG  A ASN A 1 54 ? -10.689 0.491   1.300   0.50 12.88 ? 361  ASN A CG  1 
ATOM   308 C  CG  B ASN A 1 54 ? -10.815 0.537   1.544   0.50 14.15 ? 361  ASN A CG  1 
ATOM   309 O  OD1 A ASN A 1 54 ? -10.899 -0.697  1.518   0.50 13.14 ? 361  ASN A OD1 1 
ATOM   310 O  OD1 B ASN A 1 54 ? -11.221 -0.042  2.544   0.50 16.21 ? 361  ASN A OD1 1 
ATOM   311 N  ND2 A ASN A 1 54 ? -11.661 1.344   0.966   0.50 15.54 ? 361  ASN A ND2 1 
ATOM   312 N  ND2 B ASN A 1 54 ? -11.588 0.763   0.480   0.50 17.29 ? 361  ASN A ND2 1 
ATOM   313 N  N   . ILE A 1 55 ? -8.706  -1.427  3.767   1.00 9.63  ? 362  ILE A N   1 
ATOM   314 C  CA  . ILE A 1 55 ? -8.399  -2.837  3.976   1.00 10.74 ? 362  ILE A CA  1 
ATOM   315 C  C   . ILE A 1 55 ? -9.645  -3.658  3.739   1.00 10.07 ? 362  ILE A C   1 
ATOM   316 O  O   . ILE A 1 55 ? -10.673 -3.447  4.383   1.00 11.12 ? 362  ILE A O   1 
ATOM   317 C  CB  . ILE A 1 55 ? -7.860  -3.099  5.412   1.00 11.98 ? 362  ILE A CB  1 
ATOM   318 C  CG1 . ILE A 1 55 ? -6.611  -2.258  5.678   1.00 14.03 ? 362  ILE A CG1 1 
ATOM   319 C  CG2 . ILE A 1 55 ? -7.553  -4.595  5.627   1.00 14.66 ? 362  ILE A CG2 1 
ATOM   320 C  CD1 . ILE A 1 55 ? -6.323  -2.041  7.143   1.00 19.07 ? 362  ILE A CD1 1 
ATOM   321 N  N   . LYS A 1 56 ? -9.544  -4.617  2.831   1.00 9.21  ? 363  LYS A N   1 
ATOM   322 C  CA  . LYS A 1 56 ? -10.646 -5.506  2.504   1.00 10.16 ? 363  LYS A CA  1 
ATOM   323 C  C   . LYS A 1 56 ? -10.293 -6.909  2.997   1.00 10.96 ? 363  LYS A C   1 
ATOM   324 O  O   . LYS A 1 56 ? -9.270  -7.071  3.673   1.00 11.30 ? 363  LYS A O   1 
ATOM   325 C  CB  . LYS A 1 56 ? -10.932 -5.464  0.997   1.00 11.32 ? 363  LYS A CB  1 
ATOM   326 C  CG  . LYS A 1 56 ? -11.582 -4.133  0.546   1.00 13.47 ? 363  LYS A CG  1 
ATOM   327 C  CD  . LYS A 1 56 ? -13.107 -4.203  0.741   1.00 18.79 ? 363  LYS A CD  1 
ATOM   328 C  CE  . LYS A 1 56 ? -13.816 -2.870  0.510   1.00 20.10 ? 363  LYS A CE  1 
ATOM   329 N  NZ  . LYS A 1 56 ? -13.503 -1.885  1.582   1.00 22.39 ? 363  LYS A NZ  1 
ATOM   330 N  N   . ASN A 1 57 ? -11.123 -7.897  2.690   1.00 12.24 ? 364  ASN A N   1 
ATOM   331 C  CA  . ASN A 1 57 ? -10.909 -9.240  3.210   1.00 13.83 ? 364  ASN A CA  1 
ATOM   332 C  C   . ASN A 1 57 ? -9.586  -9.853  2.787   1.00 14.29 ? 364  ASN A C   1 
ATOM   333 O  O   . ASN A 1 57 ? -8.911  -10.469 3.627   1.00 15.75 ? 364  ASN A O   1 
ATOM   334 C  CB  . ASN A 1 57 ? -12.036 -10.185 2.773   1.00 14.65 ? 364  ASN A CB  1 
ATOM   335 C  CG  . ASN A 1 57 ? -13.315 -10.041 3.584   1.00 16.57 ? 364  ASN A CG  1 
ATOM   336 O  OD1 . ASN A 1 57 ? -13.402 -9.289  4.571   1.00 20.88 ? 364  ASN A OD1 1 
ATOM   337 N  ND2 . ASN A 1 57 ? -14.323 -10.763 3.158   1.00 16.96 ? 364  ASN A ND2 1 
ATOM   338 N  N   . ALA A 1 58 ? -9.234  -9.714  1.506   1.00 13.39 ? 365  ALA A N   1 
ATOM   339 C  CA  . ALA A 1 58 ? -8.113  -10.442 0.917   1.00 13.74 ? 365  ALA A CA  1 
ATOM   340 C  C   . ALA A 1 58 ? -7.053  -9.512  0.336   1.00 12.84 ? 365  ALA A C   1 
ATOM   341 O  O   . ALA A 1 58 ? -6.055  -9.991  -0.207  1.00 14.16 ? 365  ALA A O   1 
ATOM   342 C  CB  . ALA A 1 58 ? -8.599  -11.415 -0.157  1.00 15.39 ? 365  ALA A CB  1 
ATOM   343 N  N   . PHE A 1 59 ? -7.242  -8.193  0.454   1.00 11.35 ? 366  PHE A N   1 
ATOM   344 C  CA  . PHE A 1 59 ? -6.328  -7.207  -0.149  1.00 9.96  ? 366  PHE A CA  1 
ATOM   345 C  C   . PHE A 1 59 ? -6.594  -5.850  0.480   1.00 8.92  ? 366  PHE A C   1 
ATOM   346 O  O   . PHE A 1 59 ? -7.575  -5.684  1.208   1.00 9.19  ? 366  PHE A O   1 
ATOM   347 C  CB  . PHE A 1 59 ? -6.555  -7.151  -1.674  1.00 10.86 ? 366  PHE A CB  1 
ATOM   348 C  CG  . PHE A 1 59 ? -7.853  -6.508  -2.078  1.00 12.16 ? 366  PHE A CG  1 
ATOM   349 C  CD1 . PHE A 1 59 ? -7.895  -5.156  -2.421  1.00 14.75 ? 366  PHE A CD1 1 
ATOM   350 C  CD2 . PHE A 1 59 ? -9.028  -7.249  -2.111  1.00 14.60 ? 366  PHE A CD2 1 
ATOM   351 C  CE1 . PHE A 1 59 ? -9.093  -4.557  -2.786  1.00 16.16 ? 366  PHE A CE1 1 
ATOM   352 C  CE2 . PHE A 1 59 ? -10.234 -6.652  -2.480  1.00 14.24 ? 366  PHE A CE2 1 
ATOM   353 C  CZ  . PHE A 1 59 ? -10.253 -5.299  -2.811  1.00 15.70 ? 366  PHE A CZ  1 
ATOM   354 N  N   . GLY A 1 60 ? -5.742  -4.883  0.185   1.00 8.09  ? 367  GLY A N   1 
ATOM   355 C  CA  . GLY A 1 60 ? -5.997  -3.507  0.571   1.00 7.89  ? 367  GLY A CA  1 
ATOM   356 C  C   . GLY A 1 60 ? -5.442  -2.566  -0.470  1.00 7.35  ? 367  GLY A C   1 
ATOM   357 O  O   . GLY A 1 60 ? -4.835  -2.985  -1.469  1.00 7.91  ? 367  GLY A O   1 
ATOM   358 N  N   . PHE A 1 61 ? -5.617  -1.276  -0.231  1.00 7.06  ? 368  PHE A N   1 
ATOM   359 C  CA  . PHE A 1 61 ? -4.951  -0.291  -1.047  1.00 7.61  ? 368  PHE A CA  1 
ATOM   360 C  C   . PHE A 1 61 ? -4.533  0.925   -0.276  1.00 6.60  ? 368  PHE A C   1 
ATOM   361 O  O   . PHE A 1 61 ? -5.122  1.262   0.775   1.00 6.45  ? 368  PHE A O   1 
ATOM   362 C  CB  . PHE A 1 61 ? -5.723  0.074   -2.310  1.00 10.20 ? 368  PHE A CB  1 
ATOM   363 C  CG  . PHE A 1 61 ? -6.960  0.857   -2.079  1.00 11.40 ? 368  PHE A CG  1 
ATOM   364 C  CD1 . PHE A 1 61 ? -6.888  2.240   -1.915  1.00 13.61 ? 368  PHE A CD1 1 
ATOM   365 C  CD2 . PHE A 1 61 ? -8.215  0.257   -2.156  1.00 14.20 ? 368  PHE A CD2 1 
ATOM   366 C  CE1 . PHE A 1 61 ? -8.037  3.001   -1.746  1.00 15.74 ? 368  PHE A CE1 1 
ATOM   367 C  CE2 . PHE A 1 61 ? -9.375  1.026   -1.999  1.00 14.26 ? 368  PHE A CE2 1 
ATOM   368 C  CZ  . PHE A 1 61 ? -9.272  2.394   -1.801  1.00 16.87 ? 368  PHE A CZ  1 
ATOM   369 N  N   . ILE A 1 62 ? -3.520  1.590   -0.804  1.00 5.92  ? 369  ILE A N   1 
ATOM   370 C  CA  . ILE A 1 62 ? -3.082  2.882   -0.294  1.00 6.77  ? 369  ILE A CA  1 
ATOM   371 C  C   . ILE A 1 62 ? -3.163  3.871   -1.441  1.00 5.57  ? 369  ILE A C   1 
ATOM   372 O  O   . ILE A 1 62 ? -2.528  3.685   -2.476  1.00 5.78  ? 369  ILE A O   1 
ATOM   373 C  CB  . ILE A 1 62 ? -1.680  2.829   0.326   1.00 7.03  ? 369  ILE A CB  1 
ATOM   374 C  CG1 . ILE A 1 62 ? -1.722  1.896   1.558   1.00 9.66  ? 369  ILE A CG1 1 
ATOM   375 C  CG2 . ILE A 1 62 ? -1.205  4.233   0.717   1.00 7.89  ? 369  ILE A CG2 1 
ATOM   376 C  CD1 . ILE A 1 62 ? -0.419  1.755   2.295   1.00 11.56 ? 369  ILE A CD1 1 
ATOM   377 N  N   . GLN A 1 63 ? -3.955  4.921   -1.262  1.00 6.30  ? 370  GLN A N   1 
ATOM   378 C  CA  . GLN A 1 63 ? -4.023  5.984   -2.268  1.00 6.26  ? 370  GLN A CA  1 
ATOM   379 C  C   . GLN A 1 63 ? -2.992  7.032   -1.911  1.00 6.66  ? 370  GLN A C   1 
ATOM   380 O  O   . GLN A 1 63 ? -3.111  7.675   -0.852  1.00 7.47  ? 370  GLN A O   1 
ATOM   381 C  CB  . GLN A 1 63 ? -5.437  6.607   -2.299  1.00 7.33  ? 370  GLN A CB  1 
ATOM   382 C  CG  . GLN A 1 63 ? -5.608  7.675   -3.370  1.00 8.55  ? 370  GLN A CG  1 
ATOM   383 C  CD  . GLN A 1 63 ? -5.622  7.100   -4.764  1.00 8.79  ? 370  GLN A CD  1 
ATOM   384 O  OE1 . GLN A 1 63 ? -6.487  6.288   -5.099  1.00 9.57  ? 370  GLN A OE1 1 
ATOM   385 N  NE2 . GLN A 1 63 ? -4.684  7.527   -5.606  1.00 10.36 ? 370  GLN A NE2 1 
ATOM   386 N  N   . PHE A 1 64 ? -2.005  7.228   -2.787  1.00 6.84  ? 371  PHE A N   1 
ATOM   387 C  CA  . PHE A 1 64 ? -1.092  8.358   -2.693  1.00 7.81  ? 371  PHE A CA  1 
ATOM   388 C  C   . PHE A 1 64 ? -1.601  9.480   -3.604  1.00 8.08  ? 371  PHE A C   1 
ATOM   389 O  O   . PHE A 1 64 ? -2.605  9.327   -4.302  1.00 8.63  ? 371  PHE A O   1 
ATOM   390 C  CB  . PHE A 1 64 ? 0.308   7.942   -3.130  1.00 7.78  ? 371  PHE A CB  1 
ATOM   391 C  CG  . PHE A 1 64 ? 1.002   6.953   -2.219  1.00 7.14  ? 371  PHE A CG  1 
ATOM   392 C  CD1 . PHE A 1 64 ? 1.715   7.387   -1.091  1.00 7.47  ? 371  PHE A CD1 1 
ATOM   393 C  CD2 . PHE A 1 64 ? 1.032   5.598   -2.531  1.00 7.81  ? 371  PHE A CD2 1 
ATOM   394 C  CE1 . PHE A 1 64 ? 2.417   6.498   -0.290  1.00 7.23  ? 371  PHE A CE1 1 
ATOM   395 C  CE2 . PHE A 1 64 ? 1.725   4.703   -1.717  1.00 9.82  ? 371  PHE A CE2 1 
ATOM   396 C  CZ  . PHE A 1 64 ? 2.442   5.168   -0.602  1.00 9.13  ? 371  PHE A CZ  1 
ATOM   397 N  N   . ASP A 1 65 ? -0.913  10.618  -3.612  1.00 9.38  ? 372  ASP A N   1 
ATOM   398 C  CA  . ASP A 1 65 ? -1.347  11.707  -4.490  1.00 10.00 ? 372  ASP A CA  1 
ATOM   399 C  C   . ASP A 1 65 ? -0.536  11.816  -5.787  1.00 10.36 ? 372  ASP A C   1 
ATOM   400 O  O   . ASP A 1 65 ? -0.752  12.716  -6.591  1.00 11.24 ? 372  ASP A O   1 
ATOM   401 C  CB  . ASP A 1 65 ? -1.419  13.056  -3.749  1.00 11.08 ? 372  ASP A CB  1 
ATOM   402 C  CG  . ASP A 1 65 ? -0.082  13.499  -3.157  1.00 11.18 ? 372  ASP A CG  1 
ATOM   403 O  OD1 . ASP A 1 65 ? -0.092  14.533  -2.467  1.00 13.44 ? 372  ASP A OD1 1 
ATOM   404 O  OD2 . ASP A 1 65 ? 0.978   12.868  -3.373  1.00 13.37 ? 372  ASP A OD2 1 
ATOM   405 N  N   . ASN A 1 66 ? 0.381   10.875  -6.004  1.00 9.12  ? 373  ASN A N   1 
ATOM   406 C  CA  . ASN A 1 66 ? 1.233   10.931  -7.192  1.00 9.30  ? 373  ASN A CA  1 
ATOM   407 C  C   . ASN A 1 66 ? 1.745   9.532   -7.531  1.00 8.30  ? 373  ASN A C   1 
ATOM   408 O  O   . ASN A 1 66 ? 1.789   8.662   -6.654  1.00 8.58  ? 373  ASN A O   1 
ATOM   409 C  CB  . ASN A 1 66 ? 2.419   11.881  -6.953  1.00 9.24  ? 373  ASN A CB  1 
ATOM   410 C  CG  . ASN A 1 66 ? 3.416   11.289  -6.006  1.00 8.62  ? 373  ASN A CG  1 
ATOM   411 O  OD1 . ASN A 1 66 ? 4.363   10.632  -6.437  1.00 8.92  ? 373  ASN A OD1 1 
ATOM   412 N  ND2 . ASN A 1 66 ? 3.168   11.421  -4.712  1.00 10.36 ? 373  ASN A ND2 1 
ATOM   413 N  N   . PRO A 1 67 ? 2.138   9.301   -8.790  1.00 8.48  ? 374  PRO A N   1 
ATOM   414 C  CA  . PRO A 1 67 ? 2.540   7.949   -9.181  1.00 8.44  ? 374  PRO A CA  1 
ATOM   415 C  C   . PRO A 1 67 ? 3.942   7.546   -8.727  1.00 7.39  ? 374  PRO A C   1 
ATOM   416 O  O   . PRO A 1 67 ? 4.211   6.343   -8.596  1.00 7.24  ? 374  PRO A O   1 
ATOM   417 C  CB  . PRO A 1 67 ? 2.435   7.981   -10.715 1.00 9.03  ? 374  PRO A CB  1 
ATOM   418 C  CG  . PRO A 1 67 ? 2.644   9.428   -11.074 1.00 10.97 ? 374  PRO A CG  1 
ATOM   419 C  CD  . PRO A 1 67 ? 1.960   10.187  -9.953  1.00 10.47 ? 374  PRO A CD  1 
ATOM   420 N  N   . GLN A 1 68 ? 4.831   8.508   -8.515  1.00 7.49  ? 375  GLN A N   1 
ATOM   421 C  CA  . GLN A 1 68 ? 6.192   8.175   -8.104  1.00 7.11  ? 375  GLN A CA  1 
ATOM   422 C  C   . GLN A 1 68 ? 6.171   7.448   -6.759  1.00 7.02  ? 375  GLN A C   1 
ATOM   423 O  O   . GLN A 1 68 ? 6.921   6.501   -6.557  1.00 6.76  ? 375  GLN A O   1 
ATOM   424 C  CB  . GLN A 1 68 ? 7.055   9.422   -8.033  1.00 8.20  ? 375  GLN A CB  1 
ATOM   425 C  CG  . GLN A 1 68 ? 8.532   9.146   -7.727  1.00 9.09  ? 375  GLN A CG  1 
ATOM   426 C  CD  . GLN A 1 68 ? 9.235   8.481   -8.869  1.00 11.68 ? 375  GLN A CD  1 
ATOM   427 O  OE1 . GLN A 1 68 ? 9.334   9.042   -9.950  1.00 14.35 ? 375  GLN A OE1 1 
ATOM   428 N  NE2 . GLN A 1 68 ? 9.699   7.253   -8.646  1.00 14.22 ? 375  GLN A NE2 1 
ATOM   429 N  N   . SER A 1 69 ? 5.317   7.880   -5.841  1.00 6.64  ? 376  SER A N   1 
ATOM   430 C  CA  . SER A 1 69 ? 5.221   7.249   -4.538  1.00 6.42  ? 376  SER A CA  1 
ATOM   431 C  C   . SER A 1 69 ? 4.899   5.769   -4.651  1.00 5.96  ? 376  SER A C   1 
ATOM   432 O  O   . SER A 1 69 ? 5.459   4.949   -3.918  1.00 6.09  ? 376  SER A O   1 
ATOM   433 C  CB  . SER A 1 69 ? 4.151   7.938   -3.701  1.00 6.72  ? 376  SER A CB  1 
ATOM   434 O  OG  . SER A 1 69 ? 4.535   9.264   -3.411  1.00 8.38  ? 376  SER A OG  1 
ATOM   435 N  N   . VAL A 1 70 ? 3.976   5.431   -5.553  1.00 5.30  ? 377  VAL A N   1 
ATOM   436 C  CA  . VAL A 1 70 ? 3.606   4.035   -5.777  1.00 6.19  ? 377  VAL A CA  1 
ATOM   437 C  C   . VAL A 1 70 ? 4.802   3.243   -6.304  1.00 5.76  ? 377  VAL A C   1 
ATOM   438 O  O   . VAL A 1 70 ? 5.100   2.136   -5.806  1.00 6.72  ? 377  VAL A O   1 
ATOM   439 C  CB  . VAL A 1 70 ? 2.402   3.910   -6.720  1.00 5.84  ? 377  VAL A CB  1 
ATOM   440 C  CG1 . VAL A 1 70 ? 2.091   2.448   -7.027  1.00 7.66  ? 377  VAL A CG1 1 
ATOM   441 C  CG2 . VAL A 1 70 ? 1.192   4.599   -6.130  1.00 7.60  ? 377  VAL A CG2 1 
ATOM   442 N  N   . ARG A 1 71 ? 5.470   3.782   -7.329  1.00 6.71  ? 378  ARG A N   1 
ATOM   443 C  CA  . ARG A 1 71 ? 6.649   3.089   -7.864  1.00 7.23  ? 378  ARG A CA  1 
ATOM   444 C  C   . ARG A 1 71 ? 7.710   2.847   -6.795  1.00 7.22  ? 378  ARG A C   1 
ATOM   445 O  O   . ARG A 1 71 ? 8.291   1.746   -6.714  1.00 7.40  ? 378  ARG A O   1 
ATOM   446 C  CB  . ARG A 1 71 ? 7.279   3.889   -9.000  1.00 8.20  ? 378  ARG A CB  1 
ATOM   447 C  CG  . ARG A 1 71 ? 6.345   4.026   -10.202 1.00 8.58  ? 378  ARG A CG  1 
ATOM   448 C  CD  . ARG A 1 71 ? 7.079   4.485   -11.432 1.00 13.22 ? 378  ARG A CD  1 
ATOM   449 N  NE  . ARG A 1 71 ? 7.600   5.840   -11.329 1.00 13.42 ? 378  ARG A NE  1 
ATOM   450 C  CZ  . ARG A 1 71 ? 6.945   6.915   -11.759 1.00 14.76 ? 378  ARG A CZ  1 
ATOM   451 N  NH1 . ARG A 1 71 ? 5.735   6.780   -12.241 1.00 15.63 ? 378  ARG A NH1 1 
ATOM   452 N  NH2 . ARG A 1 71 ? 7.473   8.115   -11.658 1.00 14.65 ? 378  ARG A NH2 1 
ATOM   453 N  N   . ASP A 1 72 ? 7.945   3.862   -5.967  1.00 6.87  ? 379  ASP A N   1 
ATOM   454 C  CA  . ASP A 1 72 ? 8.955   3.771   -4.916  1.00 7.26  ? 379  ASP A CA  1 
ATOM   455 C  C   . ASP A 1 72 ? 8.561   2.750   -3.862  1.00 6.85  ? 379  ASP A C   1 
ATOM   456 O  O   . ASP A 1 72 ? 9.413   1.972   -3.408  1.00 7.44  ? 379  ASP A O   1 
ATOM   457 C  CB  . ASP A 1 72 ? 9.194   5.135   -4.254  1.00 8.15  ? 379  ASP A CB  1 
ATOM   458 C  CG  . ASP A 1 72 ? 9.857   6.146   -5.170  1.00 8.82  ? 379  ASP A CG  1 
ATOM   459 O  OD1 . ASP A 1 72 ? 9.927   7.320   -4.745  1.00 10.77 ? 379  ASP A OD1 1 
ATOM   460 O  OD2 . ASP A 1 72 ? 10.312  5.784   -6.273  1.00 9.72  ? 379  ASP A OD2 1 
ATOM   461 N  N   . ALA A 1 73 ? 7.291   2.731   -3.469  1.00 7.05  ? 380  ALA A N   1 
ATOM   462 C  CA  . ALA A 1 73 ? 6.810   1.740   -2.489  1.00 7.23  ? 380  ALA A CA  1 
ATOM   463 C  C   . ALA A 1 73 ? 7.001   0.321   -3.022  1.00 6.69  ? 380  ALA A C   1 
ATOM   464 O  O   . ALA A 1 73 ? 7.449   -0.587  -2.296  1.00 7.05  ? 380  ALA A O   1 
ATOM   465 C  CB  . ALA A 1 73 ? 5.363   1.993   -2.156  1.00 7.83  ? 380  ALA A CB  1 
ATOM   466 N  N   . ILE A 1 74 ? 6.686   0.099   -4.299  1.00 6.73  ? 381  ILE A N   1 
ATOM   467 C  CA  . ILE A 1 74 ? 6.864   -1.215  -4.881  1.00 7.16  ? 381  ILE A CA  1 
ATOM   468 C  C   . ILE A 1 74 ? 8.339   -1.607  -4.908  1.00 7.85  ? 381  ILE A C   1 
ATOM   469 O  O   . ILE A 1 74 ? 8.711   -2.736  -4.534  1.00 8.55  ? 381  ILE A O   1 
ATOM   470 C  CB  . ILE A 1 74 ? 6.255   -1.268  -6.296  1.00 6.69  ? 381  ILE A CB  1 
ATOM   471 C  CG1 . ILE A 1 74 ? 4.730   -1.101  -6.218  1.00 7.11  ? 381  ILE A CG1 1 
ATOM   472 C  CG2 . ILE A 1 74 ? 6.627   -2.574  -7.023  1.00 8.90  ? 381  ILE A CG2 1 
ATOM   473 C  CD1 . ILE A 1 74 ? 4.074   -0.771  -7.585  1.00 8.70  ? 381  ILE A CD1 1 
ATOM   474 N  N   . GLU A 1 75 ? 9.182   -0.684  -5.352  1.00 7.85  ? 382  GLU A N   1 
ATOM   475 C  CA  . GLU A 1 75 ? 10.607  -0.942  -5.441  1.00 8.94  ? 382  GLU A CA  1 
ATOM   476 C  C   . GLU A 1 75 ? 11.195  -1.321  -4.093  1.00 8.43  ? 382  GLU A C   1 
ATOM   477 O  O   . GLU A 1 75 ? 12.003  -2.254  -4.007  1.00 9.62  ? 382  GLU A O   1 
ATOM   478 C  CB  . GLU A 1 75 ? 11.325  0.271   -6.027  1.00 9.04  ? 382  GLU A CB  1 
ATOM   479 C  CG  . GLU A 1 75 ? 12.848  0.084   -6.136  1.00 11.34 ? 382  GLU A CG  1 
ATOM   480 C  CD  . GLU A 1 75 ? 13.582  1.324   -6.613  1.00 13.66 ? 382  GLU A CD  1 
ATOM   481 O  OE1 . GLU A 1 75 ? 12.951  2.226   -7.194  1.00 14.79 ? 382  GLU A OE1 1 
ATOM   482 O  OE2 . GLU A 1 75 ? 14.818  1.383   -6.423  1.00 16.09 ? 382  GLU A OE2 1 
HETATM 483 N  N   . CAF A 1 76 ? 10.801  -0.596  -3.059  1.00 8.05  ? 383  CAF A N   1 
HETATM 484 C  CA  . CAF A 1 76 ? 11.485  -0.704  -1.778  1.00 8.49  ? 383  CAF A CA  1 
HETATM 485 C  CB  . CAF A 1 76 ? 11.514  0.663   -1.136  1.00 7.89  ? 383  CAF A CB  1 
HETATM 486 C  C   . CAF A 1 76 ? 10.873  -1.694  -0.800  1.00 8.96  ? 383  CAF A C   1 
HETATM 487 O  O   . CAF A 1 76 ? 11.571  -2.124  0.125   1.00 10.86 ? 383  CAF A O   1 
HETATM 488 S  SG  . CAF A 1 76 ? 12.587  1.824   -1.981  1.00 10.84 ? 383  CAF A SG  1 
HETATM 489 AS AS  . CAF A 1 76 ? 14.599  0.949   -1.418  0.65 11.94 ? 383  CAF A AS  1 
HETATM 490 C  CE1 . CAF A 1 76 ? 15.049  0.638   0.481   0.65 18.16 ? 383  CAF A CE1 1 
HETATM 491 C  CE2 . CAF A 1 76 ? 15.177  -0.498  -2.653  0.65 18.15 ? 383  CAF A CE2 1 
HETATM 492 O  O1  . CAF A 1 76 ? 15.625  2.516   -1.977  0.65 16.08 ? 383  CAF A O1  1 
ATOM   493 N  N   . GLU A 1 77 ? 9.589   -2.022  -0.954  1.00 7.29  ? 384  GLU A N   1 
ATOM   494 C  CA  . GLU A 1 77 ? 8.901   -2.845  0.058   1.00 7.88  ? 384  GLU A CA  1 
ATOM   495 C  C   . GLU A 1 77 ? 8.572   -4.249  -0.429  1.00 7.79  ? 384  GLU A C   1 
ATOM   496 O  O   . GLU A 1 77 ? 8.133   -5.067  0.372   1.00 8.64  ? 384  GLU A O   1 
ATOM   497 C  CB  . GLU A 1 77 ? 7.630   -2.155  0.563   1.00 7.24  ? 384  GLU A CB  1 
ATOM   498 C  CG  . GLU A 1 77 ? 7.889   -0.854  1.300   1.00 7.53  ? 384  GLU A CG  1 
ATOM   499 C  CD  . GLU A 1 77 ? 8.693   -1.033  2.568   1.00 6.70  ? 384  GLU A CD  1 
ATOM   500 O  OE1 . GLU A 1 77 ? 8.644   -2.121  3.190   1.00 7.68  ? 384  GLU A OE1 1 
ATOM   501 O  OE2 . GLU A 1 77 ? 9.363   -0.070  2.983   1.00 8.39  ? 384  GLU A OE2 1 
ATOM   502 N  N   . SER A 1 78 ? 8.822   -4.558  -1.703  1.00 8.89  ? 385  SER A N   1 
ATOM   503 C  CA  . SER A 1 78 ? 8.387   -5.852  -2.260  1.00 10.20 ? 385  SER A CA  1 
ATOM   504 C  C   . SER A 1 78 ? 9.114   -7.049  -1.681  1.00 11.18 ? 385  SER A C   1 
ATOM   505 O  O   . SER A 1 78 ? 8.602   -8.166  -1.726  1.00 12.14 ? 385  SER A O   1 
ATOM   506 C  CB  . SER A 1 78 ? 8.481   -5.878  -3.787  1.00 10.39 ? 385  SER A CB  1 
ATOM   507 O  OG  . SER A 1 78 ? 7.461   -5.102  -4.361  1.00 11.57 ? 385  SER A OG  1 
ATOM   508 N  N   . GLN A 1 79 ? 10.312  -6.842  -1.144  1.00 10.99 ? 386  GLN A N   1 
ATOM   509 C  CA  . GLN A 1 79 ? 11.075  -7.943  -0.570  1.00 12.56 ? 386  GLN A CA  1 
ATOM   510 C  C   . GLN A 1 79 ? 11.141  -7.895  0.954   1.00 12.37 ? 386  GLN A C   1 
ATOM   511 O  O   . GLN A 1 79 ? 11.809  -8.730  1.577   1.00 14.00 ? 386  GLN A O   1 
ATOM   512 C  CB  . GLN A 1 79 ? 12.490  -7.999  -1.155  1.00 14.07 ? 386  GLN A CB  1 
ATOM   513 C  CG  . GLN A 1 79 ? 12.526  -8.430  -2.621  1.00 16.63 ? 386  GLN A CG  1 
ATOM   514 C  CD  . GLN A 1 79 ? 11.992  -9.837  -2.824  1.00 17.81 ? 386  GLN A CD  1 
ATOM   515 O  OE1 . GLN A 1 79 ? 12.308  -10.743 -2.060  1.00 19.52 ? 386  GLN A OE1 1 
ATOM   516 N  NE2 . GLN A 1 79 ? 11.171  -10.020 -3.854  1.00 20.42 ? 386  GLN A NE2 1 
ATOM   517 N  N   . GLU A 1 80 ? 10.437  -6.937  1.559   1.00 10.37 ? 387  GLU A N   1 
ATOM   518 C  CA  . GLU A 1 80 ? 10.446  -6.785  3.009   1.00 10.48 ? 387  GLU A CA  1 
ATOM   519 C  C   . GLU A 1 80 ? 9.385   -7.638  3.660   1.00 10.56 ? 387  GLU A C   1 
ATOM   520 O  O   . GLU A 1 80 ? 8.345   -7.910  3.062   1.00 10.15 ? 387  GLU A O   1 
ATOM   521 C  CB  . GLU A 1 80 ? 10.206  -5.327  3.401   1.00 10.01 ? 387  GLU A CB  1 
ATOM   522 C  CG  . GLU A 1 80 ? 11.211  -4.354  2.825   1.00 10.83 ? 387  GLU A CG  1 
ATOM   523 C  CD  . GLU A 1 80 ? 12.639  -4.762  3.124   1.00 11.66 ? 387  GLU A CD  1 
ATOM   524 O  OE1 . GLU A 1 80 ? 13.001  -4.762  4.306   1.00 12.77 ? 387  GLU A OE1 1 
ATOM   525 O  OE2 . GLU A 1 80 ? 13.379  -5.113  2.180   1.00 14.13 ? 387  GLU A OE2 1 
ATOM   526 N  N   . MET A 1 81 ? 9.642   -8.040  4.895   1.00 10.95 ? 388  MET A N   1 
ATOM   527 C  CA  A MET A 1 81 ? 8.649   -8.691  5.711   0.50 11.48 ? 388  MET A CA  1 
ATOM   528 C  CA  B MET A 1 81 ? 8.619   -8.699  5.686   0.50 11.29 ? 388  MET A CA  1 
ATOM   529 C  C   . MET A 1 81 ? 7.850   -7.613  6.434   1.00 10.82 ? 388  MET A C   1 
ATOM   530 O  O   . MET A 1 81 ? 8.380   -6.942  7.319   1.00 11.65 ? 388  MET A O   1 
ATOM   531 C  CB  A MET A 1 81 ? 9.359   -9.626  6.692   0.50 12.83 ? 388  MET A CB  1 
ATOM   532 C  CB  B MET A 1 81 ? 9.217   -9.760  6.628   0.50 12.65 ? 388  MET A CB  1 
ATOM   533 C  CG  A MET A 1 81 ? 10.189  -10.692 5.975   0.50 15.23 ? 388  MET A CG  1 
ATOM   534 C  CG  B MET A 1 81 ? 9.628   -11.077 5.943   0.50 14.15 ? 388  MET A CG  1 
ATOM   535 S  SD  A MET A 1 81 ? 9.158   -11.715 4.869   0.40 18.85 ? 388  MET A SD  1 
ATOM   536 S  SD  B MET A 1 81 ? 8.256   -12.069 5.291   0.60 19.07 ? 388  MET A SD  1 
ATOM   537 C  CE  A MET A 1 81 ? 7.908   -12.232 6.046   0.40 18.65 ? 388  MET A CE  1 
ATOM   538 C  CE  B MET A 1 81 ? 9.109   -13.499 4.620   0.60 19.69 ? 388  MET A CE  1 
ATOM   539 N  N   . ASN A 1 82 ? 6.597   -7.436  6.046   1.00 9.55  ? 389  ASN A N   1 
ATOM   540 C  CA  . ASN A 1 82 ? 5.709   -6.451  6.649   1.00 8.87  ? 389  ASN A CA  1 
ATOM   541 C  C   . ASN A 1 82 ? 4.488   -7.187  7.156   1.00 10.06 ? 389  ASN A C   1 
ATOM   542 O  O   . ASN A 1 82 ? 3.874   -7.953  6.405   1.00 9.27  ? 389  ASN A O   1 
ATOM   543 C  CB  . ASN A 1 82 ? 5.293   -5.408  5.611   1.00 8.49  ? 389  ASN A CB  1 
ATOM   544 C  CG  . ASN A 1 82 ? 6.403   -4.457  5.281   1.00 8.10  ? 389  ASN A CG  1 
ATOM   545 O  OD1 . ASN A 1 82 ? 7.009   -3.862  6.173   1.00 9.50  ? 389  ASN A OD1 1 
ATOM   546 N  ND2 . ASN A 1 82 ? 6.653   -4.265  3.996   1.00 7.55  ? 389  ASN A ND2 1 
ATOM   547 N  N   . PHE A 1 83 ? 4.135   -7.015  8.429   1.00 11.13 ? 390  PHE A N   1 
ATOM   548 C  CA  . PHE A 1 83 ? 3.016   -7.783  9.011   1.00 12.54 ? 390  PHE A CA  1 
ATOM   549 C  C   . PHE A 1 83 ? 3.273   -9.279  8.978   1.00 13.21 ? 390  PHE A C   1 
ATOM   550 O  O   . PHE A 1 83 ? 2.334   -10.080 8.974   1.00 15.59 ? 390  PHE A O   1 
ATOM   551 C  CB  . PHE A 1 83 ? 1.681   -7.473  8.325   1.00 12.87 ? 390  PHE A CB  1 
ATOM   552 C  CG  . PHE A 1 83 ? 1.404   -6.035  8.183   1.00 13.83 ? 390  PHE A CG  1 
ATOM   553 C  CD1 . PHE A 1 83 ? 0.851   -5.324  9.248   1.00 15.42 ? 390  PHE A CD1 1 
ATOM   554 C  CD2 . PHE A 1 83 ? 1.667   -5.378  6.986   1.00 14.23 ? 390  PHE A CD2 1 
ATOM   555 C  CE1 . PHE A 1 83 ? 0.590   -3.987  9.127   1.00 16.88 ? 390  PHE A CE1 1 
ATOM   556 C  CE2 . PHE A 1 83 ? 1.408   -4.033  6.856   1.00 16.86 ? 390  PHE A CE2 1 
ATOM   557 C  CZ  . PHE A 1 83 ? 0.868   -3.329  7.947   1.00 17.34 ? 390  PHE A CZ  1 
ATOM   558 N  N   . GLY A 1 84 ? 4.540   -9.664  8.942   1.00 12.87 ? 391  GLY A N   1 
ATOM   559 C  CA  . GLY A 1 84 ? 4.915   -11.066 8.800   1.00 14.51 ? 391  GLY A CA  1 
ATOM   560 C  C   . GLY A 1 84 ? 4.701   -11.630 7.404   1.00 13.76 ? 391  GLY A C   1 
ATOM   561 O  O   . GLY A 1 84 ? 4.635   -12.850 7.258   1.00 15.21 ? 391  GLY A O   1 
ATOM   562 N  N   . LYS A 1 85 ? 4.604   -10.762 6.388   1.00 12.17 ? 392  LYS A N   1 
ATOM   563 C  CA  . LYS A 1 85 ? 4.326   -11.163 4.992   1.00 12.02 ? 392  LYS A CA  1 
ATOM   564 C  C   . LYS A 1 85 ? 5.240   -10.453 4.007   1.00 11.13 ? 392  LYS A C   1 
ATOM   565 O  O   . LYS A 1 85 ? 5.587   -9.282  4.206   1.00 10.81 ? 392  LYS A O   1 
ATOM   566 C  CB  . LYS A 1 85 ? 2.895   -10.773 4.625   1.00 12.00 ? 392  LYS A CB  1 
ATOM   567 C  CG  . LYS A 1 85 ? 1.784   -11.398 5.455   1.00 13.43 ? 392  LYS A CG  1 
ATOM   568 C  CD  . LYS A 1 85 ? 1.627   -12.887 5.186   1.00 17.32 ? 392  LYS A CD  1 
ATOM   569 C  CE  . LYS A 1 85 ? 0.603   -13.491 6.128   1.00 21.90 ? 392  LYS A CE  1 
ATOM   570 N  NZ  . LYS A 1 85 ? 0.506   -14.961 5.968   1.00 24.65 ? 392  LYS A NZ  1 
ATOM   571 N  N   . LYS A 1 86 ? 5.587   -11.121 2.904   1.00 10.64 ? 393  LYS A N   1 
ATOM   572 C  CA  . LYS A 1 86 ? 6.127   -10.425 1.747   1.00 11.18 ? 393  LYS A CA  1 
ATOM   573 C  C   . LYS A 1 86 ? 4.915   -9.994  0.935   1.00 9.81  ? 393  LYS A C   1 
ATOM   574 O  O   . LYS A 1 86 ? 4.234   -10.817 0.299   1.00 9.05  ? 393  LYS A O   1 
ATOM   575 C  CB  . LYS A 1 86 ? 7.058   -11.332 0.942   1.00 12.80 ? 393  LYS A CB  1 
ATOM   576 C  CG  . LYS A 1 86 ? 8.543   -11.185 1.360   1.00 17.18 ? 393  LYS A CG  1 
ATOM   577 C  CD  . LYS A 1 86 ? 9.502   -12.059 0.559   1.00 21.23 ? 393  LYS A CD  1 
ATOM   578 C  CE  . LYS A 1 86 ? 9.366   -11.829 -0.924  1.00 24.88 ? 393  LYS A CE  1 
ATOM   579 N  NZ  . LYS A 1 86 ? 10.130  -12.883 -1.673  1.00 27.35 ? 393  LYS A NZ  1 
ATOM   580 N  N   . LEU A 1 87 ? 4.586   -8.719  1.020   1.00 7.60  ? 394  LEU A N   1 
ATOM   581 C  CA  . LEU A 1 87 ? 3.346   -8.222  0.412   1.00 7.16  ? 394  LEU A CA  1 
ATOM   582 C  C   . LEU A 1 87 ? 3.411   -8.266  -1.098  1.00 7.40  ? 394  LEU A C   1 
ATOM   583 O  O   . LEU A 1 87 ? 4.477   -8.076  -1.678  1.00 8.78  ? 394  LEU A O   1 
ATOM   584 C  CB  . LEU A 1 87 ? 3.070   -6.799  0.866   1.00 7.27  ? 394  LEU A CB  1 
ATOM   585 C  CG  . LEU A 1 87 ? 2.865   -6.631  2.372   1.00 7.89  ? 394  LEU A CG  1 
ATOM   586 C  CD1 . LEU A 1 87 ? 2.824   -5.140  2.729   1.00 7.70  ? 394  LEU A CD1 1 
ATOM   587 C  CD2 . LEU A 1 87 ? 1.609   -7.330  2.885   1.00 9.39  ? 394  LEU A CD2 1 
ATOM   588 N  N   . ILE A 1 88 ? 2.268   -8.528  -1.717  1.00 6.69  ? 395  ILE A N   1 
ATOM   589 C  CA  . ILE A 1 88 ? 2.101   -8.392  -3.179  1.00 6.53  ? 395  ILE A CA  1 
ATOM   590 C  C   . ILE A 1 88 ? 1.801   -6.921  -3.448  1.00 5.96  ? 395  ILE A C   1 
ATOM   591 O  O   . ILE A 1 88 ? 0.783   -6.416  -2.999  1.00 8.00  ? 395  ILE A O   1 
ATOM   592 C  CB  . ILE A 1 88 ? 0.965   -9.288  -3.699  1.00 6.14  ? 395  ILE A CB  1 
ATOM   593 C  CG1 . ILE A 1 88 ? 1.271   -10.751 -3.383  1.00 7.06  ? 395  ILE A CG1 1 
ATOM   594 C  CG2 . ILE A 1 88 ? 0.772   -9.040  -5.207  1.00 8.41  ? 395  ILE A CG2 1 
ATOM   595 C  CD1 . ILE A 1 88 ? 0.068   -11.655 -3.582  1.00 8.36  ? 395  ILE A CD1 1 
ATOM   596 N  N   . LEU A 1 89 ? 2.697   -6.233  -4.135  1.00 5.86  ? 396  LEU A N   1 
ATOM   597 C  CA  . LEU A 1 89 ? 2.562   -4.788  -4.360  1.00 6.80  ? 396  LEU A CA  1 
ATOM   598 C  C   . LEU A 1 89 ? 2.477   -4.491  -5.838  1.00 6.90  ? 396  LEU A C   1 
ATOM   599 O  O   . LEU A 1 89 ? 3.292   -5.005  -6.617  1.00 8.13  ? 396  LEU A O   1 
ATOM   600 C  CB  . LEU A 1 89 ? 3.750   -4.058  -3.732  1.00 7.09  ? 396  LEU A CB  1 
ATOM   601 C  CG  . LEU A 1 89 ? 3.886   -4.295  -2.219  1.00 6.40  ? 396  LEU A CG  1 
ATOM   602 C  CD1 . LEU A 1 89 ? 5.135   -3.607  -1.708  1.00 8.67  ? 396  LEU A CD1 1 
ATOM   603 C  CD2 . LEU A 1 89 ? 2.653   -3.860  -1.459  1.00 7.06  ? 396  LEU A CD2 1 
ATOM   604 N  N   . GLU A 1 90 ? 1.533   -3.651  -6.243  1.00 5.84  ? 397  GLU A N   1 
ATOM   605 C  CA  . GLU A 1 90 ? 1.337   -3.372  -7.657  1.00 6.11  ? 397  GLU A CA  1 
ATOM   606 C  C   . GLU A 1 90 ? 0.695   -2.009  -7.805  1.00 5.82  ? 397  GLU A C   1 
ATOM   607 O  O   . GLU A 1 90 ? 0.073   -1.491  -6.873  1.00 5.73  ? 397  GLU A O   1 
ATOM   608 C  CB  . GLU A 1 90 ? 0.437   -4.453  -8.296  1.00 6.40  ? 397  GLU A CB  1 
ATOM   609 C  CG  . GLU A 1 90 ? 0.178   -4.343  -9.797  1.00 7.01  ? 397  GLU A CG  1 
ATOM   610 C  CD  . GLU A 1 90 ? 1.437   -4.341  -10.633 1.00 8.26  ? 397  GLU A CD  1 
ATOM   611 O  OE1 . GLU A 1 90 ? 1.752   -5.406  -11.212 1.00 8.46  ? 397  GLU A OE1 1 
ATOM   612 O  OE2 . GLU A 1 90 ? 2.116   -3.282  -10.722 1.00 9.09  ? 397  GLU A OE2 1 
ATOM   613 N  N   . VAL A 1 91 ? 0.856   -1.422  -8.983  1.00 6.04  ? 398  VAL A N   1 
ATOM   614 C  CA  . VAL A 1 91 ? 0.127   -0.205  -9.333  1.00 6.87  ? 398  VAL A CA  1 
ATOM   615 C  C   . VAL A 1 91 ? -1.322  -0.589  -9.589  1.00 7.29  ? 398  VAL A C   1 
ATOM   616 O  O   . VAL A 1 91 ? -1.608  -1.440  -10.438 1.00 8.79  ? 398  VAL A O   1 
ATOM   617 C  CB  . VAL A 1 91 ? 0.710   0.434   -10.609 1.00 7.42  ? 398  VAL A CB  1 
ATOM   618 C  CG1 . VAL A 1 91 ? -0.065  1.692   -10.997 1.00 9.92  ? 398  VAL A CG1 1 
ATOM   619 C  CG2 . VAL A 1 91 ? 2.214   0.727   -10.460 1.00 8.83  ? 398  VAL A CG2 1 
ATOM   620 N  N   . SER A 1 92 ? -2.242  0.001   -8.839  1.00 6.90  ? 399  SER A N   1 
ATOM   621 C  CA  . SER A 1 92 ? -3.653  -0.310  -9.023  1.00 6.70  ? 399  SER A CA  1 
ATOM   622 C  C   . SER A 1 92 ? -4.230  0.417   -10.227 1.00 8.15  ? 399  SER A C   1 
ATOM   623 O  O   . SER A 1 92 ? -3.811  1.533   -10.540 1.00 10.22 ? 399  SER A O   1 
ATOM   624 C  CB  . SER A 1 92 ? -4.451  0.082   -7.771  1.00 6.41  ? 399  SER A CB  1 
ATOM   625 O  OG  . SER A 1 92 ? -5.802  -0.273  -7.905  1.00 6.67  ? 399  SER A OG  1 
ATOM   626 N  N   . SER A 1 93 ? -5.215  -0.192  -10.865 1.00 8.39  ? 400  SER A N   1 
ATOM   627 C  CA  . SER A 1 93 ? -6.020  0.483   -11.897 1.00 10.19 ? 400  SER A CA  1 
ATOM   628 C  C   . SER A 1 93 ? -7.365  0.977   -11.364 1.00 10.57 ? 400  SER A C   1 
ATOM   629 O  O   . SER A 1 93 ? -8.144  1.559   -12.110 1.00 12.88 ? 400  SER A O   1 
ATOM   630 C  CB  . SER A 1 93 ? -6.269  -0.430  -13.109 1.00 12.10 ? 400  SER A CB  1 
ATOM   631 O  OG  . SER A 1 93 ? -7.048  -1.529  -12.728 1.00 15.05 ? 400  SER A OG  1 
ATOM   632 N  N   . SER A 1 94 ? -7.653  0.740   -10.085 1.00 9.75  ? 401  SER A N   1 
ATOM   633 C  CA  . SER A 1 94 ? -8.942  1.129   -9.503  1.00 10.70 ? 401  SER A CA  1 
ATOM   634 C  C   . SER A 1 94 ? -8.967  2.580   -9.036  1.00 11.16 ? 401  SER A C   1 
ATOM   635 O  O   . SER A 1 94 ? -7.977  3.095   -8.507  1.00 11.61 ? 401  SER A O   1 
ATOM   636 C  CB  . SER A 1 94 ? -9.289  0.208   -8.331  1.00 10.52 ? 401  SER A CB  1 
ATOM   637 O  OG  . SER A 1 94 ? -10.572 0.533   -7.808  1.00 13.54 ? 401  SER A OG  1 
ATOM   638 N  N   . ASN A 1 95 ? -10.119 3.217   -9.227  1.00 13.38 ? 402  ASN A N   1 
ATOM   639 C  CA  . ASN A 1 95 ? -10.404 4.552   -8.687  1.00 15.68 ? 402  ASN A CA  1 
ATOM   640 C  C   . ASN A 1 95 ? -11.584 4.517   -7.717  1.00 15.87 ? 402  ASN A C   1 
ATOM   641 O  O   . ASN A 1 95 ? -12.126 5.568   -7.330  1.00 17.38 ? 402  ASN A O   1 
ATOM   642 C  CB  . ASN A 1 95 ? -10.736 5.534   -9.818  1.00 17.52 ? 402  ASN A CB  1 
ATOM   643 C  CG  . ASN A 1 95 ? -9.705  5.527   -10.924 1.00 21.63 ? 402  ASN A CG  1 
ATOM   644 O  OD1 . ASN A 1 95 ? -9.989  5.091   -12.042 1.00 26.29 ? 402  ASN A OD1 1 
ATOM   645 N  ND2 . ASN A 1 95 ? -8.505  6.005   -10.620 1.00 25.07 ? 402  ASN A ND2 1 
ATOM   646 N  N   . ALA A 1 96 ? -12.010 3.315   -7.355  1.00 15.05 ? 403  ALA A N   1 
ATOM   647 C  CA  . ALA A 1 96 ? -13.199 3.132   -6.521  1.00 16.33 ? 403  ALA A CA  1 
ATOM   648 C  C   . ALA A 1 96 ? -12.928 3.375   -5.033  1.00 16.80 ? 403  ALA A C   1 
ATOM   649 O  O   . ALA A 1 96 ? -13.877 3.525   -4.240  1.00 19.16 ? 403  ALA A O   1 
ATOM   650 C  CB  . ALA A 1 96 ? -13.750 1.745   -6.733  1.00 16.35 ? 403  ALA A CB  1 
ATOM   651 N  N   . ARG A 1 97 ? -11.782 3.415   -4.574  1.00 16.70 ? 404  ARG A N   1 
HETATM 652 C  C   . ACT B 2 .  ? 5.148   -4.237  10.542  1.00 24.44 ? 1405 ACT A C   1 
HETATM 653 O  O   . ACT B 2 .  ? 3.913   -4.395  10.578  1.00 25.09 ? 1405 ACT A O   1 
HETATM 654 O  OXT . ACT B 2 .  ? 5.813   -5.218  10.128  1.00 23.05 ? 1405 ACT A OXT 1 
HETATM 655 C  CH3 . ACT B 2 .  ? 5.771   -2.949  10.996  1.00 24.33 ? 1405 ACT A CH3 1 
HETATM 656 O  O   . HOH C 3 .  ? -4.641  3.207   -14.600 1.00 21.30 ? 2001 HOH A O   1 
HETATM 657 O  O   . HOH C 3 .  ? 9.590   -0.041  7.236   1.00 18.71 ? 2002 HOH A O   1 
HETATM 658 O  O   . HOH C 3 .  ? -4.343  15.572  -4.264  1.00 24.17 ? 2003 HOH A O   1 
HETATM 659 O  O   . HOH C 3 .  ? 10.210  1.623   -10.394 1.00 25.12 ? 2004 HOH A O   1 
HETATM 660 O  O   . HOH C 3 .  ? 10.157  -2.055  -8.751  1.00 21.29 ? 2005 HOH A O   1 
HETATM 661 O  O   . HOH C 3 .  ? 6.055   -0.133  -10.419 1.00 18.26 ? 2006 HOH A O   1 
HETATM 662 O  O   . HOH C 3 .  ? 15.762  -3.477  -4.617  1.00 25.68 ? 2007 HOH A O   1 
HETATM 663 O  O   . HOH C 3 .  ? -4.456  17.723  -12.303 1.00 16.81 ? 2008 HOH A O   1 
HETATM 664 O  O   . HOH C 3 .  ? -2.996  11.732  -14.198 1.00 19.12 ? 2009 HOH A O   1 
HETATM 665 O  O   . HOH C 3 .  ? -4.669  6.870   -8.484  1.00 10.33 ? 2010 HOH A O   1 
HETATM 666 O  O   . HOH C 3 .  ? 0.692   8.651   -14.008 1.00 19.66 ? 2011 HOH A O   1 
HETATM 667 O  O   . HOH C 3 .  ? 2.039   1.662   -18.695 1.00 11.62 ? 2012 HOH A O   1 
HETATM 668 O  O   . HOH C 3 .  ? 2.777   4.509   -10.264 1.00 5.67  ? 2013 HOH A O   1 
HETATM 669 O  O   . HOH C 3 .  ? 2.813   5.092   -17.374 1.00 27.81 ? 2014 HOH A O   1 
HETATM 670 O  O   . HOH C 3 .  ? -5.174  4.989   -12.376 1.00 21.31 ? 2015 HOH A O   1 
HETATM 671 O  O   . HOH C 3 .  ? -1.585  -13.736 3.573   1.00 14.95 ? 2016 HOH A O   1 
HETATM 672 O  O   . HOH C 3 .  ? 2.358   -15.607 2.713   1.00 21.68 ? 2017 HOH A O   1 
HETATM 673 O  O   . HOH C 3 .  ? 1.608   -12.419 12.321  1.00 24.19 ? 2018 HOH A O   1 
HETATM 674 O  O   . HOH C 3 .  ? -2.411  -14.319 15.334  1.00 20.40 ? 2019 HOH A O   1 
HETATM 675 O  O   . HOH C 3 .  ? -4.917  -4.697  14.284  1.00 20.88 ? 2020 HOH A O   1 
HETATM 676 O  O   . HOH C 3 .  ? -2.477  0.448   15.725  1.00 9.97  ? 2021 HOH A O   1 
HETATM 677 O  O   . HOH C 3 .  ? 2.261   6.972   14.453  1.00 23.79 ? 2022 HOH A O   1 
HETATM 678 O  O   . HOH C 3 .  ? -0.139  0.621   15.442  1.00 16.31 ? 2023 HOH A O   1 
HETATM 679 O  O   . HOH C 3 .  ? -1.183  -4.409  12.372  1.00 8.93  ? 2024 HOH A O   1 
HETATM 680 O  O   . HOH C 3 .  ? 6.918   6.338   9.059   1.00 14.10 ? 2025 HOH A O   1 
HETATM 681 O  O   . HOH C 3 .  ? 4.169   5.799   15.853  1.00 17.14 ? 2026 HOH A O   1 
HETATM 682 O  O   . HOH C 3 .  ? 9.042   1.688   5.143   1.00 12.35 ? 2027 HOH A O   1 
HETATM 683 O  O   . HOH C 3 .  ? 6.771   11.361  2.738   1.00 27.14 ? 2028 HOH A O   1 
HETATM 684 O  O   . HOH C 3 .  ? 4.781   10.329  8.925   1.00 18.12 ? 2029 HOH A O   1 
HETATM 685 O  O   . HOH C 3 .  ? 5.473   10.930  6.206   1.00 26.71 ? 2030 HOH A O   1 
HETATM 686 O  O   . HOH C 3 .  ? 8.071   9.194   -3.818  1.00 10.66 ? 2031 HOH A O   1 
HETATM 687 O  O   . HOH C 3 .  ? 12.461  3.122   2.075   1.00 21.71 ? 2032 HOH A O   1 
HETATM 688 O  O   . HOH C 3 .  ? 3.383   10.969  4.214   1.00 12.29 ? 2033 HOH A O   1 
HETATM 689 O  O   . HOH C 3 .  ? 0.736   11.081  4.528   1.00 12.30 ? 2034 HOH A O   1 
HETATM 690 O  O   . HOH C 3 .  ? -1.812  11.128  5.566   1.00 13.74 ? 2035 HOH A O   1 
HETATM 691 O  O   . HOH C 3 .  ? -11.752 6.210   -3.222  1.00 26.09 ? 2036 HOH A O   1 
HETATM 692 O  O   . HOH C 3 .  ? -11.218 3.897   3.459   1.00 31.05 ? 2037 HOH A O   1 
HETATM 693 O  O   . HOH C 3 .  ? -8.882  5.915   4.322   1.00 9.11  ? 2038 HOH A O   1 
HETATM 694 O  O   . HOH C 3 .  ? -10.658 -0.107  5.550   1.00 14.10 ? 2039 HOH A O   1 
HETATM 695 O  O   . HOH C 3 .  ? -8.620  -8.026  6.335   1.00 31.58 ? 2040 HOH A O   1 
HETATM 696 O  O   . HOH C 3 .  ? -15.286 0.405   2.388   1.00 18.77 ? 2041 HOH A O   1 
HETATM 697 O  O   . HOH C 3 .  ? -4.465  -11.248 1.641   1.00 17.59 ? 2042 HOH A O   1 
HETATM 698 O  O   . HOH C 3 .  ? 3.281   12.952  -1.871  1.00 8.18  ? 2043 HOH A O   1 
HETATM 699 O  O   . HOH C 3 .  ? -2.456  16.003  -2.219  1.00 24.40 ? 2044 HOH A O   1 
HETATM 700 O  O   . HOH C 3 .  ? 1.846   15.539  -0.916  1.00 18.95 ? 2045 HOH A O   1 
HETATM 701 O  O   . HOH C 3 .  ? 0.472   15.092  -6.897  1.00 10.38 ? 2046 HOH A O   1 
HETATM 702 O  O   . HOH C 3 .  ? 6.709   11.254  -4.872  1.00 11.39 ? 2047 HOH A O   1 
HETATM 703 O  O   . HOH C 3 .  ? 10.533  4.966   -10.629 1.00 21.82 ? 2048 HOH A O   1 
HETATM 704 O  O   . HOH C 3 .  ? 3.943   4.456   -12.687 1.00 13.59 ? 2049 HOH A O   1 
HETATM 705 O  O   . HOH C 3 .  ? 8.488   0.176   -9.000  1.00 11.56 ? 2050 HOH A O   1 
HETATM 706 O  O   . HOH C 3 .  ? 2.905   6.840   -14.106 1.00 27.35 ? 2051 HOH A O   1 
HETATM 707 O  O   . HOH C 3 .  ? 12.629  6.673   -7.636  1.00 12.94 ? 2052 HOH A O   1 
HETATM 708 O  O   . HOH C 3 .  ? 11.864  9.228   -5.162  1.00 14.78 ? 2053 HOH A O   1 
HETATM 709 O  O   . HOH C 3 .  ? 10.762  3.616   -8.066  1.00 9.96  ? 2054 HOH A O   1 
HETATM 710 O  O   . HOH C 3 .  ? 12.094  -4.888  -3.103  1.00 28.41 ? 2055 HOH A O   1 
HETATM 711 O  O   . HOH C 3 .  ? 13.563  -3.479  -6.196  1.00 27.73 ? 2056 HOH A O   1 
HETATM 712 O  O   . HOH C 3 .  ? 9.231   -2.381  5.768   1.00 8.91  ? 2057 HOH A O   1 
HETATM 713 O  O   . HOH C 3 .  ? 14.512  -9.180  2.225   1.00 15.41 ? 2058 HOH A O   1 
HETATM 714 O  O   . HOH C 3 .  ? 12.387  -4.801  -0.316  1.00 13.66 ? 2059 HOH A O   1 
HETATM 715 O  O   . HOH C 3 .  ? 15.527  -6.559  2.000   1.00 10.20 ? 2060 HOH A O   1 
HETATM 716 O  O   . HOH C 3 .  ? 6.274   -6.491  1.990   1.00 5.33  ? 2061 HOH A O   1 
HETATM 717 O  O   . HOH C 3 .  ? 4.841   -14.975 5.235   1.00 23.28 ? 2062 HOH A O   1 
HETATM 718 O  O   . HOH C 3 .  ? -2.234  -15.935 5.350   1.00 29.82 ? 2063 HOH A O   1 
HETATM 719 O  O   . HOH C 3 .  ? 4.730   -13.963 2.789   1.00 11.01 ? 2064 HOH A O   1 
HETATM 720 O  O   . HOH C 3 .  ? 4.327   -12.723 -1.661  1.00 7.14  ? 2065 HOH A O   1 
HETATM 721 O  O   . HOH C 3 .  ? 6.432   -9.010  -3.069  1.00 13.28 ? 2066 HOH A O   1 
HETATM 722 O  O   . HOH C 3 .  ? 5.290   -7.260  -4.903  1.00 18.08 ? 2067 HOH A O   1 
HETATM 723 O  O   . HOH C 3 .  ? 4.882   -5.405  -8.949  1.00 26.61 ? 2068 HOH A O   1 
HETATM 724 O  O   . HOH C 3 .  ? 4.936   -2.974  -10.782 1.00 20.25 ? 2069 HOH A O   1 
HETATM 725 O  O   . HOH C 3 .  ? 3.331   -6.447  -13.074 1.00 19.37 ? 2070 HOH A O   1 
HETATM 726 O  O   . HOH C 3 .  ? -3.489  3.950   -9.465  1.00 8.30  ? 2071 HOH A O   1 
HETATM 727 O  O   . HOH C 3 .  ? -3.023  1.377   -13.470 1.00 22.84 ? 2072 HOH A O   1 
HETATM 728 O  O   . HOH C 3 .  ? -6.064  4.713   -9.401  1.00 17.13 ? 2073 HOH A O   1 
HETATM 729 O  O   . HOH C 3 .  ? -16.243 4.752   -4.540  1.00 11.72 ? 2074 HOH A O   1 
HETATM 730 O  O   . HOH C 3 .  ? -13.523 4.110   -1.394  1.00 29.80 ? 2075 HOH A O   1 
HETATM 731 O  O   . HOH C 3 .  ? 2.418   -5.181  12.662  1.00 13.59 ? 2076 HOH A O   1 
# 
loop_
_atom_site_anisotrop.id 
_atom_site_anisotrop.type_symbol 
_atom_site_anisotrop.pdbx_label_atom_id 
_atom_site_anisotrop.pdbx_label_alt_id 
_atom_site_anisotrop.pdbx_label_comp_id 
_atom_site_anisotrop.pdbx_label_asym_id 
_atom_site_anisotrop.pdbx_label_seq_id 
_atom_site_anisotrop.pdbx_PDB_ins_code 
_atom_site_anisotrop.U[1][1] 
_atom_site_anisotrop.U[2][2] 
_atom_site_anisotrop.U[3][3] 
_atom_site_anisotrop.U[1][2] 
_atom_site_anisotrop.U[1][3] 
_atom_site_anisotrop.U[2][3] 
_atom_site_anisotrop.pdbx_auth_seq_id 
_atom_site_anisotrop.pdbx_auth_comp_id 
_atom_site_anisotrop.pdbx_auth_asym_id 
_atom_site_anisotrop.pdbx_auth_atom_id 
1   N N   . SER A 19 ? 0.4561 0.4165 0.4416 0.0212  -0.0052 0.0674  326 SER A N   
2   C CA  . SER A 19 ? 0.4424 0.3976 0.4413 0.0197  -0.0017 0.0606  326 SER A CA  
3   C C   . SER A 19 ? 0.4213 0.3860 0.4286 0.0217  -0.0047 0.0519  326 SER A C   
4   O O   . SER A 19 ? 0.4278 0.3895 0.4452 0.0218  -0.0026 0.0462  326 SER A O   
5   C CB  . SER A 19 ? 0.4540 0.3955 0.4599 0.0229  -0.0010 0.0664  326 SER A CB  
6   O OG  . SER A 19 ? 0.4718 0.4150 0.4833 0.0307  -0.0068 0.0684  326 SER A OG  
7   N N   . HIS A 20 ? 0.4044 0.3803 0.4067 0.0231  -0.0093 0.0506  327 HIS A N   
8   C CA  . HIS A 20 ? 0.3676 0.3531 0.3777 0.0244  -0.0120 0.0432  327 HIS A CA  
9   C C   . HIS A 20 ? 0.3338 0.3296 0.3366 0.0212  -0.0138 0.0389  327 HIS A C   
10  O O   . HIS A 20 ? 0.3161 0.3170 0.3234 0.0190  -0.0128 0.0316  327 HIS A O   
11  C CB  . HIS A 20 ? 0.3876 0.3764 0.4059 0.0312  -0.0175 0.0458  327 HIS A CB  
12  C CG  . HIS A 20 ? 0.4068 0.4041 0.4368 0.0322  -0.0181 0.0380  327 HIS A CG  
13  N ND1 . HIS A 20 ? 0.4378 0.4452 0.4666 0.0284  -0.0188 0.0317  327 HIS A ND1 
14  C CD2 . HIS A 20 ? 0.4453 0.4425 0.4887 0.0361  -0.0172 0.0353  327 HIS A CD2 
15  C CE1 . HIS A 20 ? 0.4402 0.4534 0.4808 0.0295  -0.0182 0.0262  327 HIS A CE1 
16  N NE2 . HIS A 20 ? 0.4461 0.4540 0.4957 0.0343  -0.0171 0.0279  327 HIS A NE2 
17  N N   . MET A 21 ? 0.3073 0.3054 0.2981 0.0212  -0.0163 0.0435  328 MET A N   
18  C CA  . MET A 21 ? 0.2795 0.2859 0.2623 0.0183  -0.0178 0.0387  328 MET A CA  
19  C C   . MET A 21 ? 0.2389 0.2436 0.2210 0.0133  -0.0120 0.0329  328 MET A C   
20  O O   . MET A 21 ? 0.2237 0.2216 0.2060 0.0114  -0.0069 0.0347  328 MET A O   
21  C CB  . MET A 21 ? 0.3048 0.3126 0.2725 0.0190  -0.0204 0.0445  328 MET A CB  
22  C CG  . MET A 21 ? 0.3548 0.3672 0.3209 0.0244  -0.0285 0.0499  328 MET A CG  
23  S SD  . MET A 21 ? 0.4309 0.4564 0.4086 0.0258  -0.0356 0.0424  328 MET A SD  
24  C CE  . MET A 21 ? 0.4256 0.4478 0.4215 0.0312  -0.0357 0.0450  328 MET A CE  
25  N N   . LYS A 22 ? 0.1958 0.2066 0.1782 0.0113  -0.0130 0.0260  329 LYS A N   
26  C CA  . LYS A 22 ? 0.1727 0.1827 0.1533 0.0075  -0.0086 0.0208  329 LYS A CA  
27  C C   . LYS A 22 ? 0.1384 0.1434 0.1277 0.0062  -0.0042 0.0189  329 LYS A C   
28  O O   . LYS A 22 ? 0.1368 0.1399 0.1248 0.0038  -0.0005 0.0168  329 LYS A O   
29  C CB  . LYS A 22 ? 0.1882 0.1974 0.1573 0.0061  -0.0056 0.0230  329 LYS A CB  
30  C CG  . LYS A 22 ? 0.2336 0.2480 0.1910 0.0068  -0.0094 0.0230  329 LYS A CG  
31  C CD  . LYS A 22 ? 0.2862 0.3010 0.2329 0.0048  -0.0048 0.0220  329 LYS A CD  
32  C CE  . LYS A 22 ? 0.3335 0.3536 0.2670 0.0054  -0.0083 0.0207  329 LYS A CE  
33  N NZ  . LYS A 22 ? 0.3619 0.3827 0.2853 0.0037  -0.0026 0.0187  329 LYS A NZ  
34  N N   . SER A 23 ? 0.1190 0.1228 0.1172 0.0081  -0.0052 0.0190  330 SER A N   
35  C CA  . SER A 23 ? 0.0997 0.0990 0.1052 0.0071  -0.0018 0.0166  330 SER A CA  
36  C C   . SER A 23 ? 0.0857 0.0884 0.0961 0.0062  -0.0016 0.0106  330 SER A C   
37  O O   . SER A 23 ? 0.0797 0.0795 0.0947 0.0055  0.0010  0.0080  330 SER A O   
38  C CB  . SER A 23 ? 0.1160 0.1097 0.1273 0.0099  -0.0015 0.0203  330 SER A CB  
39  O OG  . SER A 23 ? 0.1397 0.1282 0.1454 0.0099  -0.0007 0.0267  330 SER A OG  
40  N N   . ARG A 24 ? 0.0727 0.0811 0.0816 0.0056  -0.0042 0.0083  331 ARG A N   
41  C CA  . ARG A 24 ? 0.0673 0.0784 0.0803 0.0038  -0.0033 0.0036  331 ARG A CA  
42  C C   . ARG A 24 ? 0.0737 0.0838 0.0807 0.0011  -0.0024 0.0008  331 ARG A C   
43  O O   . ARG A 24 ? 0.0808 0.0923 0.0820 0.0007  -0.0041 0.0008  331 ARG A O   
44  C CB  . ARG A 24 ? 0.0736 0.0916 0.0920 0.0047  -0.0067 0.0028  331 ARG A CB  
45  C CG  . ARG A 24 ? 0.0711 0.0918 0.0943 0.0020  -0.0051 -0.0014 331 ARG A CG  
46  C CD  . ARG A 24 ? 0.0907 0.1198 0.1213 0.0020  -0.0080 -0.0026 331 ARG A CD  
47  N NE  . ARG A 24 ? 0.0838 0.1164 0.1232 0.0060  -0.0083 -0.0009 331 ARG A NE  
48  C CZ  . ARG A 24 ? 0.0991 0.1407 0.1491 0.0069  -0.0099 -0.0021 331 ARG A CZ  
49  N NH1 . ARG A 24 ? 0.0973 0.1455 0.1501 0.0031  -0.0115 -0.0051 331 ARG A NH1 
50  N NH2 . ARG A 24 ? 0.1304 0.1745 0.1890 0.0117  -0.0100 -0.0007 331 ARG A NH2 
51  N N   . LEU A 25 ? 0.0661 0.0740 0.0744 -0.0004 0.0000  -0.0016 332 LEU A N   
52  C CA  . LEU A 25 ? 0.0622 0.0682 0.0663 -0.0021 0.0007  -0.0040 332 LEU A CA  
53  C C   . LEU A 25 ? 0.0674 0.0745 0.0734 -0.0041 0.0000  -0.0062 332 LEU A C   
54  O O   . LEU A 25 ? 0.0710 0.0790 0.0813 -0.0048 0.0015  -0.0066 332 LEU A O   
55  C CB  . LEU A 25 ? 0.0619 0.0648 0.0659 -0.0024 0.0030  -0.0045 332 LEU A CB  
56  C CG  . LEU A 25 ? 0.0700 0.0706 0.0708 -0.0030 0.0034  -0.0061 332 LEU A CG  
57  C CD1 . LEU A 25 ? 0.0914 0.0924 0.0890 -0.0022 0.0032  -0.0064 332 LEU A CD1 
58  C CD2 . LEU A 25 ? 0.0975 0.0967 0.0986 -0.0030 0.0045  -0.0066 332 LEU A CD2 
59  N N   . PHE A 26 ? 0.0640 0.0710 0.0669 -0.0052 -0.0016 -0.0080 333 PHE A N   
60  C CA  . PHE A 26 ? 0.0717 0.0776 0.0762 -0.0080 -0.0018 -0.0103 333 PHE A CA  
61  C C   . PHE A 26 ? 0.0637 0.0631 0.0651 -0.0084 0.0004  -0.0105 333 PHE A C   
62  O O   . PHE A 26 ? 0.0744 0.0708 0.0718 -0.0065 0.0007  -0.0107 333 PHE A O   
63  C CB  . PHE A 26 ? 0.0753 0.0823 0.0772 -0.0093 -0.0047 -0.0131 333 PHE A CB  
64  C CG  . PHE A 26 ? 0.0868 0.0903 0.0903 -0.0127 -0.0046 -0.0161 333 PHE A CG  
65  C CD1 . PHE A 26 ? 0.0902 0.0978 0.1007 -0.0161 -0.0054 -0.0170 333 PHE A CD1 
66  C CD2 . PHE A 26 ? 0.0981 0.0937 0.0970 -0.0127 -0.0035 -0.0179 333 PHE A CD2 
67  C CE1 . PHE A 26 ? 0.1070 0.1101 0.1195 -0.0204 -0.0047 -0.0195 333 PHE A CE1 
68  C CE2 . PHE A 26 ? 0.1141 0.1039 0.1144 -0.0161 -0.0032 -0.0201 333 PHE A CE2 
69  C CZ  . PHE A 26 ? 0.1010 0.0941 0.1080 -0.0204 -0.0036 -0.0208 333 PHE A CZ  
70  N N   . ILE A 27 ? 0.0682 0.0654 0.0717 -0.0107 0.0022  -0.0103 334 ILE A N   
71  C CA  . ILE A 27 ? 0.0831 0.0734 0.0827 -0.0108 0.0038  -0.0094 334 ILE A CA  
72  C C   . ILE A 27 ? 0.0906 0.0763 0.0912 -0.0144 0.0043  -0.0100 334 ILE A C   
73  O O   . ILE A 27 ? 0.1039 0.0928 0.1091 -0.0177 0.0057  -0.0098 334 ILE A O   
74  C CB  . ILE A 27 ? 0.0792 0.0698 0.0778 -0.0103 0.0059  -0.0073 334 ILE A CB  
75  C CG1 . ILE A 27 ? 0.0859 0.0803 0.0851 -0.0076 0.0056  -0.0072 334 ILE A CG1 
76  C CG2 . ILE A 27 ? 0.1061 0.0898 0.0994 -0.0099 0.0066  -0.0055 334 ILE A CG2 
77  C CD1 . ILE A 27 ? 0.1109 0.1058 0.1090 -0.0074 0.0076  -0.0067 334 ILE A CD1 
78  N N   . GLY A 28 ? 0.0892 0.0674 0.0864 -0.0140 0.0035  -0.0111 335 GLY A N   
79  C CA  . GLY A 28 ? 0.1047 0.0753 0.1025 -0.0175 0.0044  -0.0112 335 GLY A CA  
80  C C   . GLY A 28 ? 0.0982 0.0590 0.0909 -0.0155 0.0055  -0.0079 335 GLY A C   
81  O O   . GLY A 28 ? 0.1064 0.0680 0.0959 -0.0114 0.0050  -0.0063 335 GLY A O   
82  N N   . ASN A 29 ? 0.1158 0.0669 0.1083 -0.0185 0.0066  -0.0070 336 ASN A N   
83  C CA  . ASN A 29 ? 0.1344 0.0747 0.1215 -0.0166 0.0075  -0.0024 336 ASN A CA  
84  C C   . ASN A 29 ? 0.1461 0.0896 0.1287 -0.0159 0.0091  0.0027  336 ASN A C   
85  O O   . ASN A 29 ? 0.1495 0.0897 0.1267 -0.0116 0.0078  0.0059  336 ASN A O   
86  C CB  . ASN A 29 ? 0.1292 0.0642 0.1142 -0.0105 0.0050  -0.0037 336 ASN A CB  
87  C CG  . ASN A 29 ? 0.1423 0.0645 0.1231 -0.0082 0.0051  0.0012  336 ASN A CG  
88  O OD1 . ASN A 29 ? 0.1709 0.0836 0.1508 -0.0123 0.0070  0.0041  336 ASN A OD1 
89  N ND2 . ASN A 29 ? 0.1544 0.0763 0.1333 -0.0016 0.0028  0.0024  336 ASN A ND2 
90  N N   . LEU A 30 ? 0.1731 0.1243 0.1582 -0.0197 0.0117  0.0029  337 LEU A N   
91  C CA  . LEU A 30 ? 0.1869 0.1401 0.1665 -0.0198 0.0143  0.0071  337 LEU A CA  
92  C C   . LEU A 30 ? 0.2129 0.1554 0.1871 -0.0231 0.0173  0.0125  337 LEU A C   
93  O O   . LEU A 30 ? 0.2132 0.1483 0.1910 -0.0268 0.0182  0.0125  337 LEU A O   
94  C CB  . LEU A 30 ? 0.1993 0.1640 0.1839 -0.0221 0.0168  0.0049  337 LEU A CB  
95  C CG  . LEU A 30 ? 0.1938 0.1672 0.1810 -0.0183 0.0143  0.0014  337 LEU A CG  
96  C CD1 . LEU A 30 ? 0.2393 0.2223 0.2341 -0.0204 0.0163  -0.0012 337 LEU A CD1 
97  C CD2 . LEU A 30 ? 0.2129 0.1869 0.1931 -0.0146 0.0135  0.0027  337 LEU A CD2 
98  N N   . PRO A 31 ? 0.2335 0.1748 0.1986 -0.0220 0.0188  0.0174  338 PRO A N   
99  C CA  . PRO A 31 ? 0.2725 0.2044 0.2309 -0.0256 0.0227  0.0239  338 PRO A CA  
100 C C   . PRO A 31 ? 0.2905 0.2257 0.2559 -0.0332 0.0284  0.0232  338 PRO A C   
101 O O   . PRO A 31 ? 0.2913 0.2388 0.2643 -0.0346 0.0297  0.0185  338 PRO A O   
102 C CB  . PRO A 31 ? 0.2811 0.2170 0.2285 -0.0234 0.0236  0.0272  338 PRO A CB  
103 C CG  . PRO A 31 ? 0.2420 0.1840 0.1897 -0.0175 0.0184  0.0236  338 PRO A CG  
104 C CD  . PRO A 31 ? 0.2204 0.1687 0.1802 -0.0176 0.0169  0.0170  338 PRO A CD  
105 N N   . LEU A 32 ? 0.3328 0.2572 0.2962 -0.0381 0.0319  0.0282  339 LEU A N   
106 C CA  . LEU A 32 ? 0.3562 0.2842 0.3266 -0.0464 0.0382  0.0282  339 LEU A CA  
107 C C   . LEU A 32 ? 0.3657 0.3027 0.3303 -0.0479 0.0442  0.0307  339 LEU A C   
108 O O   . LEU A 32 ? 0.3746 0.3229 0.3485 -0.0526 0.0489  0.0277  339 LEU A O   
109 C CB  . LEU A 32 ? 0.3808 0.2935 0.3513 -0.0519 0.0406  0.0329  339 LEU A CB  
110 C CG  . LEU A 32 ? 0.3921 0.2958 0.3689 -0.0505 0.0353  0.0286  339 LEU A CG  
111 C CD1 . LEU A 32 ? 0.4266 0.3121 0.4031 -0.0558 0.0378  0.0333  339 LEU A CD1 
112 C CD2 . LEU A 32 ? 0.3882 0.3046 0.3787 -0.0526 0.0331  0.0193  339 LEU A CD2 
113 N N   . LYS A 33 ? 0.3790 0.3118 0.3288 -0.0438 0.0437  0.0359  340 LYS A N   
114 C CA  . LYS A 33 ? 0.3805 0.3214 0.3217 -0.0441 0.0487  0.0371  340 LYS A CA  
115 C C   . LYS A 33 ? 0.3571 0.3128 0.3048 -0.0404 0.0469  0.0291  340 LYS A C   
116 O O   . LYS A 33 ? 0.3364 0.2937 0.2891 -0.0357 0.0403  0.0247  340 LYS A O   
117 C CB  . LYS A 33 ? 0.4012 0.3334 0.3234 -0.0399 0.0467  0.0441  340 LYS A CB  
118 C CG  . LYS A 33 ? 0.4056 0.3379 0.3247 -0.0316 0.0376  0.0416  340 LYS A CG  
119 C CD  . LYS A 33 ? 0.4663 0.3887 0.3690 -0.0275 0.0342  0.0495  340 LYS A CD  
120 C CE  . LYS A 33 ? 0.4881 0.3948 0.3923 -0.0262 0.0308  0.0547  340 LYS A CE  
121 N NZ  . LYS A 33 ? 0.5236 0.4207 0.4130 -0.0206 0.0262  0.0628  340 LYS A NZ  
122 N N   . ASN A 34 ? 0.3566 0.3225 0.3040 -0.0424 0.0531  0.0271  341 ASN A N   
123 C CA  . ASN A 34 ? 0.3411 0.3196 0.2949 -0.0387 0.0521  0.0195  341 ASN A CA  
124 C C   . ASN A 34 ? 0.3204 0.2975 0.2663 -0.0320 0.0452  0.0177  341 ASN A C   
125 O O   . ASN A 34 ? 0.3485 0.3199 0.2796 -0.0301 0.0439  0.0215  341 ASN A O   
126 C CB  . ASN A 34 ? 0.3561 0.3445 0.3089 -0.0412 0.0607  0.0177  341 ASN A CB  
127 C CG  . ASN A 34 ? 0.3869 0.3817 0.3536 -0.0477 0.0675  0.0174  341 ASN A CG  
128 O OD1 . ASN A 34 ? 0.4446 0.4352 0.4068 -0.0535 0.0736  0.0231  341 ASN A OD1 
129 N ND2 . ASN A 34 ? 0.4042 0.4099 0.3881 -0.0469 0.0662  0.0112  341 ASN A ND2 
130 N N   . VAL A 35 ? 0.2775 0.2598 0.2336 -0.0287 0.0408  0.0119  342 VAL A N   
131 C CA  . VAL A 35 ? 0.2445 0.2265 0.1975 -0.0233 0.0343  0.0093  342 VAL A CA  
132 C C   . VAL A 35 ? 0.2097 0.2004 0.1639 -0.0216 0.0365  0.0035  342 VAL A C   
133 O O   . VAL A 35 ? 0.2073 0.2053 0.1722 -0.0227 0.0402  0.0001  342 VAL A O   
134 C CB  . VAL A 35 ? 0.2380 0.2195 0.2021 -0.0217 0.0292  0.0072  342 VAL A CB  
135 C CG1 . VAL A 35 ? 0.2339 0.2182 0.1994 -0.0172 0.0242  0.0035  342 VAL A CG1 
136 C CG2 . VAL A 35 ? 0.2611 0.2326 0.2229 -0.0226 0.0269  0.0117  342 VAL A CG2 
137 N N   . SER A 36 ? 0.1730 0.1633 0.1170 -0.0188 0.0344  0.0022  343 SER A N   
138 C CA  . SER A 36 ? 0.1513 0.1481 0.0962 -0.0173 0.0364  -0.0044 343 SER A CA  
139 C C   . SER A 36 ? 0.1244 0.1237 0.0816 -0.0146 0.0324  -0.0089 343 SER A C   
140 O O   . SER A 36 ? 0.1187 0.1151 0.0770 -0.0128 0.0266  -0.0082 343 SER A O   
141 C CB  . SER A 36 ? 0.1589 0.1542 0.0888 -0.0158 0.0342  -0.0052 343 SER A CB  
142 O OG  . SER A 36 ? 0.1602 0.1600 0.0924 -0.0140 0.0343  -0.0129 343 SER A OG  
143 N N   . LYS A 37 ? 0.1126 0.1177 0.0792 -0.0141 0.0360  -0.0135 344 LYS A N   
144 C CA  . LYS A 37 ? 0.1013 0.1076 0.0785 -0.0113 0.0327  -0.0170 344 LYS A CA  
145 C C   . LYS A 37 ? 0.0971 0.1008 0.0685 -0.0094 0.0292  -0.0205 344 LYS A C   
146 O O   . LYS A 37 ? 0.1026 0.1048 0.0801 -0.0079 0.0251  -0.0214 344 LYS A O   
147 C CB  . LYS A 37 ? 0.1011 0.1132 0.0895 -0.0102 0.0370  -0.0208 344 LYS A CB  
148 C CG  . LYS A 37 ? 0.1239 0.1410 0.1224 -0.0120 0.0390  -0.0182 344 LYS A CG  
149 C CD  . LYS A 37 ? 0.1596 0.1840 0.1716 -0.0097 0.0419  -0.0219 344 LYS A CD  
150 C CE  . LYS A 37 ? 0.2073 0.2383 0.2304 -0.0119 0.0428  -0.0197 344 LYS A CE  
151 N NZ  . LYS A 37 ? 0.2411 0.2811 0.2794 -0.0088 0.0446  -0.0230 344 LYS A NZ  
152 N N   . GLU A 38 ? 0.0998 0.1033 0.0595 -0.0100 0.0308  -0.0226 345 GLU A N   
153 C CA  . GLU A 38 ? 0.1131 0.1151 0.0673 -0.0089 0.0266  -0.0267 345 GLU A CA  
154 C C   . GLU A 38 ? 0.1221 0.1215 0.0733 -0.0086 0.0197  -0.0225 345 GLU A C   
155 O O   . GLU A 38 ? 0.1210 0.1202 0.0763 -0.0078 0.0155  -0.0251 345 GLU A O   
156 C CB  . GLU A 38 ? 0.1246 0.1277 0.0653 -0.0095 0.0294  -0.0305 345 GLU A CB  
157 C CG  . GLU A 38 ? 0.1383 0.1407 0.0740 -0.0091 0.0245  -0.0362 345 GLU A CG  
158 C CD  . GLU A 38 ? 0.1446 0.1487 0.0644 -0.0098 0.0266  -0.0401 345 GLU A CD  
159 O OE1 . GLU A 38 ? 0.1594 0.1636 0.0661 -0.0107 0.0270  -0.0348 345 GLU A OE1 
160 O OE2 . GLU A 38 ? 0.1521 0.1567 0.0709 -0.0097 0.0281  -0.0486 345 GLU A OE2 
161 N N   . ASP A 39 ? 0.1267 0.1241 0.0718 -0.0092 0.0192  -0.0163 346 ASP A N   
162 C CA  . ASP A 39 ? 0.1386 0.1337 0.0828 -0.0078 0.0131  -0.0124 346 ASP A CA  
163 C C   . ASP A 39 ? 0.1265 0.1216 0.0838 -0.0071 0.0113  -0.0124 346 ASP A C   
164 O O   . ASP A 39 ? 0.1317 0.1274 0.0922 -0.0058 0.0069  -0.0131 346 ASP A O   
165 C CB  . ASP A 39 ? 0.1588 0.1493 0.0949 -0.0083 0.0135  -0.0054 346 ASP A CB  
166 C CG  . ASP A 39 ? 0.1926 0.1827 0.1127 -0.0085 0.0139  -0.0037 346 ASP A CG  
167 O OD1 . ASP A 39 ? 0.2161 0.2013 0.1283 -0.0093 0.0153  0.0029  346 ASP A OD1 
168 O OD2 . ASP A 39 ? 0.2372 0.2309 0.1516 -0.0083 0.0128  -0.0088 346 ASP A OD2 
169 N N   . LEU A 40 ? 0.1188 0.1140 0.0837 -0.0080 0.0148  -0.0116 347 LEU A N   
170 C CA  . LEU A 40 ? 0.1109 0.1064 0.0861 -0.0072 0.0130  -0.0116 347 LEU A CA  
171 C C   . LEU A 40 ? 0.1053 0.1024 0.0859 -0.0062 0.0118  -0.0157 347 LEU A C   
172 O O   . LEU A 40 ? 0.1042 0.1013 0.0893 -0.0056 0.0089  -0.0154 347 LEU A O   
173 C CB  . LEU A 40 ? 0.1193 0.1162 0.1015 -0.0082 0.0162  -0.0107 347 LEU A CB  
174 C CG  . LEU A 40 ? 0.1207 0.1149 0.1015 -0.0098 0.0165  -0.0068 347 LEU A CG  
175 C CD1 . LEU A 40 ? 0.1693 0.1671 0.1573 -0.0120 0.0201  -0.0069 347 LEU A CD1 
176 C CD2 . LEU A 40 ? 0.1530 0.1445 0.1358 -0.0086 0.0125  -0.0053 347 LEU A CD2 
177 N N   . PHE A 41 ? 0.1011 0.0992 0.0814 -0.0065 0.0146  -0.0198 348 PHE A N   
178 C CA  . PHE A 41 ? 0.0996 0.0971 0.0848 -0.0061 0.0138  -0.0240 348 PHE A CA  
179 C C   . PHE A 41 ? 0.1098 0.1076 0.0920 -0.0067 0.0094  -0.0254 348 PHE A C   
180 O O   . PHE A 41 ? 0.1049 0.1022 0.0936 -0.0070 0.0076  -0.0261 348 PHE A O   
181 C CB  . PHE A 41 ? 0.1094 0.1071 0.0938 -0.0058 0.0178  -0.0292 348 PHE A CB  
182 C CG  . PHE A 41 ? 0.1215 0.1164 0.1120 -0.0054 0.0175  -0.0339 348 PHE A CG  
183 C CD1 . PHE A 41 ? 0.1597 0.1530 0.1605 -0.0037 0.0193  -0.0335 348 PHE A CD1 
184 C CD2 . PHE A 41 ? 0.1433 0.1371 0.1300 -0.0069 0.0151  -0.0388 348 PHE A CD2 
185 C CE1 . PHE A 41 ? 0.1904 0.1787 0.1971 -0.0032 0.0194  -0.0370 348 PHE A CE1 
186 C CE2 . PHE A 41 ? 0.1699 0.1596 0.1636 -0.0073 0.0153  -0.0434 348 PHE A CE2 
187 C CZ  . PHE A 41 ? 0.1698 0.1558 0.1733 -0.0053 0.0177  -0.0420 348 PHE A CZ  
188 N N   . ARG A 42 ? 0.1224 0.1215 0.0949 -0.0069 0.0076  -0.0256 349 ARG A N   
189 C CA  . ARG A 42 ? 0.1302 0.1315 0.1005 -0.0072 0.0025  -0.0273 349 ARG A CA  
190 C C   . ARG A 42 ? 0.1240 0.1265 0.1011 -0.0063 -0.0005 -0.0234 349 ARG A C   
191 O O   . ARG A 42 ? 0.1328 0.1380 0.1159 -0.0071 -0.0032 -0.0258 349 ARG A O   
192 C CB  . ARG A 42 ? 0.1533 0.1559 0.1107 -0.0068 0.0003  -0.0264 349 ARG A CB  
193 C CG  . ARG A 42 ? 0.2099 0.2126 0.1583 -0.0079 0.0027  -0.0315 349 ARG A CG  
194 C CD  . ARG A 42 ? 0.2793 0.2835 0.2129 -0.0071 -0.0002 -0.0290 349 ARG A CD  
195 N NE  . ARG A 42 ? 0.3229 0.3281 0.2452 -0.0083 0.0019  -0.0344 349 ARG A NE  
196 C CZ  . ARG A 42 ? 0.3309 0.3350 0.2425 -0.0086 0.0072  -0.0325 349 ARG A CZ  
197 N NH1 . ARG A 42 ? 0.3398 0.3412 0.2513 -0.0084 0.0104  -0.0250 349 ARG A NH1 
198 N NH2 . ARG A 42 ? 0.3305 0.3361 0.2312 -0.0095 0.0093  -0.0385 349 ARG A NH2 
199 N N   . ILE A 43 ? 0.1109 0.1118 0.0877 -0.0050 0.0003  -0.0185 350 ILE A N   
200 C CA  A ILE A 43 ? 0.1073 0.1091 0.0896 -0.0037 -0.0018 -0.0156 350 ILE A CA  
201 C CA  B ILE A 43 ? 0.1089 0.1110 0.0911 -0.0037 -0.0020 -0.0159 350 ILE A CA  
202 C C   . ILE A 43 ? 0.0933 0.0957 0.0848 -0.0046 -0.0001 -0.0165 350 ILE A C   
203 O O   . ILE A 43 ? 0.1005 0.1060 0.0976 -0.0045 -0.0017 -0.0168 350 ILE A O   
204 C CB  A ILE A 43 ? 0.1130 0.1112 0.0927 -0.0024 -0.0007 -0.0110 350 ILE A CB  
205 C CB  B ILE A 43 ? 0.1095 0.1082 0.0879 -0.0020 -0.0018 -0.0111 350 ILE A CB  
206 C CG1 A ILE A 43 ? 0.1172 0.1130 0.0869 -0.0013 -0.0021 -0.0083 350 ILE A CG1 
207 C CG1 B ILE A 43 ? 0.1371 0.1345 0.1054 -0.0009 -0.0039 -0.0089 350 ILE A CG1 
208 C CG2 A ILE A 43 ? 0.0966 0.0954 0.0821 -0.0007 -0.0021 -0.0096 350 ILE A CG2 
209 C CG2 B ILE A 43 ? 0.0988 0.0984 0.0833 -0.0002 -0.0034 -0.0097 350 ILE A CG2 
210 C CD1 A ILE A 43 ? 0.1968 0.1866 0.1628 -0.0017 0.0004  -0.0039 350 ILE A CD1 
211 C CD1 B ILE A 43 ? 0.1113 0.1127 0.0791 0.0013  -0.0094 -0.0094 350 ILE A CD1 
212 N N   . PHE A 44 ? 0.0854 0.0853 0.0789 -0.0051 0.0032  -0.0165 351 PHE A N   
213 C CA  . PHE A 44 ? 0.0915 0.0908 0.0918 -0.0053 0.0045  -0.0153 351 PHE A CA  
214 C C   . PHE A 44 ? 0.0904 0.0881 0.0957 -0.0065 0.0058  -0.0177 351 PHE A C   
215 O O   . PHE A 44 ? 0.0889 0.0859 0.0991 -0.0069 0.0064  -0.0160 351 PHE A O   
216 C CB  . PHE A 44 ? 0.0853 0.0833 0.0854 -0.0045 0.0062  -0.0128 351 PHE A CB  
217 C CG  . PHE A 44 ? 0.0929 0.0907 0.0900 -0.0038 0.0050  -0.0104 351 PHE A CG  
218 C CD1 . PHE A 44 ? 0.0976 0.0936 0.0898 -0.0039 0.0053  -0.0094 351 PHE A CD1 
219 C CD2 . PHE A 44 ? 0.0814 0.0803 0.0806 -0.0030 0.0040  -0.0094 351 PHE A CD2 
220 C CE1 . PHE A 44 ? 0.1006 0.0944 0.0906 -0.0033 0.0042  -0.0074 351 PHE A CE1 
221 C CE2 . PHE A 44 ? 0.0900 0.0878 0.0869 -0.0019 0.0030  -0.0083 351 PHE A CE2 
222 C CZ  . PHE A 44 ? 0.1000 0.0945 0.0926 -0.0019 0.0029  -0.0073 351 PHE A CZ  
223 N N   . SER A 45 ? 0.0946 0.0911 0.0984 -0.0072 0.0063  -0.0217 352 SER A N   
224 C CA  . SER A 45 ? 0.1131 0.1059 0.1223 -0.0084 0.0076  -0.0248 352 SER A CA  
225 C C   . SER A 45 ? 0.1043 0.0981 0.1188 -0.0111 0.0060  -0.0256 352 SER A C   
226 O O   . SER A 45 ? 0.1060 0.0954 0.1262 -0.0124 0.0076  -0.0255 352 SER A O   
227 C CB  . SER A 45 ? 0.1402 0.1314 0.1462 -0.0086 0.0089  -0.0304 352 SER A CB  
228 O OG  . SER A 45 ? 0.1604 0.1550 0.1603 -0.0100 0.0061  -0.0336 352 SER A OG  
229 N N   . PRO A 46 ? 0.1001 0.0995 0.1135 -0.0118 0.0031  -0.0257 353 PRO A N   
230 C CA  . PRO A 46 ? 0.1094 0.1113 0.1301 -0.0148 0.0024  -0.0266 353 PRO A CA  
231 C C   . PRO A 46 ? 0.1069 0.1074 0.1326 -0.0150 0.0052  -0.0215 353 PRO A C   
232 O O   . PRO A 46 ? 0.1240 0.1248 0.1564 -0.0182 0.0063  -0.0217 353 PRO A O   
233 C CB  . PRO A 46 ? 0.1152 0.1251 0.1348 -0.0140 -0.0015 -0.0271 353 PRO A CB  
234 C CG  . PRO A 46 ? 0.1148 0.1241 0.1248 -0.0122 -0.0034 -0.0288 353 PRO A CG  
235 C CD  . PRO A 46 ? 0.1060 0.1095 0.1123 -0.0103 0.0002  -0.0259 353 PRO A CD  
236 N N   . TYR A 47 ? 0.0959 0.0953 0.1178 -0.0121 0.0063  -0.0173 354 TYR A N   
237 C CA  . TYR A 47 ? 0.0884 0.0870 0.1121 -0.0119 0.0085  -0.0125 354 TYR A CA  
238 C C   . TYR A 47 ? 0.0918 0.0832 0.1173 -0.0122 0.0107  -0.0102 354 TYR A C   
239 O O   . TYR A 47 ? 0.0999 0.0899 0.1267 -0.0127 0.0126  -0.0059 354 TYR A O   
240 C CB  . TYR A 47 ? 0.0915 0.0925 0.1101 -0.0090 0.0080  -0.0099 354 TYR A CB  
241 C CG  . TYR A 47 ? 0.0763 0.0827 0.0940 -0.0082 0.0060  -0.0117 354 TYR A CG  
242 C CD1 . TYR A 47 ? 0.0916 0.1036 0.1142 -0.0093 0.0063  -0.0120 354 TYR A CD1 
243 C CD2 . TYR A 47 ? 0.0830 0.0891 0.0957 -0.0064 0.0038  -0.0128 354 TYR A CD2 
244 C CE1 . TYR A 47 ? 0.0900 0.1075 0.1135 -0.0074 0.0039  -0.0136 354 TYR A CE1 
245 C CE2 . TYR A 47 ? 0.0828 0.0929 0.0949 -0.0049 0.0013  -0.0137 354 TYR A CE2 
246 C CZ  . TYR A 47 ? 0.0917 0.1076 0.1096 -0.0050 0.0011  -0.0142 354 TYR A CZ  
247 O OH  . TYR A 47 ? 0.1130 0.1335 0.1317 -0.0026 -0.0019 -0.0150 354 TYR A OH  
248 N N   . GLY A 48 ? 0.0961 0.0831 0.1217 -0.0111 0.0106  -0.0128 355 GLY A N   
249 C CA  . GLY A 48 ? 0.1142 0.0939 0.1428 -0.0101 0.0123  -0.0107 355 GLY A CA  
250 C C   . GLY A 48 ? 0.1029 0.0803 0.1312 -0.0074 0.0124  -0.0138 355 GLY A C   
251 O O   . GLY A 48 ? 0.1066 0.0881 0.1310 -0.0067 0.0116  -0.0172 355 GLY A O   
252 N N   . HIS A 49 ? 0.1129 0.0835 0.1453 -0.0054 0.0137  -0.0122 356 HIS A N   
253 C CA  . HIS A 49 ? 0.1273 0.0962 0.1616 -0.0021 0.0146  -0.0157 356 HIS A CA  
254 C C   . HIS A 49 ? 0.0988 0.0743 0.1310 0.0010  0.0139  -0.0133 356 HIS A C   
255 O O   . HIS A 49 ? 0.1080 0.0853 0.1402 0.0025  0.0125  -0.0078 356 HIS A O   
256 C CB  . HIS A 49 ? 0.1519 0.1113 0.1927 0.0001  0.0161  -0.0142 356 HIS A CB  
257 C CG  . HIS A 49 ? 0.2275 0.1857 0.2721 0.0043  0.0176  -0.0183 356 HIS A CG  
258 N ND1 . HIS A 49 ? 0.3031 0.2630 0.3517 0.0095  0.0171  -0.0145 356 HIS A ND1 
259 C CD2 . HIS A 49 ? 0.2804 0.2368 0.3256 0.0044  0.0197  -0.0263 356 HIS A CD2 
260 C CE1 . HIS A 49 ? 0.3019 0.2618 0.3548 0.0128  0.0195  -0.0200 356 HIS A CE1 
261 N NE2 . HIS A 49 ? 0.2991 0.2565 0.3492 0.0097  0.0213  -0.0273 356 HIS A NE2 
262 N N   . ILE A 50 ? 0.0992 0.0786 0.1294 0.0014  0.0149  -0.0178 357 ILE A N   
263 C CA  . ILE A 50 ? 0.0811 0.0673 0.1104 0.0031  0.0147  -0.0164 357 ILE A CA  
264 C C   . ILE A 50 ? 0.0866 0.0735 0.1230 0.0071  0.0168  -0.0179 357 ILE A C   
265 O O   . ILE A 50 ? 0.1070 0.0916 0.1452 0.0079  0.0195  -0.0232 357 ILE A O   
266 C CB  . ILE A 50 ? 0.0808 0.0713 0.1033 0.0008  0.0152  -0.0192 357 ILE A CB  
267 C CG1 . ILE A 50 ? 0.0822 0.0733 0.0996 -0.0017 0.0128  -0.0171 357 ILE A CG1 
268 C CG2 . ILE A 50 ? 0.0842 0.0806 0.1072 0.0017  0.0164  -0.0184 357 ILE A CG2 
269 C CD1 . ILE A 50 ? 0.1026 0.0964 0.1127 -0.0033 0.0124  -0.0189 357 ILE A CD1 
270 N N   . MET A 51 ? 0.0861 0.0769 0.1268 0.0096  0.0150  -0.0137 358 MET A N   
271 C CA  A MET A 51 ? 0.0971 0.0906 0.1467 0.0140  0.0164  -0.0149 358 MET A CA  
272 C CA  B MET A 51 ? 0.0853 0.0793 0.1352 0.0143  0.0158  -0.0140 358 MET A CA  
273 C C   . MET A 51 ? 0.0832 0.0868 0.1350 0.0137  0.0177  -0.0165 358 MET A C   
274 O O   . MET A 51 ? 0.0888 0.0962 0.1483 0.0167  0.0206  -0.0197 358 MET A O   
275 C CB  A MET A 51 ? 0.1171 0.1079 0.1725 0.0181  0.0134  -0.0096 358 MET A CB  
276 C CB  B MET A 51 ? 0.0856 0.0800 0.1392 0.0172  0.0117  -0.0075 358 MET A CB  
277 C CG  A MET A 51 ? 0.1674 0.1471 0.2208 0.0174  0.0132  -0.0075 358 MET A CG  
278 C CG  B MET A 51 ? 0.1165 0.1007 0.1687 0.0179  0.0105  -0.0035 358 MET A CG  
279 S SD  A MET A 51 ? 0.2126 0.1871 0.2710 0.0227  0.0100  0.0004  358 MET A SD  
280 S SD  B MET A 51 ? 0.1945 0.1785 0.2470 0.0213  0.0057  0.0056  358 MET A SD  
281 C CE  A MET A 51 ? 0.2311 0.1959 0.2995 0.0273  0.0132  -0.0037 358 MET A CE  
282 C CE  B MET A 51 ? 0.2434 0.2322 0.3085 0.0288  0.0041  0.0058  358 MET A CE  
283 N N   . GLN A 52 ? 0.0757 0.0833 0.1217 0.0101  0.0163  -0.0148 359 GLN A N   
284 C CA  . GLN A 52 ? 0.0769 0.0929 0.1249 0.0084  0.0179  -0.0159 359 GLN A CA  
285 C C   . GLN A 52 ? 0.0671 0.0822 0.1053 0.0037  0.0178  -0.0152 359 GLN A C   
286 O O   . GLN A 52 ? 0.0731 0.0843 0.1059 0.0026  0.0146  -0.0127 359 GLN A O   
287 C CB  . GLN A 52 ? 0.0874 0.1110 0.1434 0.0100  0.0145  -0.0130 359 GLN A CB  
288 C CG  . GLN A 52 ? 0.1494 0.1829 0.2116 0.0081  0.0167  -0.0149 359 GLN A CG  
289 C CD  . GLN A 52 ? 0.1979 0.2406 0.2702 0.0098  0.0126  -0.0130 359 GLN A CD  
290 O OE1 . GLN A 52 ? 0.2191 0.2605 0.2924 0.0132  0.0076  -0.0098 359 GLN A OE1 
291 N NE2 . GLN A 52 ? 0.2085 0.2612 0.2883 0.0072  0.0144  -0.0149 359 GLN A NE2 
292 N N   . ILE A 53 ? 0.0648 0.0833 0.1011 0.0013  0.0215  -0.0173 360 ILE A N   
293 C CA  . ILE A 53 ? 0.0774 0.0945 0.1057 -0.0028 0.0214  -0.0156 360 ILE A CA  
294 C C   . ILE A 53 ? 0.0835 0.1078 0.1175 -0.0051 0.0239  -0.0156 360 ILE A C   
295 O O   . ILE A 53 ? 0.0986 0.1275 0.1361 -0.0052 0.0289  -0.0180 360 ILE A O   
296 C CB  . ILE A 53 ? 0.0769 0.0893 0.0947 -0.0042 0.0235  -0.0171 360 ILE A CB  
297 C CG1 . ILE A 53 ? 0.0873 0.0942 0.1014 -0.0028 0.0208  -0.0180 360 ILE A CG1 
298 C CG2 . ILE A 53 ? 0.1066 0.1171 0.1165 -0.0077 0.0234  -0.0144 360 ILE A CG2 
299 C CD1 . ILE A 53 ? 0.1079 0.1118 0.1129 -0.0039 0.0220  -0.0205 360 ILE A CD1 
300 N N   . ASN A 54 ? 0.0848 0.1105 0.1202 -0.0074 0.0209  -0.0134 361 ASN A N   
301 C CA  A ASN A 54 ? 0.0990 0.1318 0.1419 -0.0106 0.0225  -0.0136 361 ASN A CA  
302 C CA  B ASN A 54 ? 0.1011 0.1340 0.1439 -0.0106 0.0227  -0.0136 361 ASN A CA  
303 C C   . ASN A 54 ? 0.1015 0.1290 0.1373 -0.0153 0.0225  -0.0117 361 ASN A C   
304 O O   . ASN A 54 ? 0.1151 0.1374 0.1462 -0.0153 0.0182  -0.0105 361 ASN A O   
305 C CB  A ASN A 54 ? 0.1053 0.1450 0.1586 -0.0086 0.0177  -0.0135 361 ASN A CB  
306 C CB  B ASN A 54 ? 0.1095 0.1499 0.1635 -0.0088 0.0183  -0.0138 361 ASN A CB  
307 C CG  A ASN A 54 ? 0.1246 0.1750 0.1897 -0.0116 0.0190  -0.0148 361 ASN A CG  
308 C CG  B ASN A 54 ? 0.1401 0.1914 0.2061 -0.0117 0.0204  -0.0152 361 ASN A CG  
309 O OD1 A ASN A 54 ? 0.1284 0.1784 0.1924 -0.0170 0.0207  -0.0146 361 ASN A OD1 
310 O OD1 B ASN A 54 ? 0.1657 0.2184 0.2317 -0.0155 0.0261  -0.0157 361 ASN A OD1 
311 N ND2 A ASN A 54 ? 0.1508 0.2110 0.2285 -0.0079 0.0181  -0.0161 361 ASN A ND2 
312 N ND2 B ASN A 54 ? 0.1736 0.2334 0.2500 -0.0099 0.0157  -0.0155 361 ASN A ND2 
313 N N   . ILE A 55 ? 0.1009 0.1292 0.1357 -0.0193 0.0276  -0.0112 362 ILE A N   
314 C CA  . ILE A 55 ? 0.1196 0.1408 0.1477 -0.0238 0.0282  -0.0086 362 ILE A CA  
315 C C   . ILE A 55 ? 0.1057 0.1329 0.1439 -0.0291 0.0301  -0.0091 362 ILE A C   
316 O O   . ILE A 55 ? 0.1139 0.1494 0.1594 -0.0310 0.0354  -0.0099 362 ILE A O   
317 C CB  . ILE A 55 ? 0.1414 0.1564 0.1575 -0.0248 0.0326  -0.0063 362 ILE A CB  
318 C CG1 . ILE A 55 ? 0.1716 0.1823 0.1791 -0.0201 0.0301  -0.0069 362 ILE A CG1 
319 C CG2 . ILE A 55 ? 0.1806 0.1867 0.1899 -0.0289 0.0330  -0.0024 362 ILE A CG2 
320 C CD1 . ILE A 55 ? 0.2396 0.2482 0.2367 -0.0201 0.0341  -0.0065 362 ILE A CD1 
321 N N   . LYS A 56 ? 0.0957 0.1192 0.1349 -0.0318 0.0261  -0.0089 363 LYS A N   
322 C CA  . LYS A 56 ? 0.1028 0.1312 0.1521 -0.0379 0.0270  -0.0099 363 LYS A CA  
323 C C   . LYS A 56 ? 0.1195 0.1358 0.1613 -0.0431 0.0295  -0.0070 363 LYS A C   
324 O O   . LYS A 56 ? 0.1313 0.1374 0.1605 -0.0409 0.0304  -0.0038 363 LYS A O   
325 C CB  . LYS A 56 ? 0.1131 0.1471 0.1700 -0.0372 0.0200  -0.0132 363 LYS A CB  
326 C CG  . LYS A 56 ? 0.1328 0.1796 0.1994 -0.0323 0.0178  -0.0152 363 LYS A CG  
327 C CD  . LYS A 56 ? 0.1901 0.2509 0.2731 -0.0361 0.0205  -0.0172 363 LYS A CD  
328 C CE  . LYS A 56 ? 0.1986 0.2725 0.2928 -0.0304 0.0192  -0.0188 363 LYS A CE  
329 N NZ  . LYS A 56 ? 0.2297 0.3015 0.3197 -0.0258 0.0247  -0.0178 363 LYS A NZ  
330 N N   . ASN A 57 ? 0.1325 0.1498 0.1825 -0.0498 0.0303  -0.0080 364 ASN A N   
331 C CA  . ASN A 57 ? 0.1591 0.1633 0.2030 -0.0552 0.0334  -0.0045 364 ASN A CA  
332 C C   . ASN A 57 ? 0.1737 0.1632 0.2062 -0.0519 0.0288  -0.0034 364 ASN A C   
333 O O   . ASN A 57 ? 0.1997 0.1770 0.2217 -0.0519 0.0313  0.0014  364 ASN A O   
334 C CB  . ASN A 57 ? 0.1641 0.1717 0.2208 -0.0637 0.0343  -0.0069 364 ASN A CB  
335 C CG  . ASN A 57 ? 0.1810 0.2003 0.2484 -0.0692 0.0418  -0.0061 364 ASN A CG  
336 O OD1 . ASN A 57 ? 0.2350 0.2593 0.2991 -0.0666 0.0472  -0.0039 364 ASN A OD1 
337 N ND2 . ASN A 57 ? 0.1796 0.2041 0.2607 -0.0770 0.0423  -0.0088 364 ASN A ND2 
338 N N   . ALA A 58 ? 0.1611 0.1520 0.1956 -0.0491 0.0223  -0.0078 365 ALA A N   
339 C CA  . ALA A 58 ? 0.1725 0.1507 0.1989 -0.0467 0.0185  -0.0082 365 ALA A CA  
340 C C   . ALA A 58 ? 0.1622 0.1426 0.1828 -0.0389 0.0143  -0.0094 365 ALA A C   
341 O O   . ALA A 58 ? 0.1838 0.1558 0.1984 -0.0361 0.0115  -0.0103 365 ALA A O   
342 C CB  . ALA A 58 ? 0.1921 0.1677 0.2249 -0.0515 0.0154  -0.0132 365 ALA A CB  
343 N N   . PHE A 59 ? 0.1391 0.1301 0.1620 -0.0357 0.0143  -0.0094 366 PHE A N   
344 C CA  . PHE A 59 ? 0.1221 0.1155 0.1409 -0.0294 0.0108  -0.0102 366 PHE A CA  
345 C C   . PHE A 59 ? 0.1055 0.1071 0.1263 -0.0267 0.0128  -0.0090 366 PHE A C   
346 O O   . PHE A 59 ? 0.1052 0.1123 0.1315 -0.0293 0.0165  -0.0087 366 PHE A O   
347 C CB  . PHE A 59 ? 0.1307 0.1290 0.1532 -0.0290 0.0057  -0.0143 366 PHE A CB  
348 C CG  . PHE A 59 ? 0.1394 0.1505 0.1722 -0.0305 0.0044  -0.0161 366 PHE A CG  
349 C CD1 . PHE A 59 ? 0.1689 0.1879 0.2035 -0.0258 0.0025  -0.0156 366 PHE A CD1 
350 C CD2 . PHE A 59 ? 0.1659 0.1811 0.2077 -0.0365 0.0049  -0.0183 366 PHE A CD2 
351 C CE1 . PHE A 59 ? 0.1793 0.2103 0.2244 -0.0259 0.0008  -0.0168 366 PHE A CE1 
352 C CE2 . PHE A 59 ? 0.1527 0.1819 0.2062 -0.0374 0.0031  -0.0201 366 PHE A CE2 
353 C CZ  . PHE A 59 ? 0.1682 0.2053 0.2232 -0.0315 0.0008  -0.0193 366 PHE A CZ  
354 N N   . GLY A 60 ? 0.0960 0.0983 0.1131 -0.0217 0.0107  -0.0090 367 GLY A N   
355 C CA  . GLY A 60 ? 0.0902 0.0992 0.1104 -0.0188 0.0118  -0.0090 367 GLY A CA  
356 C C   . GLY A 60 ? 0.0828 0.0936 0.1028 -0.0148 0.0081  -0.0094 367 GLY A C   
357 O O   . GLY A 60 ? 0.0920 0.1001 0.1085 -0.0142 0.0049  -0.0099 367 GLY A O   
358 N N   . PHE A 61 ? 0.0767 0.0915 0.0998 -0.0118 0.0088  -0.0093 368 PHE A N   
359 C CA  . PHE A 61 ? 0.0843 0.0987 0.1060 -0.0082 0.0062  -0.0086 368 PHE A CA  
360 C C   . PHE A 61 ? 0.0721 0.0850 0.0935 -0.0057 0.0083  -0.0085 368 PHE A C   
361 O O   . PHE A 61 ? 0.0686 0.0835 0.0928 -0.0059 0.0118  -0.0097 368 PHE A O   
362 C CB  . PHE A 61 ? 0.1133 0.1339 0.1405 -0.0069 0.0024  -0.0085 368 PHE A CB  
363 C CG  . PHE A 61 ? 0.1227 0.1506 0.1598 -0.0053 0.0030  -0.0088 368 PHE A CG  
364 C CD1 . PHE A 61 ? 0.1500 0.1775 0.1897 -0.0013 0.0037  -0.0078 368 PHE A CD1 
365 C CD2 . PHE A 61 ? 0.1526 0.1886 0.1982 -0.0077 0.0025  -0.0104 368 PHE A CD2 
366 C CE1 . PHE A 61 ? 0.1712 0.2056 0.2213 0.0014  0.0041  -0.0083 368 PHE A CE1 
367 C CE2 . PHE A 61 ? 0.1467 0.1915 0.2037 -0.0054 0.0029  -0.0110 368 PHE A CE2 
368 C CZ  . PHE A 61 ? 0.1794 0.2232 0.2385 -0.0004 0.0037  -0.0099 368 PHE A CZ  
369 N N   . ILE A 62 ? 0.0657 0.0754 0.0838 -0.0038 0.0068  -0.0074 369 ILE A N   
370 C CA  . ILE A 62 ? 0.0769 0.0844 0.0960 -0.0018 0.0082  -0.0078 369 ILE A CA  
371 C C   . ILE A 62 ? 0.0605 0.0682 0.0827 0.0008  0.0060  -0.0055 369 ILE A C   
372 O O   . ILE A 62 ? 0.0648 0.0715 0.0832 0.0007  0.0040  -0.0035 369 ILE A O   
373 C CB  . ILE A 62 ? 0.0837 0.0866 0.0966 -0.0026 0.0087  -0.0084 369 ILE A CB  
374 C CG1 . ILE A 62 ? 0.1187 0.1210 0.1273 -0.0045 0.0105  -0.0095 369 ILE A CG1 
375 C CG2 . ILE A 62 ? 0.0949 0.0953 0.1097 -0.0015 0.0097  -0.0095 369 ILE A CG2 
376 C CD1 . ILE A 62 ? 0.1458 0.1451 0.1483 -0.0047 0.0099  -0.0101 369 ILE A CD1 
377 N N   . GLN A 63 ? 0.0672 0.0761 0.0960 0.0033  0.0068  -0.0057 370 GLN A N   
378 C CA  . GLN A 63 ? 0.0664 0.0737 0.0978 0.0064  0.0047  -0.0023 370 GLN A CA  
379 C C   . GLN A 63 ? 0.0745 0.0742 0.1044 0.0065  0.0066  -0.0023 370 GLN A C   
380 O O   . GLN A 63 ? 0.0845 0.0818 0.1175 0.0070  0.0092  -0.0056 370 GLN A O   
381 C CB  . GLN A 63 ? 0.0752 0.0871 0.1163 0.0101  0.0041  -0.0023 370 GLN A CB  
382 C CG  . GLN A 63 ? 0.0906 0.1002 0.1342 0.0142  0.0011  0.0025  370 GLN A CG  
383 C CD  . GLN A 63 ? 0.0941 0.1072 0.1326 0.0139  -0.0035 0.0062  370 GLN A CD  
384 O OE1 . GLN A 63 ? 0.1004 0.1217 0.1413 0.0135  -0.0062 0.0051  370 GLN A OE1 
385 N NE2 . GLN A 63 ? 0.1184 0.1257 0.1497 0.0139  -0.0042 0.0104  370 GLN A NE2 
386 N N   . PHE A 64 ? 0.0794 0.0756 0.1049 0.0057  0.0056  0.0009  371 PHE A N   
387 C CA  . PHE A 64 ? 0.0938 0.0831 0.1200 0.0051  0.0072  0.0017  371 PHE A CA  
388 C C   . PHE A 64 ? 0.0975 0.0827 0.1268 0.0084  0.0062  0.0067  371 PHE A C   
389 O O   . PHE A 64 ? 0.1027 0.0919 0.1334 0.0114  0.0034  0.0094  371 PHE A O   
390 C CB  . PHE A 64 ? 0.0955 0.0841 0.1161 0.0020  0.0076  0.0027  371 PHE A CB  
391 C CG  . PHE A 64 ? 0.0873 0.0788 0.1052 -0.0005 0.0081  -0.0015 371 PHE A CG  
392 C CD1 . PHE A 64 ? 0.0918 0.0812 0.1110 -0.0022 0.0094  -0.0052 371 PHE A CD1 
393 C CD2 . PHE A 64 ? 0.0958 0.0916 0.1094 -0.0009 0.0070  -0.0016 371 PHE A CD2 
394 C CE1 . PHE A 64 ? 0.0889 0.0811 0.1048 -0.0038 0.0089  -0.0081 371 PHE A CE1 
395 C CE2 . PHE A 64 ? 0.1217 0.1187 0.1328 -0.0023 0.0070  -0.0044 371 PHE A CE2 
396 C CZ  . PHE A 64 ? 0.1131 0.1088 0.1252 -0.0035 0.0078  -0.0072 371 PHE A CZ  
397 N N   . ASP A 65 ? 0.1162 0.0932 0.1471 0.0078  0.0079  0.0083  372 ASP A N   
398 C CA  . ASP A 65 ? 0.1252 0.0962 0.1586 0.0111  0.0069  0.0143  372 ASP A CA  
399 C C   . ASP A 65 ? 0.1328 0.1015 0.1592 0.0095  0.0067  0.0211  372 ASP A C   
400 O O   . ASP A 65 ? 0.1461 0.1085 0.1724 0.0118  0.0060  0.0277  372 ASP A O   
401 C CB  . ASP A 65 ? 0.1397 0.1009 0.1804 0.0125  0.0092  0.0124  372 ASP A CB  
402 C CG  . ASP A 65 ? 0.1431 0.0983 0.1834 0.0072  0.0123  0.0092  372 ASP A CG  
403 O OD1 . ASP A 65 ? 0.1727 0.1195 0.2187 0.0076  0.0142  0.0060  372 ASP A OD1 
404 O OD2 . ASP A 65 ? 0.1713 0.1300 0.2067 0.0028  0.0128  0.0093  372 ASP A OD2 
405 N N   . ASN A 66 ? 0.1175 0.0911 0.1380 0.0056  0.0075  0.0199  373 ASN A N   
406 C CA  . ASN A 66 ? 0.1224 0.0950 0.1360 0.0036  0.0087  0.0255  373 ASN A CA  
407 C C   . ASN A 66 ? 0.1090 0.0901 0.1163 0.0016  0.0084  0.0229  373 ASN A C   
408 O O   . ASN A 66 ? 0.1105 0.0959 0.1197 0.0008  0.0081  0.0169  373 ASN A O   
409 C CB  . ASN A 66 ? 0.1230 0.0882 0.1399 -0.0005 0.0128  0.0263  373 ASN A CB  
410 C CG  . ASN A 66 ? 0.1129 0.0824 0.1322 -0.0045 0.0145  0.0194  373 ASN A CG  
411 O OD1 . ASN A 66 ? 0.1161 0.0910 0.1321 -0.0071 0.0160  0.0195  373 ASN A OD1 
412 N ND2 . ASN A 66 ? 0.1334 0.1018 0.1582 -0.0044 0.0140  0.0133  373 ASN A ND2 
413 N N   . PRO A 67 ? 0.1133 0.0963 0.1125 0.0012  0.0088  0.0274  374 PRO A N   
414 C CA  . PRO A 67 ? 0.1122 0.1027 0.1056 0.0001  0.0087  0.0241  374 PRO A CA  
415 C C   . PRO A 67 ? 0.0977 0.0902 0.0930 -0.0035 0.0125  0.0203  374 PRO A C   
416 O O   . PRO A 67 ? 0.0946 0.0924 0.0883 -0.0034 0.0121  0.0158  374 PRO A O   
417 C CB  . PRO A 67 ? 0.1227 0.1144 0.1057 0.0011  0.0080  0.0298  374 PRO A CB  
418 C CG  . PRO A 67 ? 0.1498 0.1337 0.1333 0.0009  0.0102  0.0373  374 PRO A CG  
419 C CD  . PRO A 67 ? 0.1417 0.1202 0.1358 0.0026  0.0087  0.0358  374 PRO A CD  
420 N N   . GLN A 68 ? 0.0987 0.0874 0.0984 -0.0062 0.0160  0.0221  375 GLN A N   
421 C CA  . GLN A 68 ? 0.0912 0.0840 0.0950 -0.0095 0.0190  0.0184  375 GLN A CA  
422 C C   . GLN A 68 ? 0.0875 0.0830 0.0961 -0.0090 0.0168  0.0117  375 GLN A C   
423 O O   . GLN A 68 ? 0.0822 0.0835 0.0912 -0.0092 0.0171  0.0081  375 GLN A O   
424 C CB  . GLN A 68 ? 0.1045 0.0929 0.1140 -0.0136 0.0229  0.0211  375 GLN A CB  
425 C CG  . GLN A 68 ? 0.1116 0.1065 0.1271 -0.0173 0.0261  0.0174  375 GLN A CG  
426 C CD  . GLN A 68 ? 0.1440 0.1459 0.1542 -0.0177 0.0296  0.0191  375 GLN A CD  
427 O OE1 . GLN A 68 ? 0.1801 0.1798 0.1852 -0.0191 0.0332  0.0253  375 GLN A OE1 
428 N NE2 . GLN A 68 ? 0.1732 0.1831 0.1841 -0.0161 0.0289  0.0139  375 GLN A NE2 
429 N N   . SER A 69 ? 0.0830 0.0743 0.0949 -0.0079 0.0145  0.0101  376 SER A N   
430 C CA  . SER A 69 ? 0.0787 0.0722 0.0931 -0.0074 0.0127  0.0045  376 SER A CA  
431 C C   . SER A 69 ? 0.0729 0.0710 0.0825 -0.0055 0.0108  0.0027  376 SER A C   
432 O O   . SER A 69 ? 0.0734 0.0743 0.0836 -0.0057 0.0102  -0.0008 376 SER A O   
433 C CB  . SER A 69 ? 0.0831 0.0717 0.1003 -0.0061 0.0115  0.0032  376 SER A CB  
434 O OG  . SER A 69 ? 0.1045 0.0873 0.1267 -0.0080 0.0132  0.0034  376 SER A OG  
435 N N   . VAL A 70 ? 0.0659 0.0643 0.0711 -0.0037 0.0096  0.0050  377 VAL A N   
436 C CA  . VAL A 70 ? 0.0774 0.0790 0.0786 -0.0025 0.0078  0.0029  377 VAL A CA  
437 C C   . VAL A 70 ? 0.0717 0.0764 0.0704 -0.0029 0.0095  0.0015  377 VAL A C   
438 O O   . VAL A 70 ? 0.0836 0.0895 0.0822 -0.0022 0.0088  -0.0019 377 VAL A O   
439 C CB  . VAL A 70 ? 0.0741 0.0762 0.0714 -0.0009 0.0055  0.0049  377 VAL A CB  
440 C CG1 . VAL A 70 ? 0.0975 0.1024 0.0911 -0.0008 0.0038  0.0017  377 VAL A CG1 
441 C CG2 . VAL A 70 ? 0.0953 0.0961 0.0974 0.0002  0.0039  0.0056  377 VAL A CG2 
442 N N   . ARG A 71 ? 0.0842 0.0902 0.0807 -0.0038 0.0121  0.0042  378 ARG A N   
443 C CA  . ARG A 71 ? 0.0897 0.1000 0.0850 -0.0038 0.0148  0.0024  378 ARG A CA  
444 C C   . ARG A 71 ? 0.0862 0.0992 0.0890 -0.0043 0.0153  -0.0008 378 ARG A C   
445 O O   . ARG A 71 ? 0.0872 0.1033 0.0905 -0.0026 0.0152  -0.0041 378 ARG A O   
446 C CB  . ARG A 71 ? 0.1024 0.1143 0.0950 -0.0055 0.0188  0.0065  378 ARG A CB  
447 C CG  . ARG A 71 ? 0.1109 0.1214 0.0939 -0.0044 0.0177  0.0101  378 ARG A CG  
448 C CD  . ARG A 71 ? 0.1710 0.1835 0.1480 -0.0058 0.0224  0.0140  378 ARG A CD  
449 N NE  . ARG A 71 ? 0.1729 0.1824 0.1545 -0.0087 0.0256  0.0191  378 ARG A NE  
450 C CZ  . ARG A 71 ? 0.1931 0.1965 0.1713 -0.0088 0.0249  0.0257  378 ARG A CZ  
451 N NH1 . ARG A 71 ? 0.2070 0.2089 0.1781 -0.0058 0.0204  0.0277  378 ARG A NH1 
452 N NH2 . ARG A 71 ? 0.1916 0.1906 0.1746 -0.0119 0.0283  0.0303  378 ARG A NH2 
453 N N   . ASP A 72 ? 0.0802 0.0918 0.0888 -0.0064 0.0154  -0.0002 379 ASP A N   
454 C CA  . ASP A 72 ? 0.0817 0.0968 0.0972 -0.0071 0.0147  -0.0034 379 ASP A CA  
455 C C   . ASP A 72 ? 0.0772 0.0915 0.0915 -0.0048 0.0111  -0.0063 379 ASP A C   
456 O O   . ASP A 72 ? 0.0825 0.1008 0.0995 -0.0032 0.0100  -0.0086 379 ASP A O   
457 C CB  . ASP A 72 ? 0.0916 0.1048 0.1132 -0.0105 0.0151  -0.0031 379 ASP A CB  
458 C CG  . ASP A 72 ? 0.0990 0.1126 0.1236 -0.0139 0.0194  0.0001  379 ASP A CG  
459 O OD1 . ASP A 72 ? 0.1235 0.1331 0.1528 -0.0170 0.0199  0.0006  379 ASP A OD1 
460 O OD2 . ASP A 72 ? 0.1098 0.1274 0.1320 -0.0137 0.0226  0.0020  379 ASP A OD2 
461 N N   . ALA A 73 ? 0.0828 0.0920 0.0932 -0.0042 0.0093  -0.0057 380 ALA A N   
462 C CA  . ALA A 73 ? 0.0864 0.0940 0.0944 -0.0025 0.0067  -0.0074 380 ALA A CA  
463 C C   . ALA A 73 ? 0.0804 0.0883 0.0856 -0.0002 0.0063  -0.0083 380 ALA A C   
464 O O   . ALA A 73 ? 0.0849 0.0927 0.0903 0.0015  0.0048  -0.0096 380 ALA A O   
465 C CB  . ALA A 73 ? 0.0961 0.0996 0.1017 -0.0028 0.0061  -0.0067 380 ALA A CB  
466 N N   . ILE A 74 ? 0.0819 0.0899 0.0840 0.0000  0.0078  -0.0078 381 ILE A N   
467 C CA  . ILE A 74 ? 0.0883 0.0958 0.0877 0.0021  0.0078  -0.0098 381 ILE A CA  
468 C C   . ILE A 74 ? 0.0942 0.1062 0.0979 0.0041  0.0091  -0.0116 381 ILE A C   
469 O O   . ILE A 74 ? 0.1033 0.1137 0.1078 0.0069  0.0079  -0.0135 381 ILE A O   
470 C CB  . ILE A 74 ? 0.0842 0.0917 0.0784 0.0017  0.0087  -0.0097 381 ILE A CB  
471 C CG1 . ILE A 74 ? 0.0912 0.0958 0.0830 0.0004  0.0063  -0.0085 381 ILE A CG1 
472 C CG2 . ILE A 74 ? 0.1134 0.1205 0.1045 0.0038  0.0094  -0.0134 381 ILE A CG2 
473 C CD1 . ILE A 74 ? 0.1126 0.1188 0.0992 0.0000  0.0061  -0.0074 381 ILE A CD1 
474 N N   . GLU A 75 ? 0.0911 0.1086 0.0985 0.0027  0.0117  -0.0109 382 GLU A N   
475 C CA  . GLU A 75 ? 0.1005 0.1250 0.1144 0.0044  0.0135  -0.0128 382 GLU A CA  
476 C C   . GLU A 75 ? 0.0917 0.1175 0.1110 0.0062  0.0099  -0.0139 382 GLU A C   
477 O O   . GLU A 75 ? 0.1046 0.1333 0.1278 0.0101  0.0094  -0.0159 382 GLU A O   
478 C CB  . GLU A 75 ? 0.0983 0.1286 0.1164 0.0012  0.0174  -0.0111 382 GLU A CB  
479 C CG  . GLU A 75 ? 0.1211 0.1612 0.1484 0.0022  0.0200  -0.0134 382 GLU A CG  
480 C CD  . GLU A 75 ? 0.1466 0.1926 0.1797 -0.0023 0.0244  -0.0116 382 GLU A CD  
481 O OE1 . GLU A 75 ? 0.1643 0.2057 0.1919 -0.0056 0.0264  -0.0080 382 GLU A OE1 
482 O OE2 . GLU A 75 ? 0.1706 0.2263 0.2144 -0.0027 0.0260  -0.0136 382 GLU A OE2 
483 N N   . CAF A 76 ? 0.0874 0.1113 0.1070 0.0041  0.0075  -0.0127 383 CAF A N   
484 C CA  . CAF A 76 ? 0.0906 0.1176 0.1145 0.0052  0.0038  -0.0136 383 CAF A CA  
485 C CB  . CAF A 76 ? 0.0815 0.1101 0.1083 0.0010  0.0032  -0.0138 383 CAF A CB  
486 C C   . CAF A 76 ? 0.1006 0.1212 0.1187 0.0077  0.0001  -0.0129 383 CAF A C   
487 O O   . CAF A 76 ? 0.1231 0.1463 0.1434 0.0103  -0.0034 -0.0132 383 CAF A O   
488 S SG  . CAF A 76 ? 0.1131 0.1496 0.1492 -0.0028 0.0073  -0.0143 383 CAF A SG  
493 N N   . GLU A 77 ? 0.0844 0.0973 0.0954 0.0070  0.0007  -0.0116 384 GLU A N   
494 C CA  . GLU A 77 ? 0.0959 0.1023 0.1012 0.0082  -0.0017 -0.0102 384 GLU A CA  
495 C C   . GLU A 77 ? 0.0979 0.0978 0.1003 0.0106  -0.0014 -0.0099 384 GLU A C   
496 O O   . GLU A 77 ? 0.1122 0.1058 0.1103 0.0115  -0.0031 -0.0081 384 GLU A O   
497 C CB  . GLU A 77 ? 0.0905 0.0933 0.0914 0.0048  -0.0011 -0.0091 384 GLU A CB  
498 C CG  . GLU A 77 ? 0.0923 0.0988 0.0952 0.0025  -0.0017 -0.0101 384 GLU A CG  
499 C CD  . GLU A 77 ? 0.0811 0.0903 0.0831 0.0039  -0.0053 -0.0106 384 GLU A CD  
500 O OE1 . GLU A 77 ? 0.0963 0.1020 0.0935 0.0065  -0.0073 -0.0087 384 GLU A OE1 
501 O OE2 . GLU A 77 ? 0.0995 0.1140 0.1054 0.0024  -0.0065 -0.0128 384 GLU A OE2 
502 N N   . SER A 78 ? 0.1109 0.1119 0.1151 0.0115  0.0008  -0.0120 385 SER A N   
503 C CA  . SER A 78 ? 0.1308 0.1246 0.1321 0.0132  0.0013  -0.0132 385 SER A CA  
504 C C   . SER A 78 ? 0.1442 0.1338 0.1470 0.0180  -0.0007 -0.0130 385 SER A C   
505 O O   . SER A 78 ? 0.1605 0.1408 0.1603 0.0189  -0.0009 -0.0130 385 SER A O   
506 C CB  . SER A 78 ? 0.1325 0.1288 0.1337 0.0132  0.0042  -0.0164 385 SER A CB  
507 O OG  . SER A 78 ? 0.1483 0.1453 0.1459 0.0093  0.0051  -0.0157 385 SER A OG  
508 N N   . GLN A 79 ? 0.1377 0.1340 0.1460 0.0212  -0.0025 -0.0126 386 GLN A N   
509 C CA  . GLN A 79 ? 0.1580 0.1509 0.1685 0.0270  -0.0053 -0.0117 386 GLN A CA  
510 C C   . GLN A 79 ? 0.1568 0.1488 0.1644 0.0277  -0.0097 -0.0074 386 GLN A C   
511 O O   . GLN A 79 ? 0.1779 0.1674 0.1867 0.0331  -0.0131 -0.0053 386 GLN A O   
512 C CB  . GLN A 79 ? 0.1706 0.1732 0.1908 0.0316  -0.0046 -0.0149 386 GLN A CB  
513 C CG  . GLN A 79 ? 0.2029 0.2049 0.2242 0.0326  0.0001  -0.0195 386 GLN A CG  
514 C CD  . GLN A 79 ? 0.2236 0.2121 0.2408 0.0353  0.0001  -0.0204 386 GLN A CD  
515 O OE1 . GLN A 79 ? 0.2471 0.2291 0.2656 0.0399  -0.0030 -0.0184 386 GLN A OE1 
516 N NE2 . GLN A 79 ? 0.2601 0.2438 0.2721 0.0322  0.0031  -0.0236 386 GLN A NE2 
517 N N   . GLU A 80 ? 0.1326 0.1260 0.1355 0.0228  -0.0098 -0.0060 387 GLU A N   
518 C CA  . GLU A 80 ? 0.1357 0.1288 0.1336 0.0229  -0.0136 -0.0027 387 GLU A CA  
519 C C   . GLU A 80 ? 0.1439 0.1249 0.1324 0.0218  -0.0133 0.0014  387 GLU A C   
520 O O   . GLU A 80 ? 0.1414 0.1162 0.1279 0.0187  -0.0099 0.0010  387 GLU A O   
521 C CB  . GLU A 80 ? 0.1277 0.1276 0.1250 0.0181  -0.0133 -0.0042 387 GLU A CB  
522 C CG  . GLU A 80 ? 0.1311 0.1423 0.1381 0.0175  -0.0129 -0.0078 387 GLU A CG  
523 C CD  . GLU A 80 ? 0.1366 0.1554 0.1507 0.0224  -0.0170 -0.0083 387 GLU A CD  
524 O OE1 . GLU A 80 ? 0.1508 0.1719 0.1624 0.0238  -0.0219 -0.0069 387 GLU A OE1 
525 O OE2 . GLU A 80 ? 0.1638 0.1869 0.1862 0.0253  -0.0153 -0.0103 387 GLU A OE2 
526 N N   . MET A 81 ? 0.1516 0.1301 0.1344 0.0242  -0.0171 0.0057  388 MET A N   
527 C CA  A MET A 81 ? 0.1652 0.1331 0.1378 0.0224  -0.0162 0.0106  388 MET A CA  
528 C CA  B MET A 81 ? 0.1628 0.1305 0.1355 0.0222  -0.0160 0.0106  388 MET A CA  
529 C C   . MET A 81 ? 0.1576 0.1294 0.1242 0.0171  -0.0145 0.0102  388 MET A C   
530 O O   . MET A 81 ? 0.1670 0.1453 0.1305 0.0177  -0.0177 0.0100  388 MET A O   
531 C CB  A MET A 81 ? 0.1857 0.1484 0.1533 0.0279  -0.0210 0.0162  388 MET A CB  
532 C CB  B MET A 81 ? 0.1841 0.1451 0.1513 0.0276  -0.0205 0.0165  388 MET A CB  
533 C CG  A MET A 81 ? 0.2150 0.1734 0.1902 0.0343  -0.0226 0.0160  388 MET A CG  
534 C CG  B MET A 81 ? 0.2045 0.1563 0.1767 0.0327  -0.0208 0.0174  388 MET A CG  
535 S SD  A MET A 81 ? 0.2651 0.2095 0.2413 0.0317  -0.0170 0.0148  388 MET A SD  
536 S SD  B MET A 81 ? 0.2730 0.2090 0.2425 0.0283  -0.0152 0.0181  388 MET A SD  
537 C CE  A MET A 81 ? 0.2712 0.2030 0.2343 0.0271  -0.0154 0.0222  388 MET A CE  
538 C CE  B MET A 81 ? 0.2821 0.2080 0.2582 0.0359  -0.0168 0.0178  388 MET A CE  
539 N N   . ASN A 82 ? 0.1429 0.1114 0.1086 0.0122  -0.0098 0.0093  389 ASN A N   
540 C CA  . ASN A 82 ? 0.1346 0.1066 0.0960 0.0077  -0.0072 0.0083  389 ASN A CA  
541 C C   . ASN A 82 ? 0.1545 0.1184 0.1092 0.0045  -0.0035 0.0123  389 ASN A C   
542 O O   . ASN A 82 ? 0.1455 0.1033 0.1036 0.0029  -0.0012 0.0127  389 ASN A O   
543 C CB  . ASN A 82 ? 0.1251 0.1030 0.0944 0.0051  -0.0046 0.0034  389 ASN A CB  
544 C CG  . ASN A 82 ? 0.1153 0.1017 0.0907 0.0066  -0.0070 -0.0001 389 ASN A CG  
545 O OD1 . ASN A 82 ? 0.1323 0.1234 0.1053 0.0071  -0.0095 -0.0009 389 ASN A OD1 
546 N ND2 . ASN A 82 ? 0.1050 0.0941 0.0879 0.0068  -0.0058 -0.0025 389 ASN A ND2 
547 N N   . PHE A 83 ? 0.1714 0.1350 0.1164 0.0031  -0.0027 0.0151  390 PHE A N   
548 C CA  . PHE A 83 ? 0.1942 0.1500 0.1324 -0.0005 0.0016  0.0198  390 PHE A CA  
549 C C   . PHE A 83 ? 0.2075 0.1514 0.1432 0.0015  0.0004  0.0255  390 PHE A C   
550 O O   . PHE A 83 ? 0.2407 0.1765 0.1752 -0.0024 0.0045  0.0286  390 PHE A O   
551 C CB  . PHE A 83 ? 0.1954 0.1531 0.1406 -0.0055 0.0071  0.0167  390 PHE A CB  
552 C CG  . PHE A 83 ? 0.2028 0.1704 0.1523 -0.0066 0.0083  0.0112  390 PHE A CG  
553 C CD1 . PHE A 83 ? 0.2237 0.1953 0.1669 -0.0084 0.0114  0.0105  390 PHE A CD1 
554 C CD2 . PHE A 83 ? 0.2029 0.1755 0.1623 -0.0056 0.0068  0.0066  390 PHE A CD2 
555 C CE1 . PHE A 83 ? 0.2380 0.2173 0.1860 -0.0089 0.0126  0.0050  390 PHE A CE1 
556 C CE2 . PHE A 83 ? 0.2324 0.2123 0.1960 -0.0062 0.0079  0.0023  390 PHE A CE2 
557 C CZ  . PHE A 83 ? 0.2393 0.2220 0.1976 -0.0076 0.0107  0.0013  390 PHE A CZ  
558 N N   . GLY A 84 ? 0.2033 0.1461 0.1395 0.0073  -0.0051 0.0267  391 GLY A N   
559 C CA  . GLY A 84 ? 0.2284 0.1590 0.1640 0.0107  -0.0068 0.0316  391 GLY A CA  
560 C C   . GLY A 84 ? 0.2168 0.1428 0.1631 0.0101  -0.0051 0.0277  391 GLY A C   
561 O O   . GLY A 84 ? 0.2395 0.1529 0.1854 0.0110  -0.0047 0.0310  391 GLY A O   
562 N N   . LYS A 85 ? 0.1907 0.1262 0.1454 0.0086  -0.0040 0.0207  392 LYS A N   
563 C CA  . LYS A 85 ? 0.1869 0.1198 0.1500 0.0075  -0.0025 0.0160  392 LYS A CA  
564 C C   . LYS A 85 ? 0.1698 0.1126 0.1403 0.0109  -0.0044 0.0103  392 LYS A C   
565 O O   . LYS A 85 ? 0.1621 0.1154 0.1335 0.0109  -0.0053 0.0086  392 LYS A O   
566 C CB  . LYS A 85 ? 0.1852 0.1205 0.1503 0.0006  0.0018  0.0137  392 LYS A CB  
567 C CG  . LYS A 85 ? 0.2076 0.1352 0.1674 -0.0045 0.0055  0.0186  392 LYS A CG  
568 C CD  . LYS A 85 ? 0.2615 0.1744 0.2220 -0.0053 0.0062  0.0209  392 LYS A CD  
569 C CE  . LYS A 85 ? 0.3240 0.2290 0.2790 -0.0110 0.0104  0.0269  392 LYS A CE  
570 N NZ  . LYS A 85 ? 0.3643 0.2526 0.3196 -0.0121 0.0111  0.0299  392 LYS A NZ  
571 N N   . LYS A 86 ? 0.1631 0.1024 0.1390 0.0130  -0.0044 0.0068  393 LYS A N   
572 C CA  . LYS A 86 ? 0.1645 0.1132 0.1469 0.0143  -0.0042 0.0012  393 LYS A CA  
573 C C   . LYS A 86 ? 0.1462 0.0970 0.1295 0.0086  -0.0014 -0.0020 393 LYS A C   
574 O O   . LYS A 86 ? 0.1388 0.0825 0.1225 0.0063  -0.0002 -0.0039 393 LYS A O   
575 C CB  . LYS A 86 ? 0.1848 0.1298 0.1718 0.0196  -0.0049 -0.0018 393 LYS A CB  
576 C CG  . LYS A 86 ? 0.2369 0.1883 0.2276 0.0262  -0.0081 -0.0009 393 LYS A CG  
577 C CD  . LYS A 86 ? 0.2869 0.2361 0.2839 0.0325  -0.0082 -0.0044 393 LYS A CD  
578 C CE  . LYS A 86 ? 0.3307 0.2839 0.3307 0.0307  -0.0045 -0.0111 393 LYS A CE  
579 N NZ  . LYS A 86 ? 0.3619 0.3104 0.3667 0.0367  -0.0036 -0.0153 393 LYS A NZ  
580 N N   . LEU A 87 ? 0.1150 0.0749 0.0988 0.0061  -0.0008 -0.0025 394 LEU A N   
581 C CA  . LEU A 87 ? 0.1080 0.0709 0.0930 0.0013  0.0012  -0.0045 394 LEU A CA  
582 C C   . LEU A 87 ? 0.1094 0.0745 0.0972 0.0016  0.0013  -0.0090 394 LEU A C   
583 O O   . LEU A 87 ? 0.1251 0.0939 0.1146 0.0050  0.0009  -0.0109 394 LEU A O   
584 C CB  . LEU A 87 ? 0.1066 0.0778 0.0919 -0.0003 0.0018  -0.0039 394 LEU A CB  
585 C CG  . LEU A 87 ? 0.1163 0.0863 0.0972 -0.0010 0.0021  -0.0005 394 LEU A CG  
586 C CD1 . LEU A 87 ? 0.1109 0.0890 0.0928 -0.0018 0.0026  -0.0016 394 LEU A CD1 
587 C CD2 . LEU A 87 ? 0.1378 0.1024 0.1164 -0.0050 0.0046  0.0017  394 LEU A CD2 
588 N N   . ILE A 88 ? 0.1006 0.0645 0.0891 -0.0023 0.0019  -0.0110 395 ILE A N   
589 C CA  . ILE A 88 ? 0.0970 0.0648 0.0864 -0.0028 0.0015  -0.0154 395 ILE A CA  
590 C C   . ILE A 88 ? 0.0863 0.0637 0.0767 -0.0036 0.0015  -0.0145 395 ILE A C   
591 O O   . ILE A 88 ? 0.1105 0.0906 0.1028 -0.0063 0.0016  -0.0129 395 ILE A O   
592 C CB  . ILE A 88 ? 0.0934 0.0566 0.0835 -0.0070 0.0011  -0.0183 395 ILE A CB  
593 C CG1 . ILE A 88 ? 0.1094 0.0602 0.0987 -0.0063 0.0014  -0.0189 395 ILE A CG1 
594 C CG2 . ILE A 88 ? 0.1207 0.0894 0.1096 -0.0073 -0.0002 -0.0230 395 ILE A CG2 
595 C CD1 . ILE A 88 ? 0.1272 0.0721 0.1184 -0.0120 0.0015  -0.0211 395 ILE A CD1 
596 N N   . LEU A 89 ? 0.0835 0.0658 0.0733 -0.0011 0.0017  -0.0152 396 LEU A N   
597 C CA  . LEU A 89 ? 0.0927 0.0822 0.0836 -0.0014 0.0019  -0.0134 396 LEU A CA  
598 C C   . LEU A 89 ? 0.0934 0.0868 0.0819 -0.0014 0.0017  -0.0151 396 LEU A C   
599 O O   . LEU A 89 ? 0.1100 0.1031 0.0959 0.0004  0.0026  -0.0176 396 LEU A O   
600 C CB  . LEU A 89 ? 0.0949 0.0869 0.0874 0.0006  0.0029  -0.0117 396 LEU A CB  
601 C CG  . LEU A 89 ? 0.0871 0.0760 0.0800 0.0009  0.0024  -0.0099 396 LEU A CG  
602 C CD1 . LEU A 89 ? 0.1138 0.1067 0.1088 0.0027  0.0023  -0.0094 396 LEU A CD1 
603 C CD2 . LEU A 89 ? 0.0955 0.0842 0.0886 -0.0018 0.0027  -0.0084 396 LEU A CD2 
604 N N   . GLU A 90 ? 0.0786 0.0759 0.0673 -0.0028 0.0005  -0.0137 397 GLU A N   
605 C CA  . GLU A 90 ? 0.0822 0.0833 0.0667 -0.0026 -0.0005 -0.0144 397 GLU A CA  
606 C C   . GLU A 90 ? 0.0766 0.0819 0.0625 -0.0026 -0.0016 -0.0104 397 GLU A C   
607 O O   . GLU A 90 ? 0.0738 0.0792 0.0650 -0.0031 -0.0017 -0.0087 397 GLU A O   
608 C CB  . GLU A 90 ? 0.0868 0.0870 0.0694 -0.0045 -0.0031 -0.0186 397 GLU A CB  
609 C CG  . GLU A 90 ? 0.0954 0.0998 0.0713 -0.0044 -0.0052 -0.0204 397 GLU A CG  
610 C CD  . GLU A 90 ? 0.1132 0.1180 0.0825 -0.0022 -0.0023 -0.0215 397 GLU A CD  
611 O OE1 . GLU A 90 ? 0.1181 0.1202 0.0832 -0.0020 -0.0019 -0.0270 397 GLU A OE1 
612 O OE2 . GLU A 90 ? 0.1231 0.1305 0.0916 -0.0009 -0.0001 -0.0172 397 GLU A OE2 
613 N N   . VAL A 91 ? 0.0802 0.0885 0.0610 -0.0017 -0.0019 -0.0089 398 VAL A N   
614 C CA  . VAL A 91 ? 0.0895 0.1007 0.0711 -0.0010 -0.0038 -0.0046 398 VAL A CA  
615 C C   . VAL A 91 ? 0.0929 0.1077 0.0764 -0.0018 -0.0082 -0.0061 398 VAL A C   
616 O O   . VAL A 91 ? 0.1129 0.1295 0.0916 -0.0027 -0.0106 -0.0097 398 VAL A O   
617 C CB  . VAL A 91 ? 0.0985 0.1113 0.0720 0.0001  -0.0030 -0.0016 398 VAL A CB  
618 C CG1 . VAL A 91 ? 0.1295 0.1438 0.1034 0.0015  -0.0054 0.0042  398 VAL A CG1 
619 C CG2 . VAL A 91 ? 0.1170 0.1282 0.0902 0.0000  0.0020  -0.0006 398 VAL A CG2 
620 N N   . SER A 92 ? 0.0847 0.1011 0.0761 -0.0016 -0.0092 -0.0044 399 SER A N   
621 C CA  . SER A 92 ? 0.0787 0.1007 0.0749 -0.0024 -0.0133 -0.0060 399 SER A CA  
622 C C   . SER A 92 ? 0.0964 0.1238 0.0893 -0.0001 -0.0179 -0.0029 399 SER A C   
623 O O   . SER A 92 ? 0.1242 0.1498 0.1143 0.0026  -0.0171 0.0022  399 SER A O   
624 C CB  . SER A 92 ? 0.0712 0.0944 0.0778 -0.0025 -0.0120 -0.0055 399 SER A CB  
625 O OG  . SER A 92 ? 0.0698 0.1002 0.0834 -0.0038 -0.0154 -0.0074 399 SER A OG  
626 N N   . SER A 93 ? 0.0972 0.1308 0.0910 -0.0013 -0.0228 -0.0059 400 SER A N   
627 C CA  . SER A 93 ? 0.1181 0.1588 0.1104 0.0015  -0.0288 -0.0028 400 SER A CA  
628 C C   . SER A 93 ? 0.1159 0.1639 0.1219 0.0028  -0.0318 -0.0019 400 SER A C   
629 O O   . SER A 93 ? 0.1424 0.1973 0.1496 0.0058  -0.0376 0.0010  400 SER A O   
630 C CB  . SER A 93 ? 0.1436 0.1889 0.1274 -0.0005 -0.0338 -0.0072 400 SER A CB  
631 O OG  . SER A 93 ? 0.1773 0.2259 0.1689 -0.0046 -0.0355 -0.0137 400 SER A OG  
632 N N   . SER A 94 ? 0.1023 0.1495 0.1186 0.0010  -0.0279 -0.0041 401 SER A N   
633 C CA  . SER A 94 ? 0.1068 0.1621 0.1375 0.0021  -0.0293 -0.0041 401 SER A CA  
634 C C   . SER A 94 ? 0.1118 0.1650 0.1473 0.0074  -0.0274 0.0009  401 SER A C   
635 O O   . SER A 94 ? 0.1220 0.1660 0.1531 0.0081  -0.0226 0.0029  401 SER A O   
636 C CB  . SER A 94 ? 0.1018 0.1572 0.1405 -0.0026 -0.0250 -0.0087 401 SER A CB  
637 O OG  . SER A 94 ? 0.1318 0.1971 0.1853 -0.0020 -0.0256 -0.0093 401 SER A OG  
638 N N   . ASN A 95 ? 0.1335 0.1957 0.1793 0.0111  -0.0316 0.0025  402 ASN A N   
639 C CA  . ASN A 95 ? 0.1603 0.2211 0.2143 0.0167  -0.0298 0.0061  402 ASN A CA  
640 C C   . ASN A 95 ? 0.1542 0.2240 0.2249 0.0169  -0.0280 0.0025  402 ASN A C   
641 O O   . ASN A 95 ? 0.1695 0.2410 0.2501 0.0222  -0.0272 0.0043  402 ASN A O   
642 C CB  . ASN A 95 ? 0.1836 0.2463 0.2358 0.0228  -0.0363 0.0124  402 ASN A CB  
643 C CG  . ASN A 95 ? 0.2438 0.2996 0.2786 0.0222  -0.0380 0.0164  402 ASN A CG  
644 O OD1 . ASN A 95 ? 0.3029 0.3648 0.3311 0.0221  -0.0443 0.0168  402 ASN A OD1 
645 N ND2 . ASN A 95 ? 0.2938 0.3377 0.3212 0.0216  -0.0323 0.0188  402 ASN A ND2 
646 N N   . ALA A 96 ? 0.1405 0.2163 0.2153 0.0111  -0.0269 -0.0027 403 ALA A N   
647 C CA  . ALA A 96 ? 0.1475 0.2341 0.2387 0.0100  -0.0246 -0.0063 403 ALA A CA  
648 C C   . ALA A 96 ? 0.1548 0.2354 0.2482 0.0093  -0.0157 -0.0078 403 ALA A C   
649 O O   . ALA A 96 ? 0.1774 0.2665 0.2843 0.0098  -0.0122 -0.0103 403 ALA A O   
650 C CB  . ALA A 96 ? 0.1442 0.2385 0.2387 0.0031  -0.0266 -0.0108 403 ALA A CB  
651 N N   . ARG A 97 ? 0.1614 0.2298 0.2434 0.0081  -0.0116 -0.0070 404 ARG A N   
# 
